data_1FUT
# 
_entry.id   1FUT 
# 
_audit_conform.dict_name       mmcif_pdbx.dic 
_audit_conform.dict_version    5.397 
_audit_conform.dict_location   http://mmcif.pdb.org/dictionaries/ascii/mmcif_pdbx.dic 
# 
loop_
_database_2.database_id 
_database_2.database_code 
_database_2.pdbx_database_accession 
_database_2.pdbx_DOI 
PDB   1FUT         pdb_00001fut 10.2210/pdb1fut/pdb 
WWPDB D_1000173431 ?            ?                   
# 
loop_
_pdbx_audit_revision_history.ordinal 
_pdbx_audit_revision_history.data_content_type 
_pdbx_audit_revision_history.major_revision 
_pdbx_audit_revision_history.minor_revision 
_pdbx_audit_revision_history.revision_date 
1 'Structure model' 1 0 1993-10-31 
2 'Structure model' 1 1 2008-03-24 
3 'Structure model' 1 2 2011-07-13 
4 'Structure model' 1 3 2017-11-29 
5 'Structure model' 2 0 2019-12-25 
6 'Structure model' 2 1 2024-10-09 
# 
_pdbx_audit_revision_details.ordinal             1 
_pdbx_audit_revision_details.revision_ordinal    1 
_pdbx_audit_revision_details.data_content_type   'Structure model' 
_pdbx_audit_revision_details.provider            repository 
_pdbx_audit_revision_details.type                'Initial release' 
_pdbx_audit_revision_details.description         ? 
_pdbx_audit_revision_details.details             ? 
# 
loop_
_pdbx_audit_revision_group.ordinal 
_pdbx_audit_revision_group.revision_ordinal 
_pdbx_audit_revision_group.data_content_type 
_pdbx_audit_revision_group.group 
1  2 'Structure model' 'Version format compliance' 
2  3 'Structure model' 'Version format compliance' 
3  4 'Structure model' 'Derived calculations'      
4  4 'Structure model' Other                       
5  5 'Structure model' 'Database references'       
6  5 'Structure model' 'Derived calculations'      
7  5 'Structure model' 'Polymer sequence'          
8  6 'Structure model' 'Data collection'           
9  6 'Structure model' 'Database references'       
10 6 'Structure model' 'Derived calculations'      
11 6 'Structure model' 'Structure summary'         
# 
loop_
_pdbx_audit_revision_category.ordinal 
_pdbx_audit_revision_category.revision_ordinal 
_pdbx_audit_revision_category.data_content_type 
_pdbx_audit_revision_category.category 
1  4 'Structure model' pdbx_database_status      
2  4 'Structure model' struct_conf               
3  4 'Structure model' struct_conf_type          
4  5 'Structure model' entity_poly               
5  5 'Structure model' pdbx_struct_mod_residue   
6  5 'Structure model' struct_conn               
7  5 'Structure model' struct_ref_seq_dif        
8  6 'Structure model' chem_comp_atom            
9  6 'Structure model' chem_comp_bond            
10 6 'Structure model' database_2                
11 6 'Structure model' pdbx_entry_details        
12 6 'Structure model' pdbx_modification_feature 
13 6 'Structure model' struct_site               
# 
loop_
_pdbx_audit_revision_item.ordinal 
_pdbx_audit_revision_item.revision_ordinal 
_pdbx_audit_revision_item.data_content_type 
_pdbx_audit_revision_item.item 
1  4 'Structure model' '_pdbx_database_status.process_site'           
2  5 'Structure model' '_entity_poly.pdbx_seq_one_letter_code_can'    
3  5 'Structure model' '_pdbx_struct_mod_residue.parent_comp_id'      
4  5 'Structure model' '_struct_conn.pdbx_leaving_atom_flag'          
5  5 'Structure model' '_struct_ref_seq_dif.details'                  
6  6 'Structure model' '_database_2.pdbx_DOI'                         
7  6 'Structure model' '_database_2.pdbx_database_accession'          
8  6 'Structure model' '_pdbx_entry_details.has_protein_modification' 
9  6 'Structure model' '_struct_site.pdbx_auth_asym_id'               
10 6 'Structure model' '_struct_site.pdbx_auth_comp_id'               
11 6 'Structure model' '_struct_site.pdbx_auth_seq_id'                
# 
_pdbx_database_status.status_code                     REL 
_pdbx_database_status.entry_id                        1FUT 
_pdbx_database_status.recvd_initial_deposition_date   1993-01-18 
_pdbx_database_status.deposit_site                    ? 
_pdbx_database_status.process_site                    BNL 
_pdbx_database_status.SG_entry                        . 
_pdbx_database_status.pdb_format_compatible           Y 
_pdbx_database_status.status_code_mr                  ? 
_pdbx_database_status.status_code_sf                  ? 
_pdbx_database_status.status_code_cs                  ? 
_pdbx_database_status.methods_development_category    ? 
_pdbx_database_status.status_code_nmr_data            ? 
# 
loop_
_audit_author.name 
_audit_author.pdbx_ordinal 
'Katayanagi, K.'  1 
'Vassylyev, D.G.' 2 
'Ishikawa, K.'    3 
'Morikawa, K.'    4 
# 
_citation.id                        primary 
_citation.title                     
;Crystal structures of ribonuclease F1 of Fusarium moniliforme in its free form and in complex with 2'GMP.
;
_citation.journal_abbrev            J.Mol.Biol. 
_citation.journal_volume            230 
_citation.page_first                979 
_citation.page_last                 996 
_citation.year                      1993 
_citation.journal_id_ASTM           JMOBAK 
_citation.country                   UK 
_citation.journal_id_ISSN           0022-2836 
_citation.journal_id_CSD            0070 
_citation.book_publisher            ? 
_citation.pdbx_database_id_PubMed   8386773 
_citation.pdbx_database_id_DOI      10.1006/jmbi.1993.1214 
# 
loop_
_citation_author.citation_id 
_citation_author.name 
_citation_author.ordinal 
_citation_author.identifier_ORCID 
primary 'Vassylyev, D.G.'      1  ? 
primary 'Katayanagi, K.'       2  ? 
primary 'Ishikawa, K.'         3  ? 
primary 'Tsujimoto-Hirano, M.' 4  ? 
primary 'Danno, M.'            5  ? 
primary 'Pahler, A.'           6  ? 
primary 'Matsumoto, O.'        7  ? 
primary 'Matsushima, M.'       8  ? 
primary 'Yoshida, H.'          9  ? 
primary 'Morikawa, K.'         10 ? 
# 
loop_
_entity.id 
_entity.type 
_entity.src_method 
_entity.pdbx_description 
_entity.formula_weight 
_entity.pdbx_number_of_molecules 
_entity.pdbx_ec 
_entity.pdbx_mutation 
_entity.pdbx_fragment 
_entity.details 
1 polymer     man 'RIBONUCLEASE F1'            10989.544 1  3.1.27.3 ? ? ? 
2 non-polymer syn "GUANOSINE-2'-MONOPHOSPHATE" 363.221   1  ?        ? ? ? 
3 water       nat water                        18.015    46 ?        ? ? ? 
# 
_entity_poly.entity_id                      1 
_entity_poly.type                           'polypeptide(L)' 
_entity_poly.nstd_linkage                   no 
_entity_poly.nstd_monomer                   yes 
_entity_poly.pdbx_seq_one_letter_code       
;(PCA)SATTCGSTNYSASQVRAAANAACQYYQNDDTAGSSTYPHTYNNYEGFDFPVDGPYQEFPIKSGGVYTGGSPGADR
VVINTNCEYAGAITHTGASGNNFVGCSGTN
;
_entity_poly.pdbx_seq_one_letter_code_can   
;QSATTCGSTNYSASQVRAAANAACQYYQNDDTAGSSTYPHTYNNYEGFDFPVDGPYQEFPIKSGGVYTGGSPGADRVVIN
TNCEYAGAITHTGASGNNFVGCSGTN
;
_entity_poly.pdbx_strand_id                 A 
_entity_poly.pdbx_target_identifier         ? 
# 
loop_
_pdbx_entity_nonpoly.entity_id 
_pdbx_entity_nonpoly.name 
_pdbx_entity_nonpoly.comp_id 
2 "GUANOSINE-2'-MONOPHOSPHATE" 2GP 
3 water                        HOH 
# 
loop_
_entity_poly_seq.entity_id 
_entity_poly_seq.num 
_entity_poly_seq.mon_id 
_entity_poly_seq.hetero 
1 1   PCA n 
1 2   SER n 
1 3   ALA n 
1 4   THR n 
1 5   THR n 
1 6   CYS n 
1 7   GLY n 
1 8   SER n 
1 9   THR n 
1 10  ASN n 
1 11  TYR n 
1 12  SER n 
1 13  ALA n 
1 14  SER n 
1 15  GLN n 
1 16  VAL n 
1 17  ARG n 
1 18  ALA n 
1 19  ALA n 
1 20  ALA n 
1 21  ASN n 
1 22  ALA n 
1 23  ALA n 
1 24  CYS n 
1 25  GLN n 
1 26  TYR n 
1 27  TYR n 
1 28  GLN n 
1 29  ASN n 
1 30  ASP n 
1 31  ASP n 
1 32  THR n 
1 33  ALA n 
1 34  GLY n 
1 35  SER n 
1 36  SER n 
1 37  THR n 
1 38  TYR n 
1 39  PRO n 
1 40  HIS n 
1 41  THR n 
1 42  TYR n 
1 43  ASN n 
1 44  ASN n 
1 45  TYR n 
1 46  GLU n 
1 47  GLY n 
1 48  PHE n 
1 49  ASP n 
1 50  PHE n 
1 51  PRO n 
1 52  VAL n 
1 53  ASP n 
1 54  GLY n 
1 55  PRO n 
1 56  TYR n 
1 57  GLN n 
1 58  GLU n 
1 59  PHE n 
1 60  PRO n 
1 61  ILE n 
1 62  LYS n 
1 63  SER n 
1 64  GLY n 
1 65  GLY n 
1 66  VAL n 
1 67  TYR n 
1 68  THR n 
1 69  GLY n 
1 70  GLY n 
1 71  SER n 
1 72  PRO n 
1 73  GLY n 
1 74  ALA n 
1 75  ASP n 
1 76  ARG n 
1 77  VAL n 
1 78  VAL n 
1 79  ILE n 
1 80  ASN n 
1 81  THR n 
1 82  ASN n 
1 83  CYS n 
1 84  GLU n 
1 85  TYR n 
1 86  ALA n 
1 87  GLY n 
1 88  ALA n 
1 89  ILE n 
1 90  THR n 
1 91  HIS n 
1 92  THR n 
1 93  GLY n 
1 94  ALA n 
1 95  SER n 
1 96  GLY n 
1 97  ASN n 
1 98  ASN n 
1 99  PHE n 
1 100 VAL n 
1 101 GLY n 
1 102 CYS n 
1 103 SER n 
1 104 GLY n 
1 105 THR n 
1 106 ASN n 
# 
_entity_src_gen.entity_id                          1 
_entity_src_gen.pdbx_src_id                        1 
_entity_src_gen.pdbx_alt_source_flag               sample 
_entity_src_gen.pdbx_seq_type                      ? 
_entity_src_gen.pdbx_beg_seq_num                   ? 
_entity_src_gen.pdbx_end_seq_num                   ? 
_entity_src_gen.gene_src_common_name               ? 
_entity_src_gen.gene_src_genus                     Gibberella 
_entity_src_gen.pdbx_gene_src_gene                 ? 
_entity_src_gen.gene_src_species                   ? 
_entity_src_gen.gene_src_strain                    ? 
_entity_src_gen.gene_src_tissue                    ? 
_entity_src_gen.gene_src_tissue_fraction           ? 
_entity_src_gen.gene_src_details                   ? 
_entity_src_gen.pdbx_gene_src_fragment             ? 
_entity_src_gen.pdbx_gene_src_scientific_name      'Gibberella fujikuroi' 
_entity_src_gen.pdbx_gene_src_ncbi_taxonomy_id     5127 
_entity_src_gen.pdbx_gene_src_variant              ? 
_entity_src_gen.pdbx_gene_src_cell_line            ? 
_entity_src_gen.pdbx_gene_src_atcc                 ? 
_entity_src_gen.pdbx_gene_src_organ                ? 
_entity_src_gen.pdbx_gene_src_organelle            ? 
_entity_src_gen.pdbx_gene_src_cell                 ? 
_entity_src_gen.pdbx_gene_src_cellular_location    ? 
_entity_src_gen.host_org_common_name               ? 
_entity_src_gen.pdbx_host_org_scientific_name      ? 
_entity_src_gen.pdbx_host_org_ncbi_taxonomy_id     ? 
_entity_src_gen.host_org_genus                     ? 
_entity_src_gen.pdbx_host_org_gene                 ? 
_entity_src_gen.pdbx_host_org_organ                ? 
_entity_src_gen.host_org_species                   ? 
_entity_src_gen.pdbx_host_org_tissue               ? 
_entity_src_gen.pdbx_host_org_tissue_fraction      ? 
_entity_src_gen.pdbx_host_org_strain               ? 
_entity_src_gen.pdbx_host_org_variant              ? 
_entity_src_gen.pdbx_host_org_cell_line            ? 
_entity_src_gen.pdbx_host_org_atcc                 ? 
_entity_src_gen.pdbx_host_org_culture_collection   ? 
_entity_src_gen.pdbx_host_org_cell                 ? 
_entity_src_gen.pdbx_host_org_organelle            ? 
_entity_src_gen.pdbx_host_org_cellular_location    ? 
_entity_src_gen.pdbx_host_org_vector_type          ? 
_entity_src_gen.pdbx_host_org_vector               ? 
_entity_src_gen.host_org_details                   ? 
_entity_src_gen.expression_system_id               ? 
_entity_src_gen.plasmid_name                       ? 
_entity_src_gen.plasmid_details                    ? 
_entity_src_gen.pdbx_description                   ? 
# 
loop_
_chem_comp.id 
_chem_comp.type 
_chem_comp.mon_nstd_flag 
_chem_comp.name 
_chem_comp.pdbx_synonyms 
_chem_comp.formula 
_chem_comp.formula_weight 
2GP non-polymer         . "GUANOSINE-2'-MONOPHOSPHATE" ? 'C10 H14 N5 O8 P' 363.221 
ALA 'L-peptide linking' y ALANINE                      ? 'C3 H7 N O2'      89.093  
ARG 'L-peptide linking' y ARGININE                     ? 'C6 H15 N4 O2 1'  175.209 
ASN 'L-peptide linking' y ASPARAGINE                   ? 'C4 H8 N2 O3'     132.118 
ASP 'L-peptide linking' y 'ASPARTIC ACID'              ? 'C4 H7 N O4'      133.103 
CYS 'L-peptide linking' y CYSTEINE                     ? 'C3 H7 N O2 S'    121.158 
GLN 'L-peptide linking' y GLUTAMINE                    ? 'C5 H10 N2 O3'    146.144 
GLU 'L-peptide linking' y 'GLUTAMIC ACID'              ? 'C5 H9 N O4'      147.129 
GLY 'peptide linking'   y GLYCINE                      ? 'C2 H5 N O2'      75.067  
HIS 'L-peptide linking' y HISTIDINE                    ? 'C6 H10 N3 O2 1'  156.162 
HOH non-polymer         . WATER                        ? 'H2 O'            18.015  
ILE 'L-peptide linking' y ISOLEUCINE                   ? 'C6 H13 N O2'     131.173 
LYS 'L-peptide linking' y LYSINE                       ? 'C6 H15 N2 O2 1'  147.195 
PCA 'L-peptide linking' n 'PYROGLUTAMIC ACID'          ? 'C5 H7 N O3'      129.114 
PHE 'L-peptide linking' y PHENYLALANINE                ? 'C9 H11 N O2'     165.189 
PRO 'L-peptide linking' y PROLINE                      ? 'C5 H9 N O2'      115.130 
SER 'L-peptide linking' y SERINE                       ? 'C3 H7 N O3'      105.093 
THR 'L-peptide linking' y THREONINE                    ? 'C4 H9 N O3'      119.119 
TYR 'L-peptide linking' y TYROSINE                     ? 'C9 H11 N O3'     181.189 
VAL 'L-peptide linking' y VALINE                       ? 'C5 H11 N O2'     117.146 
# 
loop_
_pdbx_poly_seq_scheme.asym_id 
_pdbx_poly_seq_scheme.entity_id 
_pdbx_poly_seq_scheme.seq_id 
_pdbx_poly_seq_scheme.mon_id 
_pdbx_poly_seq_scheme.ndb_seq_num 
_pdbx_poly_seq_scheme.pdb_seq_num 
_pdbx_poly_seq_scheme.auth_seq_num 
_pdbx_poly_seq_scheme.pdb_mon_id 
_pdbx_poly_seq_scheme.auth_mon_id 
_pdbx_poly_seq_scheme.pdb_strand_id 
_pdbx_poly_seq_scheme.pdb_ins_code 
_pdbx_poly_seq_scheme.hetero 
A 1 1   PCA 1   1   1   PCA PCA A . n 
A 1 2   SER 2   2   2   SER SER A . n 
A 1 3   ALA 3   3   3   ALA ALA A . n 
A 1 4   THR 4   4   4   THR THR A . n 
A 1 5   THR 5   5   5   THR THR A . n 
A 1 6   CYS 6   6   6   CYS CYS A . n 
A 1 7   GLY 7   7   7   GLY GLY A . n 
A 1 8   SER 8   8   8   SER SER A . n 
A 1 9   THR 9   9   9   THR THR A . n 
A 1 10  ASN 10  10  10  ASN ASN A . n 
A 1 11  TYR 11  11  11  TYR TYR A . n 
A 1 12  SER 12  12  12  SER SER A . n 
A 1 13  ALA 13  13  13  ALA ALA A . n 
A 1 14  SER 14  14  14  SER SER A . n 
A 1 15  GLN 15  15  15  GLN GLN A . n 
A 1 16  VAL 16  16  16  VAL VAL A . n 
A 1 17  ARG 17  17  17  ARG ARG A . n 
A 1 18  ALA 18  18  18  ALA ALA A . n 
A 1 19  ALA 19  19  19  ALA ALA A . n 
A 1 20  ALA 20  20  20  ALA ALA A . n 
A 1 21  ASN 21  21  21  ASN ASN A . n 
A 1 22  ALA 22  22  22  ALA ALA A . n 
A 1 23  ALA 23  23  23  ALA ALA A . n 
A 1 24  CYS 24  24  24  CYS CYS A . n 
A 1 25  GLN 25  25  25  GLN GLN A . n 
A 1 26  TYR 26  26  26  TYR TYR A . n 
A 1 27  TYR 27  27  27  TYR TYR A . n 
A 1 28  GLN 28  28  28  GLN GLN A . n 
A 1 29  ASN 29  29  29  ASN ASN A . n 
A 1 30  ASP 30  30  30  ASP ASP A . n 
A 1 31  ASP 31  31  31  ASP ASP A . n 
A 1 32  THR 32  32  32  THR THR A . n 
A 1 33  ALA 33  33  33  ALA ALA A . n 
A 1 34  GLY 34  34  34  GLY GLY A . n 
A 1 35  SER 35  35  35  SER SER A . n 
A 1 36  SER 36  36  36  SER SER A . n 
A 1 37  THR 37  37  37  THR THR A . n 
A 1 38  TYR 38  38  38  TYR TYR A . n 
A 1 39  PRO 39  39  39  PRO PRO A . n 
A 1 40  HIS 40  40  40  HIS HIS A . n 
A 1 41  THR 41  41  41  THR THR A . n 
A 1 42  TYR 42  42  42  TYR TYR A . n 
A 1 43  ASN 43  43  43  ASN ASN A . n 
A 1 44  ASN 44  44  44  ASN ASN A . n 
A 1 45  TYR 45  45  45  TYR TYR A . n 
A 1 46  GLU 46  46  46  GLU GLU A . n 
A 1 47  GLY 47  47  47  GLY GLY A . n 
A 1 48  PHE 48  48  48  PHE PHE A . n 
A 1 49  ASP 49  49  49  ASP ASP A . n 
A 1 50  PHE 50  50  50  PHE PHE A . n 
A 1 51  PRO 51  51  51  PRO PRO A . n 
A 1 52  VAL 52  52  52  VAL VAL A . n 
A 1 53  ASP 53  53  53  ASP ASP A . n 
A 1 54  GLY 54  54  54  GLY GLY A . n 
A 1 55  PRO 55  55  55  PRO PRO A . n 
A 1 56  TYR 56  56  56  TYR TYR A . n 
A 1 57  GLN 57  57  57  GLN GLN A . n 
A 1 58  GLU 58  58  58  GLU GLU A . n 
A 1 59  PHE 59  59  59  PHE PHE A . n 
A 1 60  PRO 60  60  60  PRO PRO A . n 
A 1 61  ILE 61  61  61  ILE ILE A . n 
A 1 62  LYS 62  62  62  LYS LYS A . n 
A 1 63  SER 63  63  63  SER SER A . n 
A 1 64  GLY 64  64  64  GLY GLY A . n 
A 1 65  GLY 65  65  65  GLY GLY A . n 
A 1 66  VAL 66  67  67  VAL VAL A . n 
A 1 67  TYR 67  68  68  TYR TYR A . n 
A 1 68  THR 68  69  69  THR THR A . n 
A 1 69  GLY 69  70  70  GLY GLY A . n 
A 1 70  GLY 70  71  71  GLY GLY A . n 
A 1 71  SER 71  72  72  SER SER A . n 
A 1 72  PRO 72  73  73  PRO PRO A . n 
A 1 73  GLY 73  74  74  GLY GLY A . n 
A 1 74  ALA 74  75  75  ALA ALA A . n 
A 1 75  ASP 75  76  76  ASP ASP A . n 
A 1 76  ARG 76  77  77  ARG ARG A . n 
A 1 77  VAL 77  78  78  VAL VAL A . n 
A 1 78  VAL 78  79  79  VAL VAL A . n 
A 1 79  ILE 79  80  80  ILE ILE A . n 
A 1 80  ASN 80  81  81  ASN ASN A . n 
A 1 81  THR 81  82  82  THR THR A . n 
A 1 82  ASN 82  83  83  ASN ASN A . n 
A 1 83  CYS 83  84  84  CYS CYS A . n 
A 1 84  GLU 84  85  85  GLU GLU A . n 
A 1 85  TYR 85  86  86  TYR TYR A . n 
A 1 86  ALA 86  87  87  ALA ALA A . n 
A 1 87  GLY 87  88  88  GLY GLY A . n 
A 1 88  ALA 88  89  89  ALA ALA A . n 
A 1 89  ILE 89  90  90  ILE ILE A . n 
A 1 90  THR 90  91  91  THR THR A . n 
A 1 91  HIS 91  92  92  HIS HIS A . n 
A 1 92  THR 92  93  93  THR THR A . n 
A 1 93  GLY 93  94  94  GLY GLY A . n 
A 1 94  ALA 94  95  95  ALA ALA A . n 
A 1 95  SER 95  96  96  SER SER A . n 
A 1 96  GLY 96  97  97  GLY GLY A . n 
A 1 97  ASN 97  98  98  ASN ASN A . n 
A 1 98  ASN 98  99  99  ASN ASN A . n 
A 1 99  PHE 99  100 100 PHE PHE A . n 
A 1 100 VAL 100 101 101 VAL VAL A . n 
A 1 101 GLY 101 102 102 GLY GLY A . n 
A 1 102 CYS 102 103 103 CYS CYS A . n 
A 1 103 SER 103 104 104 SER SER A . n 
A 1 104 GLY 104 105 105 GLY GLY A . n 
A 1 105 THR 105 106 106 THR THR A . n 
A 1 106 ASN 106 107 107 ASN ASN A . n 
# 
loop_
_pdbx_nonpoly_scheme.asym_id 
_pdbx_nonpoly_scheme.entity_id 
_pdbx_nonpoly_scheme.mon_id 
_pdbx_nonpoly_scheme.ndb_seq_num 
_pdbx_nonpoly_scheme.pdb_seq_num 
_pdbx_nonpoly_scheme.auth_seq_num 
_pdbx_nonpoly_scheme.pdb_mon_id 
_pdbx_nonpoly_scheme.auth_mon_id 
_pdbx_nonpoly_scheme.pdb_strand_id 
_pdbx_nonpoly_scheme.pdb_ins_code 
B 2 2GP 1  108 108 2GP 2GP A . 
C 3 HOH 1  109 109 HOH HOH A . 
C 3 HOH 2  110 110 HOH HOH A . 
C 3 HOH 3  111 111 HOH HOH A . 
C 3 HOH 4  112 112 HOH HOH A . 
C 3 HOH 5  113 113 HOH HOH A . 
C 3 HOH 6  114 114 HOH HOH A . 
C 3 HOH 7  115 115 HOH HOH A . 
C 3 HOH 8  116 116 HOH HOH A . 
C 3 HOH 9  117 117 HOH HOH A . 
C 3 HOH 10 118 118 HOH HOH A . 
C 3 HOH 11 119 119 HOH HOH A . 
C 3 HOH 12 120 120 HOH HOH A . 
C 3 HOH 13 121 121 HOH HOH A . 
C 3 HOH 14 122 122 HOH HOH A . 
C 3 HOH 15 123 123 HOH HOH A . 
C 3 HOH 16 124 124 HOH HOH A . 
C 3 HOH 17 125 125 HOH HOH A . 
C 3 HOH 18 126 126 HOH HOH A . 
C 3 HOH 19 127 127 HOH HOH A . 
C 3 HOH 20 128 128 HOH HOH A . 
C 3 HOH 21 129 129 HOH HOH A . 
C 3 HOH 22 130 130 HOH HOH A . 
C 3 HOH 23 131 131 HOH HOH A . 
C 3 HOH 24 132 132 HOH HOH A . 
C 3 HOH 25 133 133 HOH HOH A . 
C 3 HOH 26 134 134 HOH HOH A . 
C 3 HOH 27 135 135 HOH HOH A . 
C 3 HOH 28 136 136 HOH HOH A . 
C 3 HOH 29 137 137 HOH HOH A . 
C 3 HOH 30 138 138 HOH HOH A . 
C 3 HOH 31 139 139 HOH HOH A . 
C 3 HOH 32 140 140 HOH HOH A . 
C 3 HOH 33 141 141 HOH HOH A . 
C 3 HOH 34 142 142 HOH HOH A . 
C 3 HOH 35 143 143 HOH HOH A . 
C 3 HOH 36 144 144 HOH HOH A . 
C 3 HOH 37 145 145 HOH HOH A . 
C 3 HOH 38 146 146 HOH HOH A . 
C 3 HOH 39 147 147 HOH HOH A . 
C 3 HOH 40 148 148 HOH HOH A . 
C 3 HOH 41 149 149 HOH HOH A . 
C 3 HOH 42 150 150 HOH HOH A . 
C 3 HOH 43 151 151 HOH HOH A . 
C 3 HOH 44 152 152 HOH HOH A . 
C 3 HOH 45 153 153 HOH HOH A . 
C 3 HOH 46 154 154 HOH HOH A . 
# 
_software.name             PROLSQ 
_software.classification   refinement 
_software.version          . 
_software.citation_id      ? 
_software.pdbx_ordinal     1 
# 
_cell.entry_id           1FUT 
_cell.length_a           40.160 
_cell.length_b           40.160 
_cell.length_c           120.850 
_cell.angle_alpha        90.00 
_cell.angle_beta         90.00 
_cell.angle_gamma        120.00 
_cell.Z_PDB              6 
_cell.pdbx_unique_axis   ? 
# 
_symmetry.entry_id                         1FUT 
_symmetry.space_group_name_H-M             'P 61' 
_symmetry.pdbx_full_space_group_name_H-M   ? 
_symmetry.cell_setting                     ? 
_symmetry.Int_Tables_number                169 
# 
_exptl.entry_id          1FUT 
_exptl.method            'X-RAY DIFFRACTION' 
_exptl.crystals_number   ? 
# 
_exptl_crystal.id                    1 
_exptl_crystal.density_meas          ? 
_exptl_crystal.density_Matthews      2.56 
_exptl_crystal.density_percent_sol   51.93 
_exptl_crystal.description           ? 
# 
_diffrn.id                     1 
_diffrn.ambient_temp           ? 
_diffrn.ambient_temp_details   ? 
_diffrn.crystal_id             1 
# 
_diffrn_radiation.diffrn_id                        1 
_diffrn_radiation.wavelength_id                    1 
_diffrn_radiation.pdbx_monochromatic_or_laue_m_l   ? 
_diffrn_radiation.monochromator                    ? 
_diffrn_radiation.pdbx_diffrn_protocol             ? 
_diffrn_radiation.pdbx_scattering_type             x-ray 
# 
_diffrn_radiation_wavelength.id           1 
_diffrn_radiation_wavelength.wavelength   . 
_diffrn_radiation_wavelength.wt           1.0 
# 
_refine.entry_id                                 1FUT 
_refine.ls_number_reflns_obs                     ? 
_refine.ls_number_reflns_all                     ? 
_refine.pdbx_ls_sigma_I                          ? 
_refine.pdbx_ls_sigma_F                          1.0 
_refine.pdbx_data_cutoff_high_absF               ? 
_refine.pdbx_data_cutoff_low_absF                ? 
_refine.pdbx_data_cutoff_high_rms_absF           ? 
_refine.ls_d_res_low                             6.0 
_refine.ls_d_res_high                            2.0 
_refine.ls_percent_reflns_obs                    ? 
_refine.ls_R_factor_obs                          0.168 
_refine.ls_R_factor_all                          ? 
_refine.ls_R_factor_R_work                       ? 
_refine.ls_R_factor_R_free                       ? 
_refine.ls_R_factor_R_free_error                 ? 
_refine.ls_R_factor_R_free_error_details         ? 
_refine.ls_percent_reflns_R_free                 ? 
_refine.ls_number_reflns_R_free                  ? 
_refine.ls_number_parameters                     ? 
_refine.ls_number_restraints                     ? 
_refine.occupancy_min                            ? 
_refine.occupancy_max                            ? 
_refine.B_iso_mean                               ? 
_refine.aniso_B[1][1]                            ? 
_refine.aniso_B[2][2]                            ? 
_refine.aniso_B[3][3]                            ? 
_refine.aniso_B[1][2]                            ? 
_refine.aniso_B[1][3]                            ? 
_refine.aniso_B[2][3]                            ? 
_refine.solvent_model_details                    ? 
_refine.solvent_model_param_ksol                 ? 
_refine.solvent_model_param_bsol                 ? 
_refine.pdbx_ls_cross_valid_method               ? 
_refine.details                                  ? 
_refine.pdbx_starting_model                      ? 
_refine.pdbx_method_to_determine_struct          ? 
_refine.pdbx_isotropic_thermal_model             ? 
_refine.pdbx_stereochemistry_target_values       ? 
_refine.pdbx_stereochem_target_val_spec_case     ? 
_refine.pdbx_R_Free_selection_details            ? 
_refine.pdbx_overall_ESU_R                       ? 
_refine.pdbx_overall_ESU_R_Free                  ? 
_refine.overall_SU_ML                            ? 
_refine.overall_SU_B                             ? 
_refine.pdbx_refine_id                           'X-RAY DIFFRACTION' 
_refine.pdbx_diffrn_id                           1 
_refine.pdbx_TLS_residual_ADP_flag               ? 
_refine.correlation_coeff_Fo_to_Fc               ? 
_refine.correlation_coeff_Fo_to_Fc_free          ? 
_refine.pdbx_solvent_vdw_probe_radii             ? 
_refine.pdbx_solvent_ion_probe_radii             ? 
_refine.pdbx_solvent_shrinkage_radii             ? 
_refine.pdbx_overall_phase_error                 ? 
_refine.overall_SU_R_Cruickshank_DPI             ? 
_refine.pdbx_overall_SU_R_free_Cruickshank_DPI   ? 
_refine.pdbx_overall_SU_R_Blow_DPI               ? 
_refine.pdbx_overall_SU_R_free_Blow_DPI          ? 
# 
_refine_hist.pdbx_refine_id                   'X-RAY DIFFRACTION' 
_refine_hist.cycle_id                         LAST 
_refine_hist.pdbx_number_atoms_protein        773 
_refine_hist.pdbx_number_atoms_nucleic_acid   0 
_refine_hist.pdbx_number_atoms_ligand         24 
_refine_hist.number_atoms_solvent             46 
_refine_hist.number_atoms_total               843 
_refine_hist.d_res_high                       2.0 
_refine_hist.d_res_low                        6.0 
# 
loop_
_refine_ls_restr.type 
_refine_ls_restr.dev_ideal 
_refine_ls_restr.dev_ideal_target 
_refine_ls_restr.weight 
_refine_ls_restr.number 
_refine_ls_restr.pdbx_refine_id 
_refine_ls_restr.pdbx_restraint_function 
p_bond_d            0.018 0.020 ? ? 'X-RAY DIFFRACTION' ? 
p_angle_d           0.039 0.030 ? ? 'X-RAY DIFFRACTION' ? 
p_angle_deg         ?     ?     ? ? 'X-RAY DIFFRACTION' ? 
p_planar_d          0.040 0.050 ? ? 'X-RAY DIFFRACTION' ? 
p_hb_or_metal_coord ?     ?     ? ? 'X-RAY DIFFRACTION' ? 
p_mcbond_it         0.846 1.500 ? ? 'X-RAY DIFFRACTION' ? 
p_mcangle_it        1.404 2.000 ? ? 'X-RAY DIFFRACTION' ? 
p_scbond_it         1.739 2.000 ? ? 'X-RAY DIFFRACTION' ? 
p_scangle_it        2.726 2.500 ? ? 'X-RAY DIFFRACTION' ? 
p_plane_restr       0.014 0.020 ? ? 'X-RAY DIFFRACTION' ? 
p_chiral_restr      0.156 0.150 ? ? 'X-RAY DIFFRACTION' ? 
p_singtor_nbd       0.160 0.300 ? ? 'X-RAY DIFFRACTION' ? 
p_multtor_nbd       0.196 0.300 ? ? 'X-RAY DIFFRACTION' ? 
p_xhyhbond_nbd      0.214 0.300 ? ? 'X-RAY DIFFRACTION' ? 
p_xyhbond_nbd       ?     ?     ? ? 'X-RAY DIFFRACTION' ? 
p_planar_tor        2.3   2.0   ? ? 'X-RAY DIFFRACTION' ? 
p_staggered_tor     15.7  15.0  ? ? 'X-RAY DIFFRACTION' ? 
p_orthonormal_tor   21.8  20.0  ? ? 'X-RAY DIFFRACTION' ? 
p_transverse_tor    ?     ?     ? ? 'X-RAY DIFFRACTION' ? 
p_special_tor       ?     ?     ? ? 'X-RAY DIFFRACTION' ? 
# 
_struct.entry_id                  1FUT 
_struct.title                     
;CRYSTAL STRUCTURES OF RIBONUCLEASE F1 OF FUSARIUM MONILIFORME IN ITS FREE FORM AND IN COMPLEX WITH 2'GMP
;
_struct.pdbx_model_details        ? 
_struct.pdbx_CASP_flag            ? 
_struct.pdbx_model_type_details   ? 
# 
_struct_keywords.entry_id        1FUT 
_struct_keywords.pdbx_keywords   'HYDROLASE(ENDORIBONUCLEASE)' 
_struct_keywords.text            'HYDROLASE(ENDORIBONUCLEASE)' 
# 
loop_
_struct_asym.id 
_struct_asym.pdbx_blank_PDB_chainid_flag 
_struct_asym.pdbx_modified 
_struct_asym.entity_id 
_struct_asym.details 
A N N 1 ? 
B N N 2 ? 
C N N 3 ? 
# 
_struct_ref.id                         1 
_struct_ref.db_name                    UNP 
_struct_ref.db_code                    RNF1_GIBFU 
_struct_ref.entity_id                  1 
_struct_ref.pdbx_db_accession          P10282 
_struct_ref.pdbx_align_begin           1 
_struct_ref.pdbx_seq_one_letter_code   
;QSATTCGSTNYSASQVRAAANAACQYYQNDDSAGSTTYPHTYNNYEGFDFPVDGPYQEFPIKSGGVYTGGSPGADRVVIN
TNCEYAGAITHTGASGNNFVGCSGTN
;
_struct_ref.pdbx_db_isoform            ? 
# 
_struct_ref_seq.align_id                      1 
_struct_ref_seq.ref_id                        1 
_struct_ref_seq.pdbx_PDB_id_code              1FUT 
_struct_ref_seq.pdbx_strand_id                A 
_struct_ref_seq.seq_align_beg                 2 
_struct_ref_seq.pdbx_seq_align_beg_ins_code   ? 
_struct_ref_seq.seq_align_end                 106 
_struct_ref_seq.pdbx_seq_align_end_ins_code   ? 
_struct_ref_seq.pdbx_db_accession             P10282 
_struct_ref_seq.db_align_beg                  2 
_struct_ref_seq.pdbx_db_align_beg_ins_code    ? 
_struct_ref_seq.db_align_end                  106 
_struct_ref_seq.pdbx_db_align_end_ins_code    ? 
_struct_ref_seq.pdbx_auth_seq_align_beg       2 
_struct_ref_seq.pdbx_auth_seq_align_end       107 
# 
loop_
_struct_ref_seq_dif.align_id 
_struct_ref_seq_dif.pdbx_pdb_id_code 
_struct_ref_seq_dif.mon_id 
_struct_ref_seq_dif.pdbx_pdb_strand_id 
_struct_ref_seq_dif.seq_num 
_struct_ref_seq_dif.pdbx_pdb_ins_code 
_struct_ref_seq_dif.pdbx_seq_db_name 
_struct_ref_seq_dif.pdbx_seq_db_accession_code 
_struct_ref_seq_dif.db_mon_id 
_struct_ref_seq_dif.pdbx_seq_db_seq_num 
_struct_ref_seq_dif.details 
_struct_ref_seq_dif.pdbx_auth_seq_num 
_struct_ref_seq_dif.pdbx_ordinal 
1 1FUT THR A 32 ? UNP P10282 SER 32 conflict 32 1 
1 1FUT SER A 36 ? UNP P10282 THR 36 conflict 36 2 
# 
_pdbx_struct_assembly.id                   1 
_pdbx_struct_assembly.details              author_defined_assembly 
_pdbx_struct_assembly.method_details       ? 
_pdbx_struct_assembly.oligomeric_details   monomeric 
_pdbx_struct_assembly.oligomeric_count     1 
# 
_pdbx_struct_assembly_gen.assembly_id       1 
_pdbx_struct_assembly_gen.oper_expression   1 
_pdbx_struct_assembly_gen.asym_id_list      A,B,C 
# 
_pdbx_struct_oper_list.id                   1 
_pdbx_struct_oper_list.type                 'identity operation' 
_pdbx_struct_oper_list.name                 1_555 
_pdbx_struct_oper_list.symmetry_operation   x,y,z 
_pdbx_struct_oper_list.matrix[1][1]         1.0000000000 
_pdbx_struct_oper_list.matrix[1][2]         0.0000000000 
_pdbx_struct_oper_list.matrix[1][3]         0.0000000000 
_pdbx_struct_oper_list.vector[1]            0.0000000000 
_pdbx_struct_oper_list.matrix[2][1]         0.0000000000 
_pdbx_struct_oper_list.matrix[2][2]         1.0000000000 
_pdbx_struct_oper_list.matrix[2][3]         0.0000000000 
_pdbx_struct_oper_list.vector[2]            0.0000000000 
_pdbx_struct_oper_list.matrix[3][1]         0.0000000000 
_pdbx_struct_oper_list.matrix[3][2]         0.0000000000 
_pdbx_struct_oper_list.matrix[3][3]         1.0000000000 
_pdbx_struct_oper_list.vector[3]            0.0000000000 
# 
_struct_biol.id   1 
# 
_struct_conf.conf_type_id            HELX_P 
_struct_conf.id                      HELX_P1 
_struct_conf.pdbx_PDB_helix_id       1 
_struct_conf.beg_label_comp_id       ALA 
_struct_conf.beg_label_asym_id       A 
_struct_conf.beg_label_seq_id        13 
_struct_conf.pdbx_beg_PDB_ins_code   ? 
_struct_conf.end_label_comp_id       GLN 
_struct_conf.end_label_asym_id       A 
_struct_conf.end_label_seq_id        28 
_struct_conf.pdbx_end_PDB_ins_code   ? 
_struct_conf.beg_auth_comp_id        ALA 
_struct_conf.beg_auth_asym_id        A 
_struct_conf.beg_auth_seq_id         13 
_struct_conf.end_auth_comp_id        GLN 
_struct_conf.end_auth_asym_id        A 
_struct_conf.end_auth_seq_id         28 
_struct_conf.pdbx_PDB_helix_class    1 
_struct_conf.details                 ? 
_struct_conf.pdbx_PDB_helix_length   16 
# 
_struct_conf_type.id          HELX_P 
_struct_conf_type.criteria    ? 
_struct_conf_type.reference   ? 
# 
loop_
_struct_conn.id 
_struct_conn.conn_type_id 
_struct_conn.pdbx_leaving_atom_flag 
_struct_conn.pdbx_PDB_id 
_struct_conn.ptnr1_label_asym_id 
_struct_conn.ptnr1_label_comp_id 
_struct_conn.ptnr1_label_seq_id 
_struct_conn.ptnr1_label_atom_id 
_struct_conn.pdbx_ptnr1_label_alt_id 
_struct_conn.pdbx_ptnr1_PDB_ins_code 
_struct_conn.pdbx_ptnr1_standard_comp_id 
_struct_conn.ptnr1_symmetry 
_struct_conn.ptnr2_label_asym_id 
_struct_conn.ptnr2_label_comp_id 
_struct_conn.ptnr2_label_seq_id 
_struct_conn.ptnr2_label_atom_id 
_struct_conn.pdbx_ptnr2_label_alt_id 
_struct_conn.pdbx_ptnr2_PDB_ins_code 
_struct_conn.ptnr1_auth_asym_id 
_struct_conn.ptnr1_auth_comp_id 
_struct_conn.ptnr1_auth_seq_id 
_struct_conn.ptnr2_auth_asym_id 
_struct_conn.ptnr2_auth_comp_id 
_struct_conn.ptnr2_auth_seq_id 
_struct_conn.ptnr2_symmetry 
_struct_conn.pdbx_ptnr3_label_atom_id 
_struct_conn.pdbx_ptnr3_label_seq_id 
_struct_conn.pdbx_ptnr3_label_comp_id 
_struct_conn.pdbx_ptnr3_label_asym_id 
_struct_conn.pdbx_ptnr3_label_alt_id 
_struct_conn.pdbx_ptnr3_PDB_ins_code 
_struct_conn.details 
_struct_conn.pdbx_dist_value 
_struct_conn.pdbx_value_order 
_struct_conn.pdbx_role 
disulf1 disulf ?    ? A CYS 6  SG ? ? ? 1_555 A CYS 102 SG ? ? A CYS 6  A CYS 103 1_555 ? ? ? ? ? ? ? 2.035 ? ? 
disulf2 disulf ?    ? A CYS 24 SG ? ? ? 1_555 A CYS 83  SG ? ? A CYS 24 A CYS 84  1_555 ? ? ? ? ? ? ? 2.001 ? ? 
covale1 covale both ? A PCA 1  C  ? ? ? 1_555 A SER 2   N  ? ? A PCA 1  A SER 2   1_555 ? ? ? ? ? ? ? 1.311 ? ? 
# 
loop_
_struct_conn_type.id 
_struct_conn_type.criteria 
_struct_conn_type.reference 
disulf ? ? 
covale ? ? 
# 
loop_
_pdbx_modification_feature.ordinal 
_pdbx_modification_feature.label_comp_id 
_pdbx_modification_feature.label_asym_id 
_pdbx_modification_feature.label_seq_id 
_pdbx_modification_feature.label_alt_id 
_pdbx_modification_feature.modified_residue_label_comp_id 
_pdbx_modification_feature.modified_residue_label_asym_id 
_pdbx_modification_feature.modified_residue_label_seq_id 
_pdbx_modification_feature.modified_residue_label_alt_id 
_pdbx_modification_feature.auth_comp_id 
_pdbx_modification_feature.auth_asym_id 
_pdbx_modification_feature.auth_seq_id 
_pdbx_modification_feature.PDB_ins_code 
_pdbx_modification_feature.symmetry 
_pdbx_modification_feature.modified_residue_auth_comp_id 
_pdbx_modification_feature.modified_residue_auth_asym_id 
_pdbx_modification_feature.modified_residue_auth_seq_id 
_pdbx_modification_feature.modified_residue_PDB_ins_code 
_pdbx_modification_feature.modified_residue_symmetry 
_pdbx_modification_feature.comp_id_linking_atom 
_pdbx_modification_feature.modified_residue_id_linking_atom 
_pdbx_modification_feature.modified_residue_id 
_pdbx_modification_feature.ref_pcm_id 
_pdbx_modification_feature.ref_comp_id 
_pdbx_modification_feature.type 
_pdbx_modification_feature.category 
1 PCA A 1  ? .   . .   . PCA A 1  ? 1_555 .   . .   . .     .  .  GLN 1 PCA 'Pyrrolidone carboxylic acid' 
'Named protein modification' 
2 CYS A 6  ? CYS A 102 ? CYS A 6  ? 1_555 CYS A 103 ? 1_555 SG SG .   . .   None                          'Disulfide bridge' 
3 CYS A 24 ? CYS A 83  ? CYS A 24 ? 1_555 CYS A 84  ? 1_555 SG SG .   . .   None                          'Disulfide bridge' 
# 
loop_
_struct_mon_prot_cis.pdbx_id 
_struct_mon_prot_cis.label_comp_id 
_struct_mon_prot_cis.label_seq_id 
_struct_mon_prot_cis.label_asym_id 
_struct_mon_prot_cis.label_alt_id 
_struct_mon_prot_cis.pdbx_PDB_ins_code 
_struct_mon_prot_cis.auth_comp_id 
_struct_mon_prot_cis.auth_seq_id 
_struct_mon_prot_cis.auth_asym_id 
_struct_mon_prot_cis.pdbx_label_comp_id_2 
_struct_mon_prot_cis.pdbx_label_seq_id_2 
_struct_mon_prot_cis.pdbx_label_asym_id_2 
_struct_mon_prot_cis.pdbx_PDB_ins_code_2 
_struct_mon_prot_cis.pdbx_auth_comp_id_2 
_struct_mon_prot_cis.pdbx_auth_seq_id_2 
_struct_mon_prot_cis.pdbx_auth_asym_id_2 
_struct_mon_prot_cis.pdbx_PDB_model_num 
_struct_mon_prot_cis.pdbx_omega_angle 
1 TYR 38 A . ? TYR 38 A PRO 39 A ? PRO 39 A 1 -0.64 
2 GLY 54 A . ? GLY 54 A PRO 55 A ? PRO 55 A 1 -0.37 
# 
loop_
_struct_sheet.id 
_struct_sheet.type 
_struct_sheet.number_strands 
_struct_sheet.details 
S1 ? 2 ? 
S2 ? 5 ? 
# 
loop_
_struct_sheet_order.sheet_id 
_struct_sheet_order.range_id_1 
_struct_sheet_order.range_id_2 
_struct_sheet_order.offset 
_struct_sheet_order.sense 
S1 1 2 ? anti-parallel 
S2 1 2 ? anti-parallel 
S2 2 3 ? anti-parallel 
S2 3 4 ? anti-parallel 
S2 4 5 ? anti-parallel 
# 
loop_
_struct_sheet_range.sheet_id 
_struct_sheet_range.id 
_struct_sheet_range.beg_label_comp_id 
_struct_sheet_range.beg_label_asym_id 
_struct_sheet_range.beg_label_seq_id 
_struct_sheet_range.pdbx_beg_PDB_ins_code 
_struct_sheet_range.end_label_comp_id 
_struct_sheet_range.end_label_asym_id 
_struct_sheet_range.end_label_seq_id 
_struct_sheet_range.pdbx_end_PDB_ins_code 
_struct_sheet_range.beg_auth_comp_id 
_struct_sheet_range.beg_auth_asym_id 
_struct_sheet_range.beg_auth_seq_id 
_struct_sheet_range.end_auth_comp_id 
_struct_sheet_range.end_auth_asym_id 
_struct_sheet_range.end_auth_seq_id 
S1 1 ALA A 3   ? CYS A 6   ? ALA A 3   CYS A 6   
S1 2 THR A 9   ? SER A 12  ? THR A 9   SER A 12  
S2 1 TYR A 38  ? TYR A 42  ? TYR A 38  TYR A 42  
S2 2 ASP A 53  ? LYS A 62  ? ASP A 53  LYS A 62  
S2 3 ASP A 75  ? THR A 81  ? ASP A 76  THR A 82  
S2 4 GLY A 87  ? THR A 90  ? GLY A 88  THR A 91  
S2 5 VAL A 100 ? CYS A 102 ? VAL A 101 CYS A 103 
# 
loop_
_pdbx_struct_sheet_hbond.sheet_id 
_pdbx_struct_sheet_hbond.range_id_1 
_pdbx_struct_sheet_hbond.range_id_2 
_pdbx_struct_sheet_hbond.range_1_label_atom_id 
_pdbx_struct_sheet_hbond.range_1_label_comp_id 
_pdbx_struct_sheet_hbond.range_1_label_asym_id 
_pdbx_struct_sheet_hbond.range_1_label_seq_id 
_pdbx_struct_sheet_hbond.range_1_PDB_ins_code 
_pdbx_struct_sheet_hbond.range_1_auth_atom_id 
_pdbx_struct_sheet_hbond.range_1_auth_comp_id 
_pdbx_struct_sheet_hbond.range_1_auth_asym_id 
_pdbx_struct_sheet_hbond.range_1_auth_seq_id 
_pdbx_struct_sheet_hbond.range_2_label_atom_id 
_pdbx_struct_sheet_hbond.range_2_label_comp_id 
_pdbx_struct_sheet_hbond.range_2_label_asym_id 
_pdbx_struct_sheet_hbond.range_2_label_seq_id 
_pdbx_struct_sheet_hbond.range_2_PDB_ins_code 
_pdbx_struct_sheet_hbond.range_2_auth_atom_id 
_pdbx_struct_sheet_hbond.range_2_auth_comp_id 
_pdbx_struct_sheet_hbond.range_2_auth_asym_id 
_pdbx_struct_sheet_hbond.range_2_auth_seq_id 
S1 1 2 N THR A 4  ? N THR A 4  O TYR A 11  ? O TYR A 11  
S2 1 2 N HIS A 40 ? N HIS A 40 O GLU A 58  ? O GLU A 58  
S2 2 3 O PRO A 55 ? O PRO A 55 N THR A 81  ? N THR A 82  
S2 3 4 N ARG A 76 ? N ARG A 77 O ILE A 89  ? O ILE A 90  
S2 4 5 O ALA A 88 ? O ALA A 89 N CYS A 102 ? N CYS A 103 
# 
_struct_site.id                   AC1 
_struct_site.pdbx_evidence_code   Software 
_struct_site.pdbx_auth_asym_id    A 
_struct_site.pdbx_auth_comp_id    2GP 
_struct_site.pdbx_auth_seq_id     108 
_struct_site.pdbx_auth_ins_code   ? 
_struct_site.pdbx_num_residues    18 
_struct_site.details              'BINDING SITE FOR RESIDUE 2GP A 108' 
# 
loop_
_struct_site_gen.id 
_struct_site_gen.site_id 
_struct_site_gen.pdbx_num_res 
_struct_site_gen.label_comp_id 
_struct_site_gen.label_asym_id 
_struct_site_gen.label_seq_id 
_struct_site_gen.pdbx_auth_ins_code 
_struct_site_gen.auth_comp_id 
_struct_site_gen.auth_asym_id 
_struct_site_gen.auth_seq_id 
_struct_site_gen.label_atom_id 
_struct_site_gen.label_alt_id 
_struct_site_gen.symmetry 
_struct_site_gen.details 
1  AC1 18 TYR A 38 ? TYR A 38  . ? 1_555 ? 
2  AC1 18 HIS A 40 ? HIS A 40  . ? 1_555 ? 
3  AC1 18 THR A 41 ? THR A 41  . ? 1_555 ? 
4  AC1 18 TYR A 42 ? TYR A 42  . ? 1_555 ? 
5  AC1 18 ASN A 43 ? ASN A 43  . ? 1_555 ? 
6  AC1 18 ASN A 44 ? ASN A 44  . ? 1_555 ? 
7  AC1 18 TYR A 45 ? TYR A 45  . ? 1_555 ? 
8  AC1 18 GLU A 46 ? GLU A 46  . ? 1_555 ? 
9  AC1 18 PRO A 51 ? PRO A 51  . ? 5_554 ? 
10 AC1 18 VAL A 52 ? VAL A 52  . ? 5_554 ? 
11 AC1 18 ASP A 53 ? ASP A 53  . ? 5_554 ? 
12 AC1 18 GLU A 58 ? GLU A 58  . ? 1_555 ? 
13 AC1 18 ARG A 76 ? ARG A 77  . ? 1_555 ? 
14 AC1 18 GLU A 84 ? GLU A 85  . ? 5_554 ? 
15 AC1 18 ASN A 97 ? ASN A 98  . ? 1_555 ? 
16 AC1 18 PHE A 99 ? PHE A 100 . ? 1_555 ? 
17 AC1 18 HOH C .  ? HOH A 140 . ? 1_555 ? 
18 AC1 18 HOH C .  ? HOH A 152 . ? 1_555 ? 
# 
_pdbx_entry_details.entry_id                   1FUT 
_pdbx_entry_details.compound_details           ? 
_pdbx_entry_details.source_details             ? 
_pdbx_entry_details.nonpolymer_details         ? 
_pdbx_entry_details.sequence_details           
;SEQUENCE ADVISORY NOTICE:
     DIFFERENCE BETWEEN SWISS-PROT AND PDB SEQUENCE.

     SWISS-PROT ENTRY NAME: RFN1_FUSMO

     SWISS-PROT RESIDUE      PDB SEQRES
       NAME   NUMBER         NAME  CHAIN  SEQ/INSERT CODE
       SER    32             THR          32
       THR    36             SER          36
;
_pdbx_entry_details.has_ligand_of_interest     ? 
_pdbx_entry_details.has_protein_modification   Y 
# 
loop_
_pdbx_validate_rmsd_angle.id 
_pdbx_validate_rmsd_angle.PDB_model_num 
_pdbx_validate_rmsd_angle.auth_atom_id_1 
_pdbx_validate_rmsd_angle.auth_asym_id_1 
_pdbx_validate_rmsd_angle.auth_comp_id_1 
_pdbx_validate_rmsd_angle.auth_seq_id_1 
_pdbx_validate_rmsd_angle.PDB_ins_code_1 
_pdbx_validate_rmsd_angle.label_alt_id_1 
_pdbx_validate_rmsd_angle.auth_atom_id_2 
_pdbx_validate_rmsd_angle.auth_asym_id_2 
_pdbx_validate_rmsd_angle.auth_comp_id_2 
_pdbx_validate_rmsd_angle.auth_seq_id_2 
_pdbx_validate_rmsd_angle.PDB_ins_code_2 
_pdbx_validate_rmsd_angle.label_alt_id_2 
_pdbx_validate_rmsd_angle.auth_atom_id_3 
_pdbx_validate_rmsd_angle.auth_asym_id_3 
_pdbx_validate_rmsd_angle.auth_comp_id_3 
_pdbx_validate_rmsd_angle.auth_seq_id_3 
_pdbx_validate_rmsd_angle.PDB_ins_code_3 
_pdbx_validate_rmsd_angle.label_alt_id_3 
_pdbx_validate_rmsd_angle.angle_value 
_pdbx_validate_rmsd_angle.angle_target_value 
_pdbx_validate_rmsd_angle.angle_deviation 
_pdbx_validate_rmsd_angle.angle_standard_deviation 
_pdbx_validate_rmsd_angle.linker_flag 
1 1 CD A ARG 17 ? ? NE A ARG 17 ? ? CZ  A ARG 17 ? ? 132.44 123.60 8.84  1.40 N 
2 1 CB A ASP 31 ? ? CG A ASP 31 ? ? OD2 A ASP 31 ? ? 111.16 118.30 -7.14 0.90 N 
3 1 NE A ARG 77 ? ? CZ A ARG 77 ? ? NH1 A ARG 77 ? ? 130.07 120.30 9.77  0.50 N 
4 1 NE A ARG 77 ? ? CZ A ARG 77 ? ? NH2 A ARG 77 ? ? 113.67 120.30 -6.63 0.50 N 
# 
_pdbx_validate_torsion.id              1 
_pdbx_validate_torsion.PDB_model_num   1 
_pdbx_validate_torsion.auth_comp_id    THR 
_pdbx_validate_torsion.auth_asym_id    A 
_pdbx_validate_torsion.auth_seq_id     82 
_pdbx_validate_torsion.PDB_ins_code    ? 
_pdbx_validate_torsion.label_alt_id    ? 
_pdbx_validate_torsion.phi             -68.14 
_pdbx_validate_torsion.psi             2.04 
# 
_pdbx_struct_mod_residue.id               1 
_pdbx_struct_mod_residue.label_asym_id    A 
_pdbx_struct_mod_residue.label_comp_id    PCA 
_pdbx_struct_mod_residue.label_seq_id     1 
_pdbx_struct_mod_residue.auth_asym_id     A 
_pdbx_struct_mod_residue.auth_comp_id     PCA 
_pdbx_struct_mod_residue.auth_seq_id      1 
_pdbx_struct_mod_residue.PDB_ins_code     ? 
_pdbx_struct_mod_residue.parent_comp_id   GLN 
_pdbx_struct_mod_residue.details          'PYROGLUTAMIC ACID' 
# 
loop_
_chem_comp_atom.comp_id 
_chem_comp_atom.atom_id 
_chem_comp_atom.type_symbol 
_chem_comp_atom.pdbx_aromatic_flag 
_chem_comp_atom.pdbx_stereo_config 
_chem_comp_atom.pdbx_ordinal 
2GP P      P N N 1   
2GP O1P    O N N 2   
2GP O2P    O N N 3   
2GP O3P    O N N 4   
2GP "O5'"  O N N 5   
2GP "C5'"  C N N 6   
2GP "C4'"  C N R 7   
2GP "O4'"  O N N 8   
2GP "C3'"  C N R 9   
2GP "O3'"  O N N 10  
2GP "C2'"  C N R 11  
2GP "O2'"  O N N 12  
2GP "C1'"  C N R 13  
2GP N9     N Y N 14  
2GP C8     C Y N 15  
2GP N7     N Y N 16  
2GP C5     C Y N 17  
2GP C6     C N N 18  
2GP O6     O N N 19  
2GP N1     N N N 20  
2GP C2     C N N 21  
2GP N2     N N N 22  
2GP N3     N N N 23  
2GP C4     C Y N 24  
2GP HOP2   H N N 25  
2GP HOP3   H N N 26  
2GP "HO5'" H N N 27  
2GP "H5'1" H N N 28  
2GP "H5'2" H N N 29  
2GP "H4'"  H N N 30  
2GP "H3'"  H N N 31  
2GP "HO3'" H N N 32  
2GP "H2'"  H N N 33  
2GP "H1'"  H N N 34  
2GP H8     H N N 35  
2GP HN1    H N N 36  
2GP HN21   H N N 37  
2GP HN22   H N N 38  
ALA N      N N N 39  
ALA CA     C N S 40  
ALA C      C N N 41  
ALA O      O N N 42  
ALA CB     C N N 43  
ALA OXT    O N N 44  
ALA H      H N N 45  
ALA H2     H N N 46  
ALA HA     H N N 47  
ALA HB1    H N N 48  
ALA HB2    H N N 49  
ALA HB3    H N N 50  
ALA HXT    H N N 51  
ARG N      N N N 52  
ARG CA     C N S 53  
ARG C      C N N 54  
ARG O      O N N 55  
ARG CB     C N N 56  
ARG CG     C N N 57  
ARG CD     C N N 58  
ARG NE     N N N 59  
ARG CZ     C N N 60  
ARG NH1    N N N 61  
ARG NH2    N N N 62  
ARG OXT    O N N 63  
ARG H      H N N 64  
ARG H2     H N N 65  
ARG HA     H N N 66  
ARG HB2    H N N 67  
ARG HB3    H N N 68  
ARG HG2    H N N 69  
ARG HG3    H N N 70  
ARG HD2    H N N 71  
ARG HD3    H N N 72  
ARG HE     H N N 73  
ARG HH11   H N N 74  
ARG HH12   H N N 75  
ARG HH21   H N N 76  
ARG HH22   H N N 77  
ARG HXT    H N N 78  
ASN N      N N N 79  
ASN CA     C N S 80  
ASN C      C N N 81  
ASN O      O N N 82  
ASN CB     C N N 83  
ASN CG     C N N 84  
ASN OD1    O N N 85  
ASN ND2    N N N 86  
ASN OXT    O N N 87  
ASN H      H N N 88  
ASN H2     H N N 89  
ASN HA     H N N 90  
ASN HB2    H N N 91  
ASN HB3    H N N 92  
ASN HD21   H N N 93  
ASN HD22   H N N 94  
ASN HXT    H N N 95  
ASP N      N N N 96  
ASP CA     C N S 97  
ASP C      C N N 98  
ASP O      O N N 99  
ASP CB     C N N 100 
ASP CG     C N N 101 
ASP OD1    O N N 102 
ASP OD2    O N N 103 
ASP OXT    O N N 104 
ASP H      H N N 105 
ASP H2     H N N 106 
ASP HA     H N N 107 
ASP HB2    H N N 108 
ASP HB3    H N N 109 
ASP HD2    H N N 110 
ASP HXT    H N N 111 
CYS N      N N N 112 
CYS CA     C N R 113 
CYS C      C N N 114 
CYS O      O N N 115 
CYS CB     C N N 116 
CYS SG     S N N 117 
CYS OXT    O N N 118 
CYS H      H N N 119 
CYS H2     H N N 120 
CYS HA     H N N 121 
CYS HB2    H N N 122 
CYS HB3    H N N 123 
CYS HG     H N N 124 
CYS HXT    H N N 125 
GLN N      N N N 126 
GLN CA     C N S 127 
GLN C      C N N 128 
GLN O      O N N 129 
GLN CB     C N N 130 
GLN CG     C N N 131 
GLN CD     C N N 132 
GLN OE1    O N N 133 
GLN NE2    N N N 134 
GLN OXT    O N N 135 
GLN H      H N N 136 
GLN H2     H N N 137 
GLN HA     H N N 138 
GLN HB2    H N N 139 
GLN HB3    H N N 140 
GLN HG2    H N N 141 
GLN HG3    H N N 142 
GLN HE21   H N N 143 
GLN HE22   H N N 144 
GLN HXT    H N N 145 
GLU N      N N N 146 
GLU CA     C N S 147 
GLU C      C N N 148 
GLU O      O N N 149 
GLU CB     C N N 150 
GLU CG     C N N 151 
GLU CD     C N N 152 
GLU OE1    O N N 153 
GLU OE2    O N N 154 
GLU OXT    O N N 155 
GLU H      H N N 156 
GLU H2     H N N 157 
GLU HA     H N N 158 
GLU HB2    H N N 159 
GLU HB3    H N N 160 
GLU HG2    H N N 161 
GLU HG3    H N N 162 
GLU HE2    H N N 163 
GLU HXT    H N N 164 
GLY N      N N N 165 
GLY CA     C N N 166 
GLY C      C N N 167 
GLY O      O N N 168 
GLY OXT    O N N 169 
GLY H      H N N 170 
GLY H2     H N N 171 
GLY HA2    H N N 172 
GLY HA3    H N N 173 
GLY HXT    H N N 174 
HIS N      N N N 175 
HIS CA     C N S 176 
HIS C      C N N 177 
HIS O      O N N 178 
HIS CB     C N N 179 
HIS CG     C Y N 180 
HIS ND1    N Y N 181 
HIS CD2    C Y N 182 
HIS CE1    C Y N 183 
HIS NE2    N Y N 184 
HIS OXT    O N N 185 
HIS H      H N N 186 
HIS H2     H N N 187 
HIS HA     H N N 188 
HIS HB2    H N N 189 
HIS HB3    H N N 190 
HIS HD1    H N N 191 
HIS HD2    H N N 192 
HIS HE1    H N N 193 
HIS HE2    H N N 194 
HIS HXT    H N N 195 
HOH O      O N N 196 
HOH H1     H N N 197 
HOH H2     H N N 198 
ILE N      N N N 199 
ILE CA     C N S 200 
ILE C      C N N 201 
ILE O      O N N 202 
ILE CB     C N S 203 
ILE CG1    C N N 204 
ILE CG2    C N N 205 
ILE CD1    C N N 206 
ILE OXT    O N N 207 
ILE H      H N N 208 
ILE H2     H N N 209 
ILE HA     H N N 210 
ILE HB     H N N 211 
ILE HG12   H N N 212 
ILE HG13   H N N 213 
ILE HG21   H N N 214 
ILE HG22   H N N 215 
ILE HG23   H N N 216 
ILE HD11   H N N 217 
ILE HD12   H N N 218 
ILE HD13   H N N 219 
ILE HXT    H N N 220 
LYS N      N N N 221 
LYS CA     C N S 222 
LYS C      C N N 223 
LYS O      O N N 224 
LYS CB     C N N 225 
LYS CG     C N N 226 
LYS CD     C N N 227 
LYS CE     C N N 228 
LYS NZ     N N N 229 
LYS OXT    O N N 230 
LYS H      H N N 231 
LYS H2     H N N 232 
LYS HA     H N N 233 
LYS HB2    H N N 234 
LYS HB3    H N N 235 
LYS HG2    H N N 236 
LYS HG3    H N N 237 
LYS HD2    H N N 238 
LYS HD3    H N N 239 
LYS HE2    H N N 240 
LYS HE3    H N N 241 
LYS HZ1    H N N 242 
LYS HZ2    H N N 243 
LYS HZ3    H N N 244 
LYS HXT    H N N 245 
PCA N      N N N 246 
PCA CA     C N S 247 
PCA CB     C N N 248 
PCA CG     C N N 249 
PCA CD     C N N 250 
PCA OE     O N N 251 
PCA C      C N N 252 
PCA O      O N N 253 
PCA OXT    O N N 254 
PCA H      H N N 255 
PCA HA     H N N 256 
PCA HB2    H N N 257 
PCA HB3    H N N 258 
PCA HG2    H N N 259 
PCA HG3    H N N 260 
PCA HXT    H N N 261 
PHE N      N N N 262 
PHE CA     C N S 263 
PHE C      C N N 264 
PHE O      O N N 265 
PHE CB     C N N 266 
PHE CG     C Y N 267 
PHE CD1    C Y N 268 
PHE CD2    C Y N 269 
PHE CE1    C Y N 270 
PHE CE2    C Y N 271 
PHE CZ     C Y N 272 
PHE OXT    O N N 273 
PHE H      H N N 274 
PHE H2     H N N 275 
PHE HA     H N N 276 
PHE HB2    H N N 277 
PHE HB3    H N N 278 
PHE HD1    H N N 279 
PHE HD2    H N N 280 
PHE HE1    H N N 281 
PHE HE2    H N N 282 
PHE HZ     H N N 283 
PHE HXT    H N N 284 
PRO N      N N N 285 
PRO CA     C N S 286 
PRO C      C N N 287 
PRO O      O N N 288 
PRO CB     C N N 289 
PRO CG     C N N 290 
PRO CD     C N N 291 
PRO OXT    O N N 292 
PRO H      H N N 293 
PRO HA     H N N 294 
PRO HB2    H N N 295 
PRO HB3    H N N 296 
PRO HG2    H N N 297 
PRO HG3    H N N 298 
PRO HD2    H N N 299 
PRO HD3    H N N 300 
PRO HXT    H N N 301 
SER N      N N N 302 
SER CA     C N S 303 
SER C      C N N 304 
SER O      O N N 305 
SER CB     C N N 306 
SER OG     O N N 307 
SER OXT    O N N 308 
SER H      H N N 309 
SER H2     H N N 310 
SER HA     H N N 311 
SER HB2    H N N 312 
SER HB3    H N N 313 
SER HG     H N N 314 
SER HXT    H N N 315 
THR N      N N N 316 
THR CA     C N S 317 
THR C      C N N 318 
THR O      O N N 319 
THR CB     C N R 320 
THR OG1    O N N 321 
THR CG2    C N N 322 
THR OXT    O N N 323 
THR H      H N N 324 
THR H2     H N N 325 
THR HA     H N N 326 
THR HB     H N N 327 
THR HG1    H N N 328 
THR HG21   H N N 329 
THR HG22   H N N 330 
THR HG23   H N N 331 
THR HXT    H N N 332 
TYR N      N N N 333 
TYR CA     C N S 334 
TYR C      C N N 335 
TYR O      O N N 336 
TYR CB     C N N 337 
TYR CG     C Y N 338 
TYR CD1    C Y N 339 
TYR CD2    C Y N 340 
TYR CE1    C Y N 341 
TYR CE2    C Y N 342 
TYR CZ     C Y N 343 
TYR OH     O N N 344 
TYR OXT    O N N 345 
TYR H      H N N 346 
TYR H2     H N N 347 
TYR HA     H N N 348 
TYR HB2    H N N 349 
TYR HB3    H N N 350 
TYR HD1    H N N 351 
TYR HD2    H N N 352 
TYR HE1    H N N 353 
TYR HE2    H N N 354 
TYR HH     H N N 355 
TYR HXT    H N N 356 
VAL N      N N N 357 
VAL CA     C N S 358 
VAL C      C N N 359 
VAL O      O N N 360 
VAL CB     C N N 361 
VAL CG1    C N N 362 
VAL CG2    C N N 363 
VAL OXT    O N N 364 
VAL H      H N N 365 
VAL H2     H N N 366 
VAL HA     H N N 367 
VAL HB     H N N 368 
VAL HG11   H N N 369 
VAL HG12   H N N 370 
VAL HG13   H N N 371 
VAL HG21   H N N 372 
VAL HG22   H N N 373 
VAL HG23   H N N 374 
VAL HXT    H N N 375 
# 
loop_
_chem_comp_bond.comp_id 
_chem_comp_bond.atom_id_1 
_chem_comp_bond.atom_id_2 
_chem_comp_bond.value_order 
_chem_comp_bond.pdbx_aromatic_flag 
_chem_comp_bond.pdbx_stereo_config 
_chem_comp_bond.pdbx_ordinal 
2GP P     O1P    doub N N 1   
2GP P     O2P    sing N N 2   
2GP P     O3P    sing N N 3   
2GP P     "O2'"  sing N N 4   
2GP O2P   HOP2   sing N N 5   
2GP O3P   HOP3   sing N N 6   
2GP "O5'" "C5'"  sing N N 7   
2GP "O5'" "HO5'" sing N N 8   
2GP "C5'" "C4'"  sing N N 9   
2GP "C5'" "H5'1" sing N N 10  
2GP "C5'" "H5'2" sing N N 11  
2GP "C4'" "O4'"  sing N N 12  
2GP "C4'" "C3'"  sing N N 13  
2GP "C4'" "H4'"  sing N N 14  
2GP "O4'" "C1'"  sing N N 15  
2GP "C3'" "O3'"  sing N N 16  
2GP "C3'" "C2'"  sing N N 17  
2GP "C3'" "H3'"  sing N N 18  
2GP "O3'" "HO3'" sing N N 19  
2GP "C2'" "O2'"  sing N N 20  
2GP "C2'" "C1'"  sing N N 21  
2GP "C2'" "H2'"  sing N N 22  
2GP "C1'" N9     sing N N 23  
2GP "C1'" "H1'"  sing N N 24  
2GP N9    C8     sing Y N 25  
2GP N9    C4     sing Y N 26  
2GP C8    N7     doub Y N 27  
2GP C8    H8     sing N N 28  
2GP N7    C5     sing Y N 29  
2GP C5    C6     sing N N 30  
2GP C5    C4     doub Y N 31  
2GP C6    O6     doub N N 32  
2GP C6    N1     sing N N 33  
2GP N1    C2     sing N N 34  
2GP N1    HN1    sing N N 35  
2GP C2    N2     sing N N 36  
2GP C2    N3     doub N N 37  
2GP N2    HN21   sing N N 38  
2GP N2    HN22   sing N N 39  
2GP N3    C4     sing N N 40  
ALA N     CA     sing N N 41  
ALA N     H      sing N N 42  
ALA N     H2     sing N N 43  
ALA CA    C      sing N N 44  
ALA CA    CB     sing N N 45  
ALA CA    HA     sing N N 46  
ALA C     O      doub N N 47  
ALA C     OXT    sing N N 48  
ALA CB    HB1    sing N N 49  
ALA CB    HB2    sing N N 50  
ALA CB    HB3    sing N N 51  
ALA OXT   HXT    sing N N 52  
ARG N     CA     sing N N 53  
ARG N     H      sing N N 54  
ARG N     H2     sing N N 55  
ARG CA    C      sing N N 56  
ARG CA    CB     sing N N 57  
ARG CA    HA     sing N N 58  
ARG C     O      doub N N 59  
ARG C     OXT    sing N N 60  
ARG CB    CG     sing N N 61  
ARG CB    HB2    sing N N 62  
ARG CB    HB3    sing N N 63  
ARG CG    CD     sing N N 64  
ARG CG    HG2    sing N N 65  
ARG CG    HG3    sing N N 66  
ARG CD    NE     sing N N 67  
ARG CD    HD2    sing N N 68  
ARG CD    HD3    sing N N 69  
ARG NE    CZ     sing N N 70  
ARG NE    HE     sing N N 71  
ARG CZ    NH1    sing N N 72  
ARG CZ    NH2    doub N N 73  
ARG NH1   HH11   sing N N 74  
ARG NH1   HH12   sing N N 75  
ARG NH2   HH21   sing N N 76  
ARG NH2   HH22   sing N N 77  
ARG OXT   HXT    sing N N 78  
ASN N     CA     sing N N 79  
ASN N     H      sing N N 80  
ASN N     H2     sing N N 81  
ASN CA    C      sing N N 82  
ASN CA    CB     sing N N 83  
ASN CA    HA     sing N N 84  
ASN C     O      doub N N 85  
ASN C     OXT    sing N N 86  
ASN CB    CG     sing N N 87  
ASN CB    HB2    sing N N 88  
ASN CB    HB3    sing N N 89  
ASN CG    OD1    doub N N 90  
ASN CG    ND2    sing N N 91  
ASN ND2   HD21   sing N N 92  
ASN ND2   HD22   sing N N 93  
ASN OXT   HXT    sing N N 94  
ASP N     CA     sing N N 95  
ASP N     H      sing N N 96  
ASP N     H2     sing N N 97  
ASP CA    C      sing N N 98  
ASP CA    CB     sing N N 99  
ASP CA    HA     sing N N 100 
ASP C     O      doub N N 101 
ASP C     OXT    sing N N 102 
ASP CB    CG     sing N N 103 
ASP CB    HB2    sing N N 104 
ASP CB    HB3    sing N N 105 
ASP CG    OD1    doub N N 106 
ASP CG    OD2    sing N N 107 
ASP OD2   HD2    sing N N 108 
ASP OXT   HXT    sing N N 109 
CYS N     CA     sing N N 110 
CYS N     H      sing N N 111 
CYS N     H2     sing N N 112 
CYS CA    C      sing N N 113 
CYS CA    CB     sing N N 114 
CYS CA    HA     sing N N 115 
CYS C     O      doub N N 116 
CYS C     OXT    sing N N 117 
CYS CB    SG     sing N N 118 
CYS CB    HB2    sing N N 119 
CYS CB    HB3    sing N N 120 
CYS SG    HG     sing N N 121 
CYS OXT   HXT    sing N N 122 
GLN N     CA     sing N N 123 
GLN N     H      sing N N 124 
GLN N     H2     sing N N 125 
GLN CA    C      sing N N 126 
GLN CA    CB     sing N N 127 
GLN CA    HA     sing N N 128 
GLN C     O      doub N N 129 
GLN C     OXT    sing N N 130 
GLN CB    CG     sing N N 131 
GLN CB    HB2    sing N N 132 
GLN CB    HB3    sing N N 133 
GLN CG    CD     sing N N 134 
GLN CG    HG2    sing N N 135 
GLN CG    HG3    sing N N 136 
GLN CD    OE1    doub N N 137 
GLN CD    NE2    sing N N 138 
GLN NE2   HE21   sing N N 139 
GLN NE2   HE22   sing N N 140 
GLN OXT   HXT    sing N N 141 
GLU N     CA     sing N N 142 
GLU N     H      sing N N 143 
GLU N     H2     sing N N 144 
GLU CA    C      sing N N 145 
GLU CA    CB     sing N N 146 
GLU CA    HA     sing N N 147 
GLU C     O      doub N N 148 
GLU C     OXT    sing N N 149 
GLU CB    CG     sing N N 150 
GLU CB    HB2    sing N N 151 
GLU CB    HB3    sing N N 152 
GLU CG    CD     sing N N 153 
GLU CG    HG2    sing N N 154 
GLU CG    HG3    sing N N 155 
GLU CD    OE1    doub N N 156 
GLU CD    OE2    sing N N 157 
GLU OE2   HE2    sing N N 158 
GLU OXT   HXT    sing N N 159 
GLY N     CA     sing N N 160 
GLY N     H      sing N N 161 
GLY N     H2     sing N N 162 
GLY CA    C      sing N N 163 
GLY CA    HA2    sing N N 164 
GLY CA    HA3    sing N N 165 
GLY C     O      doub N N 166 
GLY C     OXT    sing N N 167 
GLY OXT   HXT    sing N N 168 
HIS N     CA     sing N N 169 
HIS N     H      sing N N 170 
HIS N     H2     sing N N 171 
HIS CA    C      sing N N 172 
HIS CA    CB     sing N N 173 
HIS CA    HA     sing N N 174 
HIS C     O      doub N N 175 
HIS C     OXT    sing N N 176 
HIS CB    CG     sing N N 177 
HIS CB    HB2    sing N N 178 
HIS CB    HB3    sing N N 179 
HIS CG    ND1    sing Y N 180 
HIS CG    CD2    doub Y N 181 
HIS ND1   CE1    doub Y N 182 
HIS ND1   HD1    sing N N 183 
HIS CD2   NE2    sing Y N 184 
HIS CD2   HD2    sing N N 185 
HIS CE1   NE2    sing Y N 186 
HIS CE1   HE1    sing N N 187 
HIS NE2   HE2    sing N N 188 
HIS OXT   HXT    sing N N 189 
HOH O     H1     sing N N 190 
HOH O     H2     sing N N 191 
ILE N     CA     sing N N 192 
ILE N     H      sing N N 193 
ILE N     H2     sing N N 194 
ILE CA    C      sing N N 195 
ILE CA    CB     sing N N 196 
ILE CA    HA     sing N N 197 
ILE C     O      doub N N 198 
ILE C     OXT    sing N N 199 
ILE CB    CG1    sing N N 200 
ILE CB    CG2    sing N N 201 
ILE CB    HB     sing N N 202 
ILE CG1   CD1    sing N N 203 
ILE CG1   HG12   sing N N 204 
ILE CG1   HG13   sing N N 205 
ILE CG2   HG21   sing N N 206 
ILE CG2   HG22   sing N N 207 
ILE CG2   HG23   sing N N 208 
ILE CD1   HD11   sing N N 209 
ILE CD1   HD12   sing N N 210 
ILE CD1   HD13   sing N N 211 
ILE OXT   HXT    sing N N 212 
LYS N     CA     sing N N 213 
LYS N     H      sing N N 214 
LYS N     H2     sing N N 215 
LYS CA    C      sing N N 216 
LYS CA    CB     sing N N 217 
LYS CA    HA     sing N N 218 
LYS C     O      doub N N 219 
LYS C     OXT    sing N N 220 
LYS CB    CG     sing N N 221 
LYS CB    HB2    sing N N 222 
LYS CB    HB3    sing N N 223 
LYS CG    CD     sing N N 224 
LYS CG    HG2    sing N N 225 
LYS CG    HG3    sing N N 226 
LYS CD    CE     sing N N 227 
LYS CD    HD2    sing N N 228 
LYS CD    HD3    sing N N 229 
LYS CE    NZ     sing N N 230 
LYS CE    HE2    sing N N 231 
LYS CE    HE3    sing N N 232 
LYS NZ    HZ1    sing N N 233 
LYS NZ    HZ2    sing N N 234 
LYS NZ    HZ3    sing N N 235 
LYS OXT   HXT    sing N N 236 
PCA N     CA     sing N N 237 
PCA N     CD     sing N N 238 
PCA N     H      sing N N 239 
PCA CA    CB     sing N N 240 
PCA CA    C      sing N N 241 
PCA CA    HA     sing N N 242 
PCA CB    CG     sing N N 243 
PCA CB    HB2    sing N N 244 
PCA CB    HB3    sing N N 245 
PCA CG    CD     sing N N 246 
PCA CG    HG2    sing N N 247 
PCA CG    HG3    sing N N 248 
PCA CD    OE     doub N N 249 
PCA C     O      doub N N 250 
PCA C     OXT    sing N N 251 
PCA OXT   HXT    sing N N 252 
PHE N     CA     sing N N 253 
PHE N     H      sing N N 254 
PHE N     H2     sing N N 255 
PHE CA    C      sing N N 256 
PHE CA    CB     sing N N 257 
PHE CA    HA     sing N N 258 
PHE C     O      doub N N 259 
PHE C     OXT    sing N N 260 
PHE CB    CG     sing N N 261 
PHE CB    HB2    sing N N 262 
PHE CB    HB3    sing N N 263 
PHE CG    CD1    doub Y N 264 
PHE CG    CD2    sing Y N 265 
PHE CD1   CE1    sing Y N 266 
PHE CD1   HD1    sing N N 267 
PHE CD2   CE2    doub Y N 268 
PHE CD2   HD2    sing N N 269 
PHE CE1   CZ     doub Y N 270 
PHE CE1   HE1    sing N N 271 
PHE CE2   CZ     sing Y N 272 
PHE CE2   HE2    sing N N 273 
PHE CZ    HZ     sing N N 274 
PHE OXT   HXT    sing N N 275 
PRO N     CA     sing N N 276 
PRO N     CD     sing N N 277 
PRO N     H      sing N N 278 
PRO CA    C      sing N N 279 
PRO CA    CB     sing N N 280 
PRO CA    HA     sing N N 281 
PRO C     O      doub N N 282 
PRO C     OXT    sing N N 283 
PRO CB    CG     sing N N 284 
PRO CB    HB2    sing N N 285 
PRO CB    HB3    sing N N 286 
PRO CG    CD     sing N N 287 
PRO CG    HG2    sing N N 288 
PRO CG    HG3    sing N N 289 
PRO CD    HD2    sing N N 290 
PRO CD    HD3    sing N N 291 
PRO OXT   HXT    sing N N 292 
SER N     CA     sing N N 293 
SER N     H      sing N N 294 
SER N     H2     sing N N 295 
SER CA    C      sing N N 296 
SER CA    CB     sing N N 297 
SER CA    HA     sing N N 298 
SER C     O      doub N N 299 
SER C     OXT    sing N N 300 
SER CB    OG     sing N N 301 
SER CB    HB2    sing N N 302 
SER CB    HB3    sing N N 303 
SER OG    HG     sing N N 304 
SER OXT   HXT    sing N N 305 
THR N     CA     sing N N 306 
THR N     H      sing N N 307 
THR N     H2     sing N N 308 
THR CA    C      sing N N 309 
THR CA    CB     sing N N 310 
THR CA    HA     sing N N 311 
THR C     O      doub N N 312 
THR C     OXT    sing N N 313 
THR CB    OG1    sing N N 314 
THR CB    CG2    sing N N 315 
THR CB    HB     sing N N 316 
THR OG1   HG1    sing N N 317 
THR CG2   HG21   sing N N 318 
THR CG2   HG22   sing N N 319 
THR CG2   HG23   sing N N 320 
THR OXT   HXT    sing N N 321 
TYR N     CA     sing N N 322 
TYR N     H      sing N N 323 
TYR N     H2     sing N N 324 
TYR CA    C      sing N N 325 
TYR CA    CB     sing N N 326 
TYR CA    HA     sing N N 327 
TYR C     O      doub N N 328 
TYR C     OXT    sing N N 329 
TYR CB    CG     sing N N 330 
TYR CB    HB2    sing N N 331 
TYR CB    HB3    sing N N 332 
TYR CG    CD1    doub Y N 333 
TYR CG    CD2    sing Y N 334 
TYR CD1   CE1    sing Y N 335 
TYR CD1   HD1    sing N N 336 
TYR CD2   CE2    doub Y N 337 
TYR CD2   HD2    sing N N 338 
TYR CE1   CZ     doub Y N 339 
TYR CE1   HE1    sing N N 340 
TYR CE2   CZ     sing Y N 341 
TYR CE2   HE2    sing N N 342 
TYR CZ    OH     sing N N 343 
TYR OH    HH     sing N N 344 
TYR OXT   HXT    sing N N 345 
VAL N     CA     sing N N 346 
VAL N     H      sing N N 347 
VAL N     H2     sing N N 348 
VAL CA    C      sing N N 349 
VAL CA    CB     sing N N 350 
VAL CA    HA     sing N N 351 
VAL C     O      doub N N 352 
VAL C     OXT    sing N N 353 
VAL CB    CG1    sing N N 354 
VAL CB    CG2    sing N N 355 
VAL CB    HB     sing N N 356 
VAL CG1   HG11   sing N N 357 
VAL CG1   HG12   sing N N 358 
VAL CG1   HG13   sing N N 359 
VAL CG2   HG21   sing N N 360 
VAL CG2   HG22   sing N N 361 
VAL CG2   HG23   sing N N 362 
VAL OXT   HXT    sing N N 363 
# 
_atom_sites.entry_id                    1FUT 
_atom_sites.fract_transf_matrix[1][1]   -0.02749617 
_atom_sites.fract_transf_matrix[1][2]   -0.00743198 
_atom_sites.fract_transf_matrix[1][3]   0.00392502 
_atom_sites.fract_transf_matrix[2][1]   -0.01860383 
_atom_sites.fract_transf_matrix[2][2]   0.01899326 
_atom_sites.fract_transf_matrix[2][3]   0.01094936 
_atom_sites.fract_transf_matrix[3][1]   -0.00180218 
_atom_sites.fract_transf_matrix[3][2]   0.00263576 
_atom_sites.fract_transf_matrix[3][3]   -0.00763417 
_atom_sites.fract_transf_vector[1]      -0.051775 
_atom_sites.fract_transf_vector[2]      0.449064 
_atom_sites.fract_transf_vector[3]      0.117699 
# 
_atom_sites_footnote.id     1 
_atom_sites_footnote.text   'RESIDUES 39 AND 55 ARE CIS PROLINES.' 
# 
loop_
_atom_type.symbol 
C 
N 
O 
P 
S 
# 
loop_
_atom_site.group_PDB 
_atom_site.id 
_atom_site.type_symbol 
_atom_site.label_atom_id 
_atom_site.label_alt_id 
_atom_site.label_comp_id 
_atom_site.label_asym_id 
_atom_site.label_entity_id 
_atom_site.label_seq_id 
_atom_site.pdbx_PDB_ins_code 
_atom_site.Cartn_x 
_atom_site.Cartn_y 
_atom_site.Cartn_z 
_atom_site.occupancy 
_atom_site.B_iso_or_equiv 
_atom_site.pdbx_formal_charge 
_atom_site.auth_seq_id 
_atom_site.auth_comp_id 
_atom_site.auth_asym_id 
_atom_site.auth_atom_id 
_atom_site.pdbx_PDB_model_num 
HETATM 1   N N     . PCA A 1 1   ? 5.438   8.220   -6.096  1.00 45.26 ? 1   PCA A N     1 
HETATM 2   C CA    . PCA A 1 1   ? 4.618   8.461   -4.940  1.00 45.28 ? 1   PCA A CA    1 
HETATM 3   C CB    . PCA A 1 1   ? 5.271   7.469   -3.952  1.00 45.20 ? 1   PCA A CB    1 
HETATM 4   C CG    . PCA A 1 1   ? 6.766   7.708   -4.257  1.00 45.45 ? 1   PCA A CG    1 
HETATM 5   C CD    . PCA A 1 1   ? 6.652   7.714   -5.774  1.00 45.67 ? 1   PCA A CD    1 
HETATM 6   O OE    . PCA A 1 1   ? 7.457   7.294   -6.629  1.00 46.56 ? 1   PCA A OE    1 
HETATM 7   C C     . PCA A 1 1   ? 4.697   9.897   -4.436  1.00 45.13 ? 1   PCA A C     1 
HETATM 8   O O     . PCA A 1 1   ? 5.787   10.482  -4.409  1.00 45.56 ? 1   PCA A O     1 
ATOM   9   N N     . SER A 1 2   ? 3.572   10.430  -4.023  1.00 44.44 ? 2   SER A N     1 
ATOM   10  C CA    . SER A 1 2   ? 3.470   11.779  -3.472  1.00 44.31 ? 2   SER A CA    1 
ATOM   11  C C     . SER A 1 2   ? 2.789   11.765  -2.103  1.00 43.10 ? 2   SER A C     1 
ATOM   12  O O     . SER A 1 2   ? 2.367   10.672  -1.615  1.00 43.02 ? 2   SER A O     1 
ATOM   13  C CB    . SER A 1 2   ? 2.673   12.665  -4.453  1.00 46.67 ? 2   SER A CB    1 
ATOM   14  O OG    . SER A 1 2   ? 2.970   14.027  -4.081  1.00 49.44 ? 2   SER A OG    1 
ATOM   15  N N     . ALA A 1 3   ? 2.713   12.943  -1.472  1.00 41.08 ? 3   ALA A N     1 
ATOM   16  C CA    . ALA A 1 3   ? 2.054   13.030  -0.157  1.00 39.36 ? 3   ALA A CA    1 
ATOM   17  C C     . ALA A 1 3   ? 0.603   12.552  -0.389  1.00 38.56 ? 3   ALA A C     1 
ATOM   18  O O     . ALA A 1 3   ? 0.068   12.631  -1.525  1.00 39.25 ? 3   ALA A O     1 
ATOM   19  C CB    . ALA A 1 3   ? 2.167   14.384  0.492   1.00 38.24 ? 3   ALA A CB    1 
ATOM   20  N N     . THR A 1 4   ? 0.001   12.035  0.662   1.00 36.22 ? 4   THR A N     1 
ATOM   21  C CA    . THR A 1 4   ? -1.337  11.522  0.665   1.00 34.23 ? 4   THR A CA    1 
ATOM   22  C C     . THR A 1 4   ? -1.933  11.545  2.065   1.00 33.63 ? 4   THR A C     1 
ATOM   23  O O     . THR A 1 4   ? -1.246  11.523  3.078   1.00 33.77 ? 4   THR A O     1 
ATOM   24  C CB    . THR A 1 4   ? -1.395  10.060  0.055   1.00 33.82 ? 4   THR A CB    1 
ATOM   25  O OG1   . THR A 1 4   ? -2.814  9.780   -0.163  1.00 34.93 ? 4   THR A OG1   1 
ATOM   26  C CG2   . THR A 1 4   ? -0.844  8.905   0.870   1.00 32.84 ? 4   THR A CG2   1 
ATOM   27  N N     . THR A 1 5   ? -3.240  11.563  2.116   1.00 32.64 ? 5   THR A N     1 
ATOM   28  C CA    . THR A 1 5   ? -4.048  11.513  3.308   1.00 32.00 ? 5   THR A CA    1 
ATOM   29  C C     . THR A 1 5   ? -5.007  10.326  3.122   1.00 31.84 ? 5   THR A C     1 
ATOM   30  O O     . THR A 1 5   ? -5.737  10.259  2.128   1.00 31.74 ? 5   THR A O     1 
ATOM   31  C CB    . THR A 1 5   ? -4.867  12.835  3.583   1.00 32.43 ? 5   THR A CB    1 
ATOM   32  O OG1   . THR A 1 5   ? -3.821  13.870  3.508   1.00 33.76 ? 5   THR A OG1   1 
ATOM   33  C CG2   . THR A 1 5   ? -5.679  12.817  4.863   1.00 31.45 ? 5   THR A CG2   1 
ATOM   34  N N     . CYS A 1 6   ? -4.915  9.437   4.065   1.00 31.30 ? 6   CYS A N     1 
ATOM   35  C CA    . CYS A 1 6   ? -5.709  8.210   4.172   1.00 31.47 ? 6   CYS A CA    1 
ATOM   36  C C     . CYS A 1 6   ? -6.606  8.458   5.408   1.00 32.06 ? 6   CYS A C     1 
ATOM   37  O O     . CYS A 1 6   ? -6.054  8.585   6.522   1.00 32.70 ? 6   CYS A O     1 
ATOM   38  C CB    . CYS A 1 6   ? -4.794  7.001   4.314   1.00 30.67 ? 6   CYS A CB    1 
ATOM   39  S SG    . CYS A 1 6   ? -3.622  6.571   2.996   1.00 28.62 ? 6   CYS A SG    1 
ATOM   40  N N     . GLY A 1 7   ? -7.904  8.588   5.210   1.00 32.37 ? 7   GLY A N     1 
ATOM   41  C CA    . GLY A 1 7   ? -8.841  8.836   6.334   1.00 33.26 ? 7   GLY A CA    1 
ATOM   42  C C     . GLY A 1 7   ? -8.428  10.193  6.872   1.00 34.71 ? 7   GLY A C     1 
ATOM   43  O O     . GLY A 1 7   ? -8.676  11.219  6.207   1.00 35.77 ? 7   GLY A O     1 
ATOM   44  N N     . SER A 1 8   ? -7.766  10.224  7.995   1.00 35.73 ? 8   SER A N     1 
ATOM   45  C CA    . SER A 1 8   ? -7.274  11.425  8.671   1.00 36.59 ? 8   SER A CA    1 
ATOM   46  C C     . SER A 1 8   ? -5.755  11.496  8.753   1.00 36.77 ? 8   SER A C     1 
ATOM   47  O O     . SER A 1 8   ? -5.179  12.555  9.136   1.00 37.99 ? 8   SER A O     1 
ATOM   48  C CB    . SER A 1 8   ? -7.807  11.414  10.119  1.00 36.44 ? 8   SER A CB    1 
ATOM   49  O OG    . SER A 1 8   ? -9.007  10.622  10.107  1.00 38.07 ? 8   SER A OG    1 
ATOM   50  N N     . THR A 1 9   ? -5.078  10.430  8.402   1.00 36.24 ? 9   THR A N     1 
ATOM   51  C CA    . THR A 1 9   ? -3.618  10.370  8.440   1.00 35.29 ? 9   THR A CA    1 
ATOM   52  C C     . THR A 1 9   ? -2.926  10.914  7.209   1.00 34.82 ? 9   THR A C     1 
ATOM   53  O O     . THR A 1 9   ? -3.156  10.453  6.074   1.00 34.96 ? 9   THR A O     1 
ATOM   54  C CB    . THR A 1 9   ? -3.204  8.854   8.732   1.00 35.52 ? 9   THR A CB    1 
ATOM   55  O OG1   . THR A 1 9   ? -4.070  8.468   9.826   1.00 35.10 ? 9   THR A OG1   1 
ATOM   56  C CG2   . THR A 1 9   ? -1.718  8.652   9.098   1.00 34.66 ? 9   THR A CG2   1 
ATOM   57  N N     . ASN A 1 10  ? -1.987  11.802  7.455   1.00 34.72 ? 10  ASN A N     1 
ATOM   58  C CA    . ASN A 1 10  ? -1.150  12.465  6.478   1.00 34.79 ? 10  ASN A CA    1 
ATOM   59  C C     . ASN A 1 10  ? 0.211   11.773  6.343   1.00 34.06 ? 10  ASN A C     1 
ATOM   60  O O     . ASN A 1 10  ? 0.958   11.803  7.319   1.00 35.19 ? 10  ASN A O     1 
ATOM   61  C CB    . ASN A 1 10  ? -0.875  13.945  6.750   1.00 37.66 ? 10  ASN A CB    1 
ATOM   62  C CG    . ASN A 1 10  ? -2.129  14.765  6.876   1.00 40.87 ? 10  ASN A CG    1 
ATOM   63  O OD1   . ASN A 1 10  ? -3.089  14.594  6.087   1.00 42.58 ? 10  ASN A OD1   1 
ATOM   64  N ND2   . ASN A 1 10  ? -2.192  15.627  7.898   1.00 42.92 ? 10  ASN A ND2   1 
ATOM   65  N N     . TYR A 1 11  ? 0.491   11.236  5.185   1.00 31.83 ? 11  TYR A N     1 
ATOM   66  C CA    . TYR A 1 11  ? 1.771   10.606  4.907   1.00 30.10 ? 11  TYR A CA    1 
ATOM   67  C C     . TYR A 1 11  ? 2.491   11.520  3.902   1.00 29.68 ? 11  TYR A C     1 
ATOM   68  O O     . TYR A 1 11  ? 1.872   11.996  2.948   1.00 30.57 ? 11  TYR A O     1 
ATOM   69  C CB    . TYR A 1 11  ? 1.666   9.199   4.359   1.00 27.96 ? 11  TYR A CB    1 
ATOM   70  C CG    . TYR A 1 11  ? 0.936   8.222   5.245   1.00 27.37 ? 11  TYR A CG    1 
ATOM   71  C CD1   . TYR A 1 11  ? -0.420  7.934   5.073   1.00 24.83 ? 11  TYR A CD1   1 
ATOM   72  C CD2   . TYR A 1 11  ? 1.644   7.561   6.268   1.00 25.67 ? 11  TYR A CD2   1 
ATOM   73  C CE1   . TYR A 1 11  ? -1.033  6.984   5.875   1.00 25.36 ? 11  TYR A CE1   1 
ATOM   74  C CE2   . TYR A 1 11  ? 1.003   6.637   7.061   1.00 25.96 ? 11  TYR A CE2   1 
ATOM   75  C CZ    . TYR A 1 11  ? -0.315  6.317   6.869   1.00 25.40 ? 11  TYR A CZ    1 
ATOM   76  O OH    . TYR A 1 11  ? -0.882  5.370   7.672   1.00 25.20 ? 11  TYR A OH    1 
ATOM   77  N N     . SER A 1 12  ? 3.748   11.753  4.177   1.00 28.76 ? 12  SER A N     1 
ATOM   78  C CA    . SER A 1 12  ? 4.613   12.587  3.371   1.00 27.89 ? 12  SER A CA    1 
ATOM   79  C C     . SER A 1 12  ? 5.005   11.705  2.197   1.00 28.44 ? 12  SER A C     1 
ATOM   80  O O     . SER A 1 12  ? 4.812   10.485  2.256   1.00 29.41 ? 12  SER A O     1 
ATOM   81  C CB    . SER A 1 12  ? 5.846   12.993  4.128   1.00 26.65 ? 12  SER A CB    1 
ATOM   82  O OG    . SER A 1 12  ? 6.666   11.862  4.364   1.00 27.36 ? 12  SER A OG    1 
ATOM   83  N N     . ALA A 1 13  ? 5.563   12.335  1.203   1.00 29.15 ? 13  ALA A N     1 
ATOM   84  C CA    . ALA A 1 13  ? 6.017   11.655  -0.044  1.00 29.23 ? 13  ALA A CA    1 
ATOM   85  C C     . ALA A 1 13  ? 7.137   10.702  0.313   1.00 29.65 ? 13  ALA A C     1 
ATOM   86  O O     . ALA A 1 13  ? 7.270   9.592   -0.301  1.00 28.86 ? 13  ALA A O     1 
ATOM   87  C CB    . ALA A 1 13  ? 6.326   12.752  -1.069  1.00 29.09 ? 13  ALA A CB    1 
ATOM   88  N N     . SER A 1 14  ? 7.994   11.131  1.281   1.00 29.87 ? 14  SER A N     1 
ATOM   89  C CA    . SER A 1 14  ? 9.112   10.239  1.664   1.00 30.11 ? 14  SER A CA    1 
ATOM   90  C C     . SER A 1 14  ? 8.611   8.988   2.344   1.00 28.65 ? 14  SER A C     1 
ATOM   91  O O     . SER A 1 14  ? 9.136   7.890   2.147   1.00 27.80 ? 14  SER A O     1 
ATOM   92  C CB    . SER A 1 14  ? 10.209  10.989  2.398   1.00 33.05 ? 14  SER A CB    1 
ATOM   93  O OG    . SER A 1 14  ? 9.920   11.093  3.780   1.00 36.67 ? 14  SER A OG    1 
ATOM   94  N N     . GLN A 1 15  ? 7.573   9.128   3.153   1.00 28.57 ? 15  GLN A N     1 
ATOM   95  C CA    . GLN A 1 15  ? 6.947   7.995   3.877   1.00 27.55 ? 15  GLN A CA    1 
ATOM   96  C C     . GLN A 1 15  ? 6.334   6.994   2.889   1.00 27.11 ? 15  GLN A C     1 
ATOM   97  O O     . GLN A 1 15  ? 6.482   5.804   3.065   1.00 26.58 ? 15  GLN A O     1 
ATOM   98  C CB    . GLN A 1 15  ? 5.848   8.493   4.807   1.00 26.46 ? 15  GLN A CB    1 
ATOM   99  C CG    . GLN A 1 15  ? 6.359   9.028   6.147   1.00 25.87 ? 15  GLN A CG    1 
ATOM   100 C CD    . GLN A 1 15  ? 5.210   9.418   7.043   1.00 24.57 ? 15  GLN A CD    1 
ATOM   101 O OE1   . GLN A 1 15  ? 4.672   10.459  6.790   1.00 25.99 ? 15  GLN A OE1   1 
ATOM   102 N NE2   . GLN A 1 15  ? 4.736   8.619   7.996   1.00 24.81 ? 15  GLN A NE2   1 
ATOM   103 N N     . VAL A 1 16  ? 5.685   7.511   1.848   1.00 27.14 ? 16  VAL A N     1 
ATOM   104 C CA    . VAL A 1 16  ? 5.057   6.666   0.796   1.00 27.61 ? 16  VAL A CA    1 
ATOM   105 C C     . VAL A 1 16  ? 6.155   5.941   0.001   1.00 27.70 ? 16  VAL A C     1 
ATOM   106 O O     . VAL A 1 16  ? 6.024   4.743   -0.315  1.00 27.71 ? 16  VAL A O     1 
ATOM   107 C CB    . VAL A 1 16  ? 4.117   7.520   -0.098  1.00 25.97 ? 16  VAL A CB    1 
ATOM   108 C CG1   . VAL A 1 16  ? 3.570   6.754   -1.289  1.00 24.57 ? 16  VAL A CG1   1 
ATOM   109 C CG2   . VAL A 1 16  ? 3.055   8.288   0.643   1.00 25.43 ? 16  VAL A CG2   1 
ATOM   110 N N     . ARG A 1 17  ? 7.216   6.646   -0.337  1.00 28.08 ? 17  ARG A N     1 
ATOM   111 C CA    . ARG A 1 17  ? 8.331   6.035   -1.061  1.00 30.54 ? 17  ARG A CA    1 
ATOM   112 C C     . ARG A 1 17  ? 8.978   4.860   -0.280  1.00 29.63 ? 17  ARG A C     1 
ATOM   113 O O     . ARG A 1 17  ? 9.294   3.837   -0.865  1.00 29.43 ? 17  ARG A O     1 
ATOM   114 C CB    . ARG A 1 17  ? 9.492   6.961   -1.360  1.00 34.81 ? 17  ARG A CB    1 
ATOM   115 C CG    . ARG A 1 17  ? 9.224   8.319   -1.990  1.00 42.29 ? 17  ARG A CG    1 
ATOM   116 C CD    . ARG A 1 17  ? 10.591  8.946   -2.174  1.00 46.44 ? 17  ARG A CD    1 
ATOM   117 N NE    . ARG A 1 17  ? 10.644  10.365  -2.256  1.00 50.52 ? 17  ARG A NE    1 
ATOM   118 C CZ    . ARG A 1 17  ? 9.715   11.299  -2.152  1.00 52.20 ? 17  ARG A CZ    1 
ATOM   119 N NH1   . ARG A 1 17  ? 8.441   10.963  -1.991  1.00 53.28 ? 17  ARG A NH1   1 
ATOM   120 N NH2   . ARG A 1 17  ? 10.068  12.607  -2.100  1.00 53.57 ? 17  ARG A NH2   1 
ATOM   121 N N     . ALA A 1 18  ? 9.235   5.122   0.990   1.00 28.97 ? 18  ALA A N     1 
ATOM   122 C CA    . ALA A 1 18  ? 9.866   4.159   1.901   1.00 28.13 ? 18  ALA A CA    1 
ATOM   123 C C     . ALA A 1 18  ? 9.024   2.886   1.981   1.00 26.85 ? 18  ALA A C     1 
ATOM   124 O O     . ALA A 1 18  ? 9.580   1.781   1.883   1.00 26.64 ? 18  ALA A O     1 
ATOM   125 C CB    . ALA A 1 18  ? 10.108  4.813   3.239   1.00 26.96 ? 18  ALA A CB    1 
ATOM   126 N N     . ALA A 1 19  ? 7.715   3.097   2.083   1.00 26.35 ? 19  ALA A N     1 
ATOM   127 C CA    . ALA A 1 19  ? 6.803   1.930   2.149   1.00 25.44 ? 19  ALA A CA    1 
ATOM   128 C C     . ALA A 1 19  ? 6.820   1.183   0.803   1.00 25.82 ? 19  ALA A C     1 
ATOM   129 O O     . ALA A 1 19  ? 6.907   -0.055  0.738   1.00 26.21 ? 19  ALA A O     1 
ATOM   130 C CB    . ALA A 1 19  ? 5.404   2.351   2.514   1.00 22.04 ? 19  ALA A CB    1 
ATOM   131 N N     . ALA A 1 20  ? 6.712   1.971   -0.273  1.00 26.40 ? 20  ALA A N     1 
ATOM   132 C CA    . ALA A 1 20  ? 6.671   1.486   -1.677  1.00 25.77 ? 20  ALA A CA    1 
ATOM   133 C C     . ALA A 1 20  ? 7.958   0.718   -1.983  1.00 26.25 ? 20  ALA A C     1 
ATOM   134 O O     . ALA A 1 20  ? 7.894   -0.333  -2.598  1.00 24.98 ? 20  ALA A O     1 
ATOM   135 C CB    . ALA A 1 20  ? 6.453   2.658   -2.614  1.00 25.37 ? 20  ALA A CB    1 
ATOM   136 N N     . ASN A 1 21  ? 9.040   1.269   -1.472  1.00 27.03 ? 21  ASN A N     1 
ATOM   137 C CA    . ASN A 1 21  ? 10.427  0.788   -1.548  1.00 28.19 ? 21  ASN A CA    1 
ATOM   138 C C     . ASN A 1 21  ? 10.566  -0.555  -0.885  1.00 27.38 ? 21  ASN A C     1 
ATOM   139 O O     . ASN A 1 21  ? 11.075  -1.513  -1.507  1.00 28.81 ? 21  ASN A O     1 
ATOM   140 C CB    . ASN A 1 21  ? 11.344  1.892   -1.001  1.00 31.80 ? 21  ASN A CB    1 
ATOM   141 C CG    . ASN A 1 21  ? 12.726  1.430   -0.694  1.00 37.25 ? 21  ASN A CG    1 
ATOM   142 O OD1   . ASN A 1 21  ? 13.388  0.680   -1.468  1.00 39.31 ? 21  ASN A OD1   1 
ATOM   143 N ND2   . ASN A 1 21  ? 13.286  1.819   0.477   1.00 38.62 ? 21  ASN A ND2   1 
ATOM   144 N N     . ALA A 1 22  ? 10.101  -0.696  0.324   1.00 27.24 ? 22  ALA A N     1 
ATOM   145 C CA    . ALA A 1 22  ? 10.077  -1.928  1.124   1.00 26.20 ? 22  ALA A CA    1 
ATOM   146 C C     . ALA A 1 22  ? 9.284   -2.974  0.396   1.00 26.18 ? 22  ALA A C     1 
ATOM   147 O O     . ALA A 1 22  ? 9.764   -4.105  0.179   1.00 27.31 ? 22  ALA A O     1 
ATOM   148 C CB    . ALA A 1 22  ? 9.499   -1.669  2.530   1.00 25.90 ? 22  ALA A CB    1 
ATOM   149 N N     . ALA A 1 23  ? 8.036   -2.675  0.004   1.00 26.10 ? 23  ALA A N     1 
ATOM   150 C CA    . ALA A 1 23  ? 7.198   -3.627  -0.739  1.00 25.40 ? 23  ALA A CA    1 
ATOM   151 C C     . ALA A 1 23  ? 7.979   -4.202  -1.928  1.00 26.25 ? 23  ALA A C     1 
ATOM   152 O O     . ALA A 1 23  ? 8.013   -5.442  -2.137  1.00 26.12 ? 23  ALA A O     1 
ATOM   153 C CB    . ALA A 1 23  ? 5.918   -2.948  -1.172  1.00 23.78 ? 23  ALA A CB    1 
ATOM   154 N N     . CYS A 1 24  ? 8.629   -3.319  -2.677  1.00 27.02 ? 24  CYS A N     1 
ATOM   155 C CA    . CYS A 1 24  ? 9.415   -3.740  -3.864  1.00 28.39 ? 24  CYS A CA    1 
ATOM   156 C C     . CYS A 1 24  ? 10.518  -4.734  -3.511  1.00 29.45 ? 24  CYS A C     1 
ATOM   157 O O     . CYS A 1 24  ? 10.691  -5.785  -4.163  1.00 28.63 ? 24  CYS A O     1 
ATOM   158 C CB    . CYS A 1 24  ? 10.034  -2.553  -4.591  1.00 27.76 ? 24  CYS A CB    1 
ATOM   159 S SG    . CYS A 1 24  ? 11.080  -3.011  -6.017  1.00 28.82 ? 24  CYS A SG    1 
ATOM   160 N N     . GLN A 1 25  ? 11.254  -4.319  -2.490  1.00 31.36 ? 25  GLN A N     1 
ATOM   161 C CA    . GLN A 1 25  ? 12.381  -5.138  -1.998  1.00 33.71 ? 25  GLN A CA    1 
ATOM   162 C C     . GLN A 1 25  ? 11.952  -6.563  -1.670  1.00 33.90 ? 25  GLN A C     1 
ATOM   163 O O     . GLN A 1 25  ? 12.583  -7.548  -2.127  1.00 34.70 ? 25  GLN A O     1 
ATOM   164 C CB    . GLN A 1 25  ? 13.088  -4.520  -0.809  1.00 36.57 ? 25  GLN A CB    1 
ATOM   165 C CG    . GLN A 1 25  ? 13.850  -3.253  -1.100  1.00 41.44 ? 25  GLN A CG    1 
ATOM   166 C CD    . GLN A 1 25  ? 14.800  -3.448  -2.256  1.00 44.21 ? 25  GLN A CD    1 
ATOM   167 O OE1   . GLN A 1 25  ? 15.302  -4.568  -2.405  1.00 46.88 ? 25  GLN A OE1   1 
ATOM   168 N NE2   . GLN A 1 25  ? 15.005  -2.385  -3.046  1.00 45.64 ? 25  GLN A NE2   1 
ATOM   169 N N     . TYR A 1 26  ? 10.943  -6.670  -0.816  1.00 33.91 ? 26  TYR A N     1 
ATOM   170 C CA    . TYR A 1 26  ? 10.418  -7.982  -0.416  1.00 33.15 ? 26  TYR A CA    1 
ATOM   171 C C     . TYR A 1 26  ? 9.837   -8.646  -1.644  1.00 33.39 ? 26  TYR A C     1 
ATOM   172 O O     . TYR A 1 26  ? 10.075  -9.834  -1.799  1.00 33.75 ? 26  TYR A O     1 
ATOM   173 C CB    . TYR A 1 26  ? 9.274   -7.937  0.621   1.00 32.26 ? 26  TYR A CB    1 
ATOM   174 C CG    . TYR A 1 26  ? 9.634   -7.552  2.019   1.00 32.04 ? 26  TYR A CG    1 
ATOM   175 C CD1   . TYR A 1 26  ? 9.369   -6.254  2.493   1.00 31.56 ? 26  TYR A CD1   1 
ATOM   176 C CD2   . TYR A 1 26  ? 10.260  -8.458  2.872   1.00 32.20 ? 26  TYR A CD2   1 
ATOM   177 C CE1   . TYR A 1 26  ? 9.704   -5.852  3.781   1.00 32.53 ? 26  TYR A CE1   1 
ATOM   178 C CE2   . TYR A 1 26  ? 10.586  -8.068  4.181   1.00 32.53 ? 26  TYR A CE2   1 
ATOM   179 C CZ    . TYR A 1 26  ? 10.338  -6.783  4.616   1.00 32.88 ? 26  TYR A CZ    1 
ATOM   180 O OH    . TYR A 1 26  ? 10.690  -6.453  5.889   1.00 33.81 ? 26  TYR A OH    1 
ATOM   181 N N     . TYR A 1 27  ? 9.047   -7.921  -2.443  1.00 34.37 ? 27  TYR A N     1 
ATOM   182 C CA    . TYR A 1 27  ? 8.465   -8.647  -3.624  1.00 35.37 ? 27  TYR A CA    1 
ATOM   183 C C     . TYR A 1 27  ? 9.586   -9.328  -4.408  1.00 36.74 ? 27  TYR A C     1 
ATOM   184 O O     . TYR A 1 27  ? 9.527   -10.526 -4.752  1.00 36.06 ? 27  TYR A O     1 
ATOM   185 C CB    . TYR A 1 27  ? 7.504   -7.793  -4.443  1.00 33.64 ? 27  TYR A CB    1 
ATOM   186 C CG    . TYR A 1 27  ? 7.128   -8.490  -5.734  1.00 32.48 ? 27  TYR A CG    1 
ATOM   187 C CD1   . TYR A 1 27  ? 6.282   -9.584  -5.731  1.00 30.36 ? 27  TYR A CD1   1 
ATOM   188 C CD2   . TYR A 1 27  ? 7.708   -8.044  -6.959  1.00 31.41 ? 27  TYR A CD2   1 
ATOM   189 C CE1   . TYR A 1 27  ? 5.961   -10.227 -6.930  1.00 30.07 ? 27  TYR A CE1   1 
ATOM   190 C CE2   . TYR A 1 27  ? 7.373   -8.682  -8.151  1.00 29.49 ? 27  TYR A CE2   1 
ATOM   191 C CZ    . TYR A 1 27  ? 6.520   -9.762  -8.138  1.00 28.81 ? 27  TYR A CZ    1 
ATOM   192 O OH    . TYR A 1 27  ? 6.233   -10.399 -9.293  1.00 28.39 ? 27  TYR A OH    1 
ATOM   193 N N     . GLN A 1 28  ? 10.644  -8.551  -4.638  1.00 38.53 ? 28  GLN A N     1 
ATOM   194 C CA    . GLN A 1 28  ? 11.831  -9.010  -5.346  1.00 41.48 ? 28  GLN A CA    1 
ATOM   195 C C     . GLN A 1 28  ? 12.577  -10.210 -4.759  1.00 42.35 ? 28  GLN A C     1 
ATOM   196 O O     . GLN A 1 28  ? 13.128  -11.042 -5.538  1.00 42.94 ? 28  GLN A O     1 
ATOM   197 C CB    . GLN A 1 28  ? 12.873  -7.859  -5.416  1.00 43.83 ? 28  GLN A CB    1 
ATOM   198 C CG    . GLN A 1 28  ? 12.733  -7.116  -6.732  1.00 47.06 ? 28  GLN A CG    1 
ATOM   199 C CD    . GLN A 1 28  ? 13.561  -5.856  -6.661  1.00 49.88 ? 28  GLN A CD    1 
ATOM   200 O OE1   . GLN A 1 28  ? 14.056  -5.433  -7.716  1.00 52.70 ? 28  GLN A OE1   1 
ATOM   201 N NE2   . GLN A 1 28  ? 13.719  -5.292  -5.451  1.00 51.07 ? 28  GLN A NE2   1 
ATOM   202 N N     . ASN A 1 29  ? 12.656  -10.284 -3.440  1.00 42.35 ? 29  ASN A N     1 
ATOM   203 C CA    . ASN A 1 29  ? 13.384  -11.404 -2.794  1.00 42.22 ? 29  ASN A CA    1 
ATOM   204 C C     . ASN A 1 29  ? 12.479  -12.546 -2.465  1.00 42.38 ? 29  ASN A C     1 
ATOM   205 O O     . ASN A 1 29  ? 12.886  -13.539 -1.852  1.00 42.64 ? 29  ASN A O     1 
ATOM   206 C CB    . ASN A 1 29  ? 14.169  -10.737 -1.652  1.00 42.45 ? 29  ASN A CB    1 
ATOM   207 C CG    . ASN A 1 29  ? 15.046  -9.671  -2.310  1.00 43.73 ? 29  ASN A CG    1 
ATOM   208 O OD1   . ASN A 1 29  ? 16.010  -10.079 -2.985  1.00 44.56 ? 29  ASN A OD1   1 
ATOM   209 N ND2   . ASN A 1 29  ? 14.740  -8.391  -2.245  1.00 44.06 ? 29  ASN A ND2   1 
ATOM   210 N N     . ASP A 1 30  ? 11.234  -12.466 -2.865  1.00 42.90 ? 30  ASP A N     1 
ATOM   211 C CA    . ASP A 1 30  ? 10.250  -13.531 -2.573  1.00 43.99 ? 30  ASP A CA    1 
ATOM   212 C C     . ASP A 1 30  ? 10.239  -13.791 -1.049  1.00 43.44 ? 30  ASP A C     1 
ATOM   213 O O     . ASP A 1 30  ? 10.261  -14.881 -0.466  1.00 43.18 ? 30  ASP A O     1 
ATOM   214 C CB    . ASP A 1 30  ? 10.483  -14.704 -3.496  1.00 47.03 ? 30  ASP A CB    1 
ATOM   215 C CG    . ASP A 1 30  ? 9.211   -15.438 -3.876  1.00 49.62 ? 30  ASP A CG    1 
ATOM   216 O OD1   . ASP A 1 30  ? 8.928   -15.660 -5.071  1.00 52.25 ? 30  ASP A OD1   1 
ATOM   217 O OD2   . ASP A 1 30  ? 8.441   -15.818 -2.963  1.00 51.46 ? 30  ASP A OD2   1 
ATOM   218 N N     . ASP A 1 31  ? 10.105  -12.709 -0.349  1.00 42.70 ? 31  ASP A N     1 
ATOM   219 C CA    . ASP A 1 31  ? 10.037  -12.408 1.041   1.00 42.38 ? 31  ASP A CA    1 
ATOM   220 C C     . ASP A 1 31  ? 8.734   -11.701 1.508   1.00 40.91 ? 31  ASP A C     1 
ATOM   221 O O     . ASP A 1 31  ? 8.051   -11.022 0.717   1.00 41.18 ? 31  ASP A O     1 
ATOM   222 C CB    . ASP A 1 31  ? 11.096  -11.286 1.248   1.00 46.37 ? 31  ASP A CB    1 
ATOM   223 C CG    . ASP A 1 31  ? 12.440  -11.716 1.729   1.00 49.10 ? 31  ASP A CG    1 
ATOM   224 O OD1   . ASP A 1 31  ? 12.565  -12.442 2.723   1.00 49.14 ? 31  ASP A OD1   1 
ATOM   225 O OD2   . ASP A 1 31  ? 13.373  -11.162 1.051   1.00 51.34 ? 31  ASP A OD2   1 
ATOM   226 N N     . THR A 1 32  ? 8.514   -11.825 2.806   1.00 38.61 ? 32  THR A N     1 
ATOM   227 C CA    . THR A 1 32  ? 7.384   -11.179 3.487   1.00 36.81 ? 32  THR A CA    1 
ATOM   228 C C     . THR A 1 32  ? 7.947   -10.576 4.754   1.00 36.04 ? 32  THR A C     1 
ATOM   229 O O     . THR A 1 32  ? 9.068   -10.946 5.136   1.00 35.66 ? 32  THR A O     1 
ATOM   230 C CB    . THR A 1 32  ? 6.095   -12.018 3.556   1.00 37.20 ? 32  THR A CB    1 
ATOM   231 O OG1   . THR A 1 32  ? 6.467   -13.279 4.170   1.00 37.05 ? 32  THR A OG1   1 
ATOM   232 C CG2   . THR A 1 32  ? 5.457   -12.252 2.175   1.00 35.94 ? 32  THR A CG2   1 
ATOM   233 N N     . ALA A 1 33  ? 7.328   -9.555  5.287   1.00 35.22 ? 33  ALA A N     1 
ATOM   234 C CA    . ALA A 1 33  ? 7.823   -8.841  6.476   1.00 33.84 ? 33  ALA A CA    1 
ATOM   235 C C     . ALA A 1 33  ? 7.374   -9.546  7.750   1.00 33.15 ? 33  ALA A C     1 
ATOM   236 O O     . ALA A 1 33  ? 6.161   -9.655  7.991   1.00 32.36 ? 33  ALA A O     1 
ATOM   237 C CB    . ALA A 1 33  ? 7.359   -7.388  6.398   1.00 34.56 ? 33  ALA A CB    1 
ATOM   238 N N     . GLY A 1 34  ? 8.353   -9.952  8.539   1.00 31.64 ? 34  GLY A N     1 
ATOM   239 C CA    . GLY A 1 34  ? 8.092   -10.648 9.807   1.00 30.85 ? 34  GLY A CA    1 
ATOM   240 C C     . GLY A 1 34  ? 7.375   -11.956 9.514   1.00 29.96 ? 34  GLY A C     1 
ATOM   241 O O     . GLY A 1 34  ? 7.635   -12.695 8.553   1.00 30.08 ? 34  GLY A O     1 
ATOM   242 N N     . SER A 1 35  ? 6.358   -12.197 10.317  1.00 30.14 ? 35  SER A N     1 
ATOM   243 C CA    . SER A 1 35  ? 5.491   -13.377 10.244  1.00 30.10 ? 35  SER A CA    1 
ATOM   244 C C     . SER A 1 35  ? 4.187   -13.073 9.497   1.00 30.11 ? 35  SER A C     1 
ATOM   245 O O     . SER A 1 35  ? 3.188   -13.791 9.709   1.00 29.55 ? 35  SER A O     1 
ATOM   246 C CB    . SER A 1 35  ? 5.123   -13.761 11.685  1.00 32.21 ? 35  SER A CB    1 
ATOM   247 O OG    . SER A 1 35  ? 4.455   -12.575 12.277  1.00 34.62 ? 35  SER A OG    1 
ATOM   248 N N     . SER A 1 36  ? 4.181   -11.991 8.701   1.00 29.50 ? 36  SER A N     1 
ATOM   249 C CA    . SER A 1 36  ? 2.956   -11.624 7.949   1.00 28.39 ? 36  SER A CA    1 
ATOM   250 C C     . SER A 1 36  ? 3.014   -12.199 6.550   1.00 27.77 ? 36  SER A C     1 
ATOM   251 O O     . SER A 1 36  ? 3.972   -12.892 6.214   1.00 28.53 ? 36  SER A O     1 
ATOM   252 C CB    . SER A 1 36  ? 2.830   -10.114 7.881   1.00 27.90 ? 36  SER A CB    1 
ATOM   253 O OG    . SER A 1 36  ? 3.760   -9.571  6.954   1.00 26.16 ? 36  SER A OG    1 
ATOM   254 N N     . THR A 1 37  ? 2.068   -11.883 5.724   1.00 27.06 ? 37  THR A N     1 
ATOM   255 C CA    . THR A 1 37  ? 1.969   -12.265 4.342   1.00 26.55 ? 37  THR A CA    1 
ATOM   256 C C     . THR A 1 37  ? 2.155   -11.057 3.379   1.00 26.61 ? 37  THR A C     1 
ATOM   257 O O     . THR A 1 37  ? 1.776   -11.133 2.188   1.00 26.86 ? 37  THR A O     1 
ATOM   258 C CB    . THR A 1 37  ? 0.602   -12.995 4.042   1.00 26.36 ? 37  THR A CB    1 
ATOM   259 O OG1   . THR A 1 37  ? -0.323  -11.894 4.123   1.00 28.72 ? 37  THR A OG1   1 
ATOM   260 C CG2   . THR A 1 37  ? 0.222   -14.217 4.862   1.00 24.97 ? 37  THR A CG2   1 
ATOM   261 N N     . TYR A 1 38  ? 2.701   -9.965  3.810   1.00 26.01 ? 38  TYR A N     1 
ATOM   262 C CA    . TYR A 1 38  ? 2.927   -8.773  3.036   1.00 26.48 ? 38  TYR A CA    1 
ATOM   263 C C     . TYR A 1 38  ? 4.398   -8.666  2.583   1.00 26.97 ? 38  TYR A C     1 
ATOM   264 O O     . TYR A 1 38  ? 5.224   -8.968  3.432   1.00 27.59 ? 38  TYR A O     1 
ATOM   265 C CB    . TYR A 1 38  ? 2.633   -7.469  3.790   1.00 25.61 ? 38  TYR A CB    1 
ATOM   266 C CG    . TYR A 1 38  ? 1.189   -7.342  4.163   1.00 25.79 ? 38  TYR A CG    1 
ATOM   267 C CD1   . TYR A 1 38  ? 0.188   -7.130  3.221   1.00 25.24 ? 38  TYR A CD1   1 
ATOM   268 C CD2   . TYR A 1 38  ? 0.832   -7.505  5.502   1.00 24.96 ? 38  TYR A CD2   1 
ATOM   269 C CE1   . TYR A 1 38  ? -1.138  -7.010  3.651   1.00 26.91 ? 38  TYR A CE1   1 
ATOM   270 C CE2   . TYR A 1 38  ? -0.481  -7.355  5.946   1.00 25.31 ? 38  TYR A CE2   1 
ATOM   271 C CZ    . TYR A 1 38  ? -1.486  -7.070  5.029   1.00 25.84 ? 38  TYR A CZ    1 
ATOM   272 O OH    . TYR A 1 38  ? -2.777  -7.023  5.458   1.00 23.56 ? 38  TYR A OH    1 
ATOM   273 N N     . PRO A 1 39  ? 4.648   -8.238  1.352   1.00 26.93 ? 39  PRO A N     1 
ATOM   274 C CA    . PRO A 1 39  ? 3.642   -7.862  0.354   1.00 26.36 ? 39  PRO A CA    1 
ATOM   275 C C     . PRO A 1 39  ? 2.955   -9.059  -0.271  1.00 25.98 ? 39  PRO A C     1 
ATOM   276 O O     . PRO A 1 39  ? 3.533   -10.150 -0.316  1.00 25.70 ? 39  PRO A O     1 
ATOM   277 C CB    . PRO A 1 39  ? 4.420   -7.060  -0.671  1.00 26.84 ? 39  PRO A CB    1 
ATOM   278 C CG    . PRO A 1 39  ? 5.878   -7.426  -0.487  1.00 27.75 ? 39  PRO A CG    1 
ATOM   279 C CD    . PRO A 1 39  ? 6.015   -8.086  0.885   1.00 27.47 ? 39  PRO A CD    1 
ATOM   280 N N     . HIS A 1 40  ? 1.703   -8.925  -0.694  1.00 24.53 ? 40  HIS A N     1 
ATOM   281 C CA    . HIS A 1 40  ? 1.012   -10.051 -1.346  1.00 23.72 ? 40  HIS A CA    1 
ATOM   282 C C     . HIS A 1 40  ? 0.183   -9.398  -2.433  1.00 24.08 ? 40  HIS A C     1 
ATOM   283 O O     . HIS A 1 40  ? -0.098  -8.187  -2.417  1.00 23.84 ? 40  HIS A O     1 
ATOM   284 C CB    . HIS A 1 40  ? 0.114   -10.896 -0.420  1.00 23.56 ? 40  HIS A CB    1 
ATOM   285 C CG    . HIS A 1 40  ? -1.062  -10.222 0.221   1.00 22.01 ? 40  HIS A CG    1 
ATOM   286 N ND1   . HIS A 1 40  ? -2.233  -9.845  -0.393  1.00 21.55 ? 40  HIS A ND1   1 
ATOM   287 C CD2   . HIS A 1 40  ? -1.229  -9.821  1.515   1.00 20.91 ? 40  HIS A CD2   1 
ATOM   288 C CE1   . HIS A 1 40  ? -3.009  -9.259  0.476   1.00 20.23 ? 40  HIS A CE1   1 
ATOM   289 N NE2   . HIS A 1 40  ? -2.441  -9.244  1.657   1.00 20.58 ? 40  HIS A NE2   1 
ATOM   290 N N     . THR A 1 41  ? -0.308  -10.219 -3.332  1.00 24.79 ? 41  THR A N     1 
ATOM   291 C CA    . THR A 1 41  ? -1.150  -9.755  -4.412  1.00 24.69 ? 41  THR A CA    1 
ATOM   292 C C     . THR A 1 41  ? -2.353  -8.982  -3.885  1.00 24.78 ? 41  THR A C     1 
ATOM   293 O O     . THR A 1 41  ? -3.057  -9.436  -2.990  1.00 24.16 ? 41  THR A O     1 
ATOM   294 C CB    . THR A 1 41  ? -1.776  -10.970 -5.269  1.00 25.70 ? 41  THR A CB    1 
ATOM   295 O OG1   . THR A 1 41  ? -0.667  -11.623 -5.837  1.00 25.29 ? 41  THR A OG1   1 
ATOM   296 C CG2   . THR A 1 41  ? -2.849  -10.563 -6.301  1.00 26.18 ? 41  THR A CG2   1 
ATOM   297 N N     . TYR A 1 42  ? -2.583  -7.889  -4.585  1.00 25.00 ? 42  TYR A N     1 
ATOM   298 C CA    . TYR A 1 42  ? -3.679  -6.973  -4.440  1.00 25.04 ? 42  TYR A CA    1 
ATOM   299 C C     . TYR A 1 42  ? -4.548  -7.168  -5.705  1.00 26.45 ? 42  TYR A C     1 
ATOM   300 O O     . TYR A 1 42  ? -4.162  -6.778  -6.837  1.00 27.11 ? 42  TYR A O     1 
ATOM   301 C CB    . TYR A 1 42  ? -3.245  -5.531  -4.249  1.00 23.60 ? 42  TYR A CB    1 
ATOM   302 C CG    . TYR A 1 42  ? -4.539  -4.730  -4.100  1.00 25.03 ? 42  TYR A CG    1 
ATOM   303 C CD1   . TYR A 1 42  ? -4.914  -3.840  -5.136  1.00 24.73 ? 42  TYR A CD1   1 
ATOM   304 C CD2   . TYR A 1 42  ? -5.359  -4.875  -2.994  1.00 22.88 ? 42  TYR A CD2   1 
ATOM   305 C CE1   . TYR A 1 42  ? -6.074  -3.111  -5.049  1.00 23.87 ? 42  TYR A CE1   1 
ATOM   306 C CE2   . TYR A 1 42  ? -6.514  -4.138  -2.883  1.00 24.18 ? 42  TYR A CE2   1 
ATOM   307 C CZ    . TYR A 1 42  ? -6.887  -3.254  -3.918  1.00 25.52 ? 42  TYR A CZ    1 
ATOM   308 O OH    . TYR A 1 42  ? -8.062  -2.553  -3.806  1.00 24.23 ? 42  TYR A OH    1 
ATOM   309 N N     . ASN A 1 43  ? -5.695  -7.773  -5.557  1.00 27.08 ? 43  ASN A N     1 
ATOM   310 C CA    . ASN A 1 43  ? -6.562  -8.026  -6.660  1.00 28.37 ? 43  ASN A CA    1 
ATOM   311 C C     . ASN A 1 43  ? -7.272  -6.834  -7.255  1.00 29.93 ? 43  ASN A C     1 
ATOM   312 O O     . ASN A 1 43  ? -7.741  -7.117  -8.415  1.00 31.82 ? 43  ASN A O     1 
ATOM   313 C CB    . ASN A 1 43  ? -7.608  -9.105  -6.398  1.00 28.23 ? 43  ASN A CB    1 
ATOM   314 C CG    . ASN A 1 43  ? -6.919  -10.425 -6.159  1.00 29.98 ? 43  ASN A CG    1 
ATOM   315 O OD1   . ASN A 1 43  ? -7.270  -10.979 -5.113  1.00 32.64 ? 43  ASN A OD1   1 
ATOM   316 N ND2   . ASN A 1 43  ? -6.006  -10.965 -6.913  1.00 29.19 ? 43  ASN A ND2   1 
ATOM   317 N N     . ASN A 1 44  ? -7.430  -5.710  -6.679  1.00 29.31 ? 44  ASN A N     1 
ATOM   318 C CA    . ASN A 1 44  ? -8.149  -4.584  -7.202  1.00 29.12 ? 44  ASN A CA    1 
ATOM   319 C C     . ASN A 1 44  ? -9.615  -4.968  -7.375  1.00 29.64 ? 44  ASN A C     1 
ATOM   320 O O     . ASN A 1 44  ? -10.142 -4.647  -8.433  1.00 30.01 ? 44  ASN A O     1 
ATOM   321 C CB    . ASN A 1 44  ? -7.594  -3.946  -8.480  1.00 27.61 ? 44  ASN A CB    1 
ATOM   322 C CG    . ASN A 1 44  ? -7.997  -2.485  -8.648  1.00 25.69 ? 44  ASN A CG    1 
ATOM   323 O OD1   . ASN A 1 44  ? -8.622  -1.825  -7.832  1.00 22.40 ? 44  ASN A OD1   1 
ATOM   324 N ND2   . ASN A 1 44  ? -7.508  -1.957  -9.777  1.00 26.90 ? 44  ASN A ND2   1 
ATOM   325 N N     . TYR A 1 45  ? -10.226 -5.605  -6.431  1.00 30.71 ? 45  TYR A N     1 
ATOM   326 C CA    . TYR A 1 45  ? -11.643 -5.937  -6.566  1.00 31.76 ? 45  TYR A CA    1 
ATOM   327 C C     . TYR A 1 45  ? -12.438 -4.643  -6.617  1.00 31.38 ? 45  TYR A C     1 
ATOM   328 O O     . TYR A 1 45  ? -13.556 -4.708  -7.105  1.00 32.47 ? 45  TYR A O     1 
ATOM   329 C CB    . TYR A 1 45  ? -12.223 -6.736  -5.361  1.00 33.32 ? 45  TYR A CB    1 
ATOM   330 C CG    . TYR A 1 45  ? -11.600 -8.117  -5.250  1.00 36.85 ? 45  TYR A CG    1 
ATOM   331 C CD1   . TYR A 1 45  ? -11.057 -8.632  -4.057  1.00 38.24 ? 45  TYR A CD1   1 
ATOM   332 C CD2   . TYR A 1 45  ? -11.505 -8.886  -6.401  1.00 38.10 ? 45  TYR A CD2   1 
ATOM   333 C CE1   . TYR A 1 45  ? -10.486 -9.912  -4.006  1.00 38.88 ? 45  TYR A CE1   1 
ATOM   334 C CE2   . TYR A 1 45  ? -10.925 -10.155 -6.384  1.00 39.76 ? 45  TYR A CE2   1 
ATOM   335 C CZ    . TYR A 1 45  ? -10.454 -10.661 -5.169  1.00 39.65 ? 45  TYR A CZ    1 
ATOM   336 O OH    . TYR A 1 45  ? -9.913  -11.913 -5.271  1.00 41.42 ? 45  TYR A OH    1 
ATOM   337 N N     . GLU A 1 46  ? -11.957 -3.575  -6.063  1.00 31.33 ? 46  GLU A N     1 
ATOM   338 C CA    . GLU A 1 46  ? -12.688 -2.297  -5.977  1.00 30.64 ? 46  GLU A CA    1 
ATOM   339 C C     . GLU A 1 46  ? -12.750 -1.481  -7.254  1.00 30.61 ? 46  GLU A C     1 
ATOM   340 O O     . GLU A 1 46  ? -13.498 -0.471  -7.375  1.00 30.82 ? 46  GLU A O     1 
ATOM   341 C CB    . GLU A 1 46  ? -11.992 -1.419  -4.901  1.00 26.68 ? 46  GLU A CB    1 
ATOM   342 C CG    . GLU A 1 46  ? -11.968 -1.871  -3.475  1.00 25.61 ? 46  GLU A CG    1 
ATOM   343 C CD    . GLU A 1 46  ? -11.298 -3.083  -2.897  1.00 23.92 ? 46  GLU A CD    1 
ATOM   344 O OE1   . GLU A 1 46  ? -10.357 -3.747  -3.353  1.00 24.81 ? 46  GLU A OE1   1 
ATOM   345 O OE2   . GLU A 1 46  ? -11.747 -3.364  -1.784  1.00 21.15 ? 46  GLU A OE2   1 
ATOM   346 N N     . GLY A 1 47  ? -11.927 -1.863  -8.221  1.00 30.65 ? 47  GLY A N     1 
ATOM   347 C CA    . GLY A 1 47  ? -11.867 -1.098  -9.482  1.00 31.27 ? 47  GLY A CA    1 
ATOM   348 C C     . GLY A 1 47  ? -11.248 0.267   -9.411  1.00 30.38 ? 47  GLY A C     1 
ATOM   349 O O     . GLY A 1 47  ? -11.809 1.249   -9.969  1.00 31.13 ? 47  GLY A O     1 
ATOM   350 N N     . PHE A 1 48  ? -10.095 0.401   -8.754  1.00 30.57 ? 48  PHE A N     1 
ATOM   351 C CA    . PHE A 1 48  ? -9.380  1.704   -8.696  1.00 29.95 ? 48  PHE A CA    1 
ATOM   352 C C     . PHE A 1 48  ? -8.726  1.889   -10.109 1.00 30.38 ? 48  PHE A C     1 
ATOM   353 O O     . PHE A 1 48  ? -8.340  0.867   -10.711 1.00 29.04 ? 48  PHE A O     1 
ATOM   354 C CB    . PHE A 1 48  ? -8.277  1.773   -7.648  1.00 28.67 ? 48  PHE A CB    1 
ATOM   355 C CG    . PHE A 1 48  ? -8.770  1.806   -6.230  1.00 27.64 ? 48  PHE A CG    1 
ATOM   356 C CD1   . PHE A 1 48  ? -9.389  2.984   -5.779  1.00 26.32 ? 48  PHE A CD1   1 
ATOM   357 C CD2   . PHE A 1 48  ? -8.653  0.673   -5.424  1.00 26.00 ? 48  PHE A CD2   1 
ATOM   358 C CE1   . PHE A 1 48  ? -9.907  3.027   -4.497  1.00 28.14 ? 48  PHE A CE1   1 
ATOM   359 C CE2   . PHE A 1 48  ? -9.177  0.725   -4.105  1.00 26.31 ? 48  PHE A CE2   1 
ATOM   360 C CZ    . PHE A 1 48  ? -9.777  1.881   -3.659  1.00 25.86 ? 48  PHE A CZ    1 
ATOM   361 N N     . ASP A 1 49  ? -8.637  3.147   -10.506 1.00 30.86 ? 49  ASP A N     1 
ATOM   362 C CA    . ASP A 1 49  ? -7.996  3.409   -11.823 1.00 32.00 ? 49  ASP A CA    1 
ATOM   363 C C     . ASP A 1 49  ? -6.549  3.808   -11.539 1.00 31.08 ? 49  ASP A C     1 
ATOM   364 O O     . ASP A 1 49  ? -6.272  5.013   -11.563 1.00 31.93 ? 49  ASP A O     1 
ATOM   365 C CB    . ASP A 1 49  ? -8.747  4.428   -12.671 1.00 34.68 ? 49  ASP A CB    1 
ATOM   366 C CG    . ASP A 1 49  ? -10.071 3.903   -13.211 1.00 37.88 ? 49  ASP A CG    1 
ATOM   367 O OD1   . ASP A 1 49  ? -11.068 4.652   -13.017 1.00 40.63 ? 49  ASP A OD1   1 
ATOM   368 O OD2   . ASP A 1 49  ? -10.178 2.817   -13.839 1.00 38.49 ? 49  ASP A OD2   1 
ATOM   369 N N     . PHE A 1 50  ? -5.722  2.842   -11.235 1.00 30.45 ? 50  PHE A N     1 
ATOM   370 C CA    . PHE A 1 50  ? -4.306  3.100   -10.952 1.00 29.31 ? 50  PHE A CA    1 
ATOM   371 C C     . PHE A 1 50  ? -3.656  3.643   -12.226 1.00 29.47 ? 50  PHE A C     1 
ATOM   372 O O     . PHE A 1 50  ? -4.029  3.215   -13.343 1.00 29.72 ? 50  PHE A O     1 
ATOM   373 C CB    . PHE A 1 50  ? -3.664  1.763   -10.478 1.00 28.25 ? 50  PHE A CB    1 
ATOM   374 C CG    . PHE A 1 50  ? -4.145  1.266   -9.142  1.00 28.24 ? 50  PHE A CG    1 
ATOM   375 C CD1   . PHE A 1 50  ? -4.247  2.157   -8.042  1.00 27.93 ? 50  PHE A CD1   1 
ATOM   376 C CD2   . PHE A 1 50  ? -4.510  -0.081  -8.951  1.00 27.65 ? 50  PHE A CD2   1 
ATOM   377 C CE1   . PHE A 1 50  ? -4.675  1.676   -6.787  1.00 28.25 ? 50  PHE A CE1   1 
ATOM   378 C CE2   . PHE A 1 50  ? -4.940  -0.568  -7.710  1.00 27.20 ? 50  PHE A CE2   1 
ATOM   379 C CZ    . PHE A 1 50  ? -5.020  0.338   -6.611  1.00 27.33 ? 50  PHE A CZ    1 
ATOM   380 N N     . PRO A 1 51  ? -2.662  4.497   -12.109 1.00 28.92 ? 51  PRO A N     1 
ATOM   381 C CA    . PRO A 1 51  ? -1.943  5.051   -13.237 1.00 29.31 ? 51  PRO A CA    1 
ATOM   382 C C     . PRO A 1 51  ? -1.009  4.051   -13.905 1.00 29.45 ? 51  PRO A C     1 
ATOM   383 O O     . PRO A 1 51  ? -0.423  4.366   -14.962 1.00 29.72 ? 51  PRO A O     1 
ATOM   384 C CB    . PRO A 1 51  ? -1.170  6.270   -12.686 1.00 29.06 ? 51  PRO A CB    1 
ATOM   385 C CG    . PRO A 1 51  ? -1.592  6.373   -11.244 1.00 29.14 ? 51  PRO A CG    1 
ATOM   386 C CD    . PRO A 1 51  ? -2.176  5.040   -10.829 1.00 28.75 ? 51  PRO A CD    1 
ATOM   387 N N     . VAL A 1 52  ? -0.836  2.868   -13.336 1.00 29.82 ? 52  VAL A N     1 
ATOM   388 C CA    . VAL A 1 52  ? 0.047   1.854   -13.913 1.00 29.84 ? 52  VAL A CA    1 
ATOM   389 C C     . VAL A 1 52  ? -0.791  0.570   -13.994 1.00 29.86 ? 52  VAL A C     1 
ATOM   390 O O     . VAL A 1 52  ? -1.734  0.495   -13.172 1.00 29.09 ? 52  VAL A O     1 
ATOM   391 C CB    . VAL A 1 52  ? 1.394   1.651   -13.223 1.00 31.22 ? 52  VAL A CB    1 
ATOM   392 C CG1   . VAL A 1 52  ? 2.392   2.793   -13.340 1.00 30.77 ? 52  VAL A CG1   1 
ATOM   393 C CG2   . VAL A 1 52  ? 1.336   1.232   -11.751 1.00 30.60 ? 52  VAL A CG2   1 
ATOM   394 N N     . ASP A 1 53  ? -0.369  -0.272  -14.930 1.00 29.60 ? 53  ASP A N     1 
ATOM   395 C CA    . ASP A 1 53  ? -1.068  -1.568  -15.110 1.00 30.89 ? 53  ASP A CA    1 
ATOM   396 C C     . ASP A 1 53  ? -0.575  -2.534  -14.026 1.00 30.43 ? 53  ASP A C     1 
ATOM   397 O O     . ASP A 1 53  ? 0.515   -2.322  -13.494 1.00 30.58 ? 53  ASP A O     1 
ATOM   398 C CB    . ASP A 1 53  ? -0.859  -2.201  -16.480 1.00 34.08 ? 53  ASP A CB    1 
ATOM   399 C CG    . ASP A 1 53  ? -1.316  -1.307  -17.621 1.00 36.92 ? 53  ASP A CG    1 
ATOM   400 O OD1   . ASP A 1 53  ? -0.740  -1.327  -18.727 1.00 38.94 ? 53  ASP A OD1   1 
ATOM   401 O OD2   . ASP A 1 53  ? -2.279  -0.556  -17.341 1.00 38.29 ? 53  ASP A OD2   1 
ATOM   402 N N     . GLY A 1 54  ? -1.311  -3.589  -13.830 1.00 30.66 ? 54  GLY A N     1 
ATOM   403 C CA    . GLY A 1 54  ? -1.012  -4.642  -12.844 1.00 29.20 ? 54  GLY A CA    1 
ATOM   404 C C     . GLY A 1 54  ? -0.168  -5.721  -13.450 1.00 28.85 ? 54  GLY A C     1 
ATOM   405 O O     . GLY A 1 54  ? 0.440   -5.499  -14.517 1.00 30.59 ? 54  GLY A O     1 
ATOM   406 N N     . PRO A 1 55  ? 0.008   -6.869  -12.815 1.00 27.87 ? 55  PRO A N     1 
ATOM   407 C CA    . PRO A 1 55  ? -0.577  -7.197  -11.488 1.00 26.67 ? 55  PRO A CA    1 
ATOM   408 C C     . PRO A 1 55  ? -0.001  -6.317  -10.392 1.00 25.22 ? 55  PRO A C     1 
ATOM   409 O O     . PRO A 1 55  ? 1.047   -5.610  -10.516 1.00 24.91 ? 55  PRO A O     1 
ATOM   410 C CB    . PRO A 1 55  ? -0.292  -8.692  -11.374 1.00 26.81 ? 55  PRO A CB    1 
ATOM   411 C CG    . PRO A 1 55  ? 0.769   -9.056  -12.343 1.00 27.21 ? 55  PRO A CG    1 
ATOM   412 C CD    . PRO A 1 55  ? 0.822   -7.943  -13.359 1.00 27.71 ? 55  PRO A CD    1 
ATOM   413 N N     . TYR A 1 56  ? -0.732  -6.296  -9.285  1.00 24.49 ? 56  TYR A N     1 
ATOM   414 C CA    . TYR A 1 56  ? -0.382  -5.473  -8.125  1.00 23.25 ? 56  TYR A CA    1 
ATOM   415 C C     . TYR A 1 56  ? -0.075  -6.242  -6.844  1.00 23.09 ? 56  TYR A C     1 
ATOM   416 O O     . TYR A 1 56  ? -0.506  -7.392  -6.690  1.00 22.35 ? 56  TYR A O     1 
ATOM   417 C CB    . TYR A 1 56  ? -1.545  -4.491  -7.855  1.00 23.09 ? 56  TYR A CB    1 
ATOM   418 C CG    . TYR A 1 56  ? -1.992  -3.637  -9.029  1.00 24.11 ? 56  TYR A CG    1 
ATOM   419 C CD1   . TYR A 1 56  ? -1.172  -2.611  -9.561  1.00 23.81 ? 56  TYR A CD1   1 
ATOM   420 C CD2   . TYR A 1 56  ? -3.201  -3.925  -9.643  1.00 24.52 ? 56  TYR A CD2   1 
ATOM   421 C CE1   . TYR A 1 56  ? -1.620  -1.854  -10.639 1.00 24.55 ? 56  TYR A CE1   1 
ATOM   422 C CE2   . TYR A 1 56  ? -3.639  -3.211  -10.741 1.00 25.05 ? 56  TYR A CE2   1 
ATOM   423 C CZ    . TYR A 1 56  ? -2.836  -2.191  -11.244 1.00 25.61 ? 56  TYR A CZ    1 
ATOM   424 O OH    . TYR A 1 56  ? -3.340  -1.504  -12.297 1.00 24.74 ? 56  TYR A OH    1 
ATOM   425 N N     . GLN A 1 57  ? 0.635   -5.535  -5.957  1.00 23.42 ? 57  GLN A N     1 
ATOM   426 C CA    . GLN A 1 57  ? 0.994   -6.034  -4.621  1.00 23.71 ? 57  GLN A CA    1 
ATOM   427 C C     . GLN A 1 57  ? 0.640   -4.897  -3.628  1.00 23.52 ? 57  GLN A C     1 
ATOM   428 O O     . GLN A 1 57  ? 0.952   -3.753  -3.945  1.00 23.44 ? 57  GLN A O     1 
ATOM   429 C CB    . GLN A 1 57  ? 2.489   -6.337  -4.492  1.00 26.45 ? 57  GLN A CB    1 
ATOM   430 C CG    . GLN A 1 57  ? 2.959   -7.488  -5.380  1.00 28.21 ? 57  GLN A CG    1 
ATOM   431 C CD    . GLN A 1 57  ? 2.907   -8.818  -4.691  1.00 29.83 ? 57  GLN A CD    1 
ATOM   432 O OE1   . GLN A 1 57  ? 3.292   -8.988  -3.532  1.00 30.33 ? 57  GLN A OE1   1 
ATOM   433 N NE2   . GLN A 1 57  ? 2.489   -9.842  -5.430  1.00 32.48 ? 57  GLN A NE2   1 
ATOM   434 N N     . GLU A 1 58  ? 0.036   -5.262  -2.509  1.00 22.83 ? 58  GLU A N     1 
ATOM   435 C CA    . GLU A 1 58  ? -0.323  -4.308  -1.423  1.00 22.28 ? 58  GLU A CA    1 
ATOM   436 C C     . GLU A 1 58  ? 0.659   -4.473  -0.235  1.00 21.51 ? 58  GLU A C     1 
ATOM   437 O O     . GLU A 1 58  ? 1.249   -5.526  0.051   1.00 21.38 ? 58  GLU A O     1 
ATOM   438 C CB    . GLU A 1 58  ? -1.727  -4.449  -0.889  1.00 21.00 ? 58  GLU A CB    1 
ATOM   439 C CG    . GLU A 1 58  ? -2.175  -5.776  -0.267  1.00 22.29 ? 58  GLU A CG    1 
ATOM   440 C CD    . GLU A 1 58  ? -3.426  -5.743  0.580   1.00 24.32 ? 58  GLU A CD    1 
ATOM   441 O OE1   . GLU A 1 58  ? -4.503  -6.332  0.337   1.00 23.75 ? 58  GLU A OE1   1 
ATOM   442 O OE2   . GLU A 1 58  ? -3.252  -4.976  1.557   1.00 24.87 ? 58  GLU A OE2   1 
ATOM   443 N N     . PHE A 1 59  ? 0.924   -3.395  0.464   1.00 21.26 ? 59  PHE A N     1 
ATOM   444 C CA    . PHE A 1 59  ? 1.860   -3.443  1.632   1.00 21.42 ? 59  PHE A CA    1 
ATOM   445 C C     . PHE A 1 59  ? 1.362   -2.343  2.528   1.00 20.70 ? 59  PHE A C     1 
ATOM   446 O O     . PHE A 1 59  ? 0.982   -1.305  2.001   1.00 20.22 ? 59  PHE A O     1 
ATOM   447 C CB    . PHE A 1 59  ? 3.301   -3.374  1.139   1.00 20.98 ? 59  PHE A CB    1 
ATOM   448 C CG    . PHE A 1 59  ? 4.427   -3.640  2.068   1.00 20.10 ? 59  PHE A CG    1 
ATOM   449 C CD1   . PHE A 1 59  ? 4.863   -4.933  2.316   1.00 20.25 ? 59  PHE A CD1   1 
ATOM   450 C CD2   . PHE A 1 59  ? 5.053   -2.597  2.762   1.00 20.63 ? 59  PHE A CD2   1 
ATOM   451 C CE1   . PHE A 1 59  ? 5.893   -5.175  3.214   1.00 20.21 ? 59  PHE A CE1   1 
ATOM   452 C CE2   . PHE A 1 59  ? 6.054   -2.847  3.694   1.00 19.90 ? 59  PHE A CE2   1 
ATOM   453 C CZ    . PHE A 1 59  ? 6.495   -4.145  3.938   1.00 19.02 ? 59  PHE A CZ    1 
ATOM   454 N N     . PRO A 1 60  ? 1.388   -2.579  3.836   1.00 21.45 ? 60  PRO A N     1 
ATOM   455 C CA    . PRO A 1 60  ? 0.934   -1.595  4.811   1.00 21.23 ? 60  PRO A CA    1 
ATOM   456 C C     . PRO A 1 60  ? 1.836   -0.391  4.821   1.00 20.99 ? 60  PRO A C     1 
ATOM   457 O O     . PRO A 1 60  ? 3.026   -0.454  4.536   1.00 22.19 ? 60  PRO A O     1 
ATOM   458 C CB    . PRO A 1 60  ? 1.030   -2.299  6.151   1.00 20.86 ? 60  PRO A CB    1 
ATOM   459 C CG    . PRO A 1 60  ? 1.020   -3.771  5.819   1.00 21.12 ? 60  PRO A CG    1 
ATOM   460 C CD    . PRO A 1 60  ? 1.845   -3.833  4.509   1.00 21.28 ? 60  PRO A CD    1 
ATOM   461 N N     . ILE A 1 61  ? 1.258   0.707   5.162   1.00 21.33 ? 61  ILE A N     1 
ATOM   462 C CA    . ILE A 1 61  ? 2.007   1.954   5.347   1.00 22.22 ? 61  ILE A CA    1 
ATOM   463 C C     . ILE A 1 61  ? 1.550   2.406   6.739   1.00 23.23 ? 61  ILE A C     1 
ATOM   464 O O     . ILE A 1 61  ? 0.343   2.100   6.979   1.00 23.48 ? 61  ILE A O     1 
ATOM   465 C CB    . ILE A 1 61  ? 1.824   3.031   4.226   1.00 22.35 ? 61  ILE A CB    1 
ATOM   466 C CG1   . ILE A 1 61  ? 2.806   4.186   4.496   1.00 19.61 ? 61  ILE A CG1   1 
ATOM   467 C CG2   . ILE A 1 61  ? 0.317   3.419   4.079   1.00 20.35 ? 61  ILE A CG2   1 
ATOM   468 C CD1   . ILE A 1 61  ? 2.711   5.367   3.507   1.00 20.30 ? 61  ILE A CD1   1 
ATOM   469 N N     . LYS A 1 62  ? 2.443   3.015   7.505   1.00 24.27 ? 62  LYS A N     1 
ATOM   470 C CA    . LYS A 1 62  ? 2.008   3.462   8.866   1.00 24.99 ? 62  LYS A CA    1 
ATOM   471 C C     . LYS A 1 62  ? 2.913   4.571   9.338   1.00 24.59 ? 62  LYS A C     1 
ATOM   472 O O     . LYS A 1 62  ? 3.978   4.778   8.744   1.00 24.77 ? 62  LYS A O     1 
ATOM   473 C CB    . LYS A 1 62  ? 2.136   2.276   9.836   1.00 25.53 ? 62  LYS A CB    1 
ATOM   474 C CG    . LYS A 1 62  ? 3.577   1.730   9.676   1.00 29.26 ? 62  LYS A CG    1 
ATOM   475 C CD    . LYS A 1 62  ? 3.854   0.539   10.518  1.00 32.28 ? 62  LYS A CD    1 
ATOM   476 C CE    . LYS A 1 62  ? 4.833   0.802   11.682  1.00 34.68 ? 62  LYS A CE    1 
ATOM   477 N NZ    . LYS A 1 62  ? 4.518   -0.363  12.637  1.00 36.77 ? 62  LYS A NZ    1 
ATOM   478 N N     . SER A 1 63  ? 2.513   5.269   10.367  1.00 25.93 ? 63  SER A N     1 
ATOM   479 C CA    . SER A 1 63  ? 3.397   6.381   10.902  1.00 27.49 ? 63  SER A CA    1 
ATOM   480 C C     . SER A 1 63  ? 4.507   5.694   11.670  1.00 27.98 ? 63  SER A C     1 
ATOM   481 O O     . SER A 1 63  ? 4.381   4.462   11.973  1.00 28.17 ? 63  SER A O     1 
ATOM   482 C CB    . SER A 1 63  ? 2.577   7.194   11.897  1.00 28.62 ? 63  SER A CB    1 
ATOM   483 O OG    . SER A 1 63  ? 1.256   7.407   11.323  1.00 33.52 ? 63  SER A OG    1 
ATOM   484 N N     . GLY A 1 64  ? 5.589   6.349   11.992  1.00 28.33 ? 64  GLY A N     1 
ATOM   485 C CA    . GLY A 1 64  ? 6.623   5.700   12.811  1.00 28.21 ? 64  GLY A CA    1 
ATOM   486 C C     . GLY A 1 64  ? 7.526   4.707   12.259  1.00 28.29 ? 64  GLY A C     1 
ATOM   487 O O     . GLY A 1 64  ? 8.273   4.041   13.052  1.00 29.35 ? 64  GLY A O     1 
ATOM   488 N N     . GLY A 1 65  ? 7.554   4.458   10.984  1.00 28.33 ? 65  GLY A N     1 
ATOM   489 C CA    . GLY A 1 65  ? 8.477   3.523   10.307  1.00 26.84 ? 65  GLY A CA    1 
ATOM   490 C C     . GLY A 1 65  ? 7.782   2.543   9.377   1.00 25.81 ? 65  GLY A C     1 
ATOM   491 O O     . GLY A 1 65  ? 6.579   2.467   9.294   1.00 25.89 ? 65  GLY A O     1 
ATOM   492 N N     . VAL A 1 66  ? 8.598   1.771   8.727   1.00 25.56 ? 67  VAL A N     1 
ATOM   493 C CA    . VAL A 1 66  ? 8.235   0.729   7.754   1.00 25.28 ? 67  VAL A CA    1 
ATOM   494 C C     . VAL A 1 66  ? 7.687   -0.471  8.494   1.00 25.36 ? 67  VAL A C     1 
ATOM   495 O O     . VAL A 1 66  ? 8.257   -0.902  9.522   1.00 25.52 ? 67  VAL A O     1 
ATOM   496 C CB    . VAL A 1 66  ? 9.463   0.471   6.881   1.00 24.82 ? 67  VAL A CB    1 
ATOM   497 C CG1   . VAL A 1 66  ? 9.335   -0.767  6.018   1.00 26.18 ? 67  VAL A CG1   1 
ATOM   498 C CG2   . VAL A 1 66  ? 9.845   1.714   6.056   1.00 24.52 ? 67  VAL A CG2   1 
ATOM   499 N N     . TYR A 1 67  ? 6.544   -0.934  8.044   1.00 25.32 ? 68  TYR A N     1 
ATOM   500 C CA    . TYR A 1 67  ? 5.857   -2.115  8.610   1.00 24.80 ? 68  TYR A CA    1 
ATOM   501 C C     . TYR A 1 67  ? 6.826   -3.276  8.728   1.00 25.85 ? 68  TYR A C     1 
ATOM   502 O O     . TYR A 1 67  ? 7.637   -3.562  7.810   1.00 26.07 ? 68  TYR A O     1 
ATOM   503 C CB    . TYR A 1 67  ? 4.687   -2.434  7.664   1.00 22.17 ? 68  TYR A CB    1 
ATOM   504 C CG    . TYR A 1 67  ? 3.985   -3.715  8.034   1.00 19.64 ? 68  TYR A CG    1 
ATOM   505 C CD1   . TYR A 1 67  ? 4.281   -4.887  7.334   1.00 20.15 ? 68  TYR A CD1   1 
ATOM   506 C CD2   . TYR A 1 67  ? 3.050   -3.761  9.038   1.00 18.20 ? 68  TYR A CD2   1 
ATOM   507 C CE1   . TYR A 1 67  ? 3.637   -6.089  7.642   1.00 18.93 ? 68  TYR A CE1   1 
ATOM   508 C CE2   . TYR A 1 67  ? 2.442   -4.960  9.400   1.00 19.53 ? 68  TYR A CE2   1 
ATOM   509 C CZ    . TYR A 1 67  ? 2.716   -6.104  8.664   1.00 19.45 ? 68  TYR A CZ    1 
ATOM   510 O OH    . TYR A 1 67  ? 2.066   -7.259  9.021   1.00 20.95 ? 68  TYR A OH    1 
ATOM   511 N N     . THR A 1 68  ? 6.760   -3.999  9.831   1.00 27.52 ? 69  THR A N     1 
ATOM   512 C CA    . THR A 1 68  ? 7.651   -5.149  10.056  1.00 29.12 ? 69  THR A CA    1 
ATOM   513 C C     . THR A 1 68  ? 6.919   -6.433  10.394  1.00 28.88 ? 69  THR A C     1 
ATOM   514 O O     . THR A 1 68  ? 7.573   -7.486  10.378  1.00 29.85 ? 69  THR A O     1 
ATOM   515 C CB    . THR A 1 68  ? 8.732   -4.873  11.166  1.00 31.61 ? 69  THR A CB    1 
ATOM   516 O OG1   . THR A 1 68  ? 9.346   -3.595  10.784  1.00 34.54 ? 69  THR A OG1   1 
ATOM   517 C CG2   . THR A 1 68  ? 9.840   -5.947  11.117  1.00 34.59 ? 69  THR A CG2   1 
ATOM   518 N N     . GLY A 1 69  ? 5.656   -6.386  10.635  1.00 27.67 ? 70  GLY A N     1 
ATOM   519 C CA    . GLY A 1 69  ? 4.828   -7.548  10.957  1.00 27.98 ? 70  GLY A CA    1 
ATOM   520 C C     . GLY A 1 69  ? 3.781   -7.064  12.002  1.00 27.54 ? 70  GLY A C     1 
ATOM   521 O O     . GLY A 1 69  ? 3.875   -5.905  12.417  1.00 27.46 ? 70  GLY A O     1 
ATOM   522 N N     . GLY A 1 70  ? 2.847   -7.953  12.314  1.00 27.95 ? 71  GLY A N     1 
ATOM   523 C CA    . GLY A 1 70  ? 1.784   -7.637  13.294  1.00 28.14 ? 71  GLY A CA    1 
ATOM   524 C C     . GLY A 1 70  ? 0.638   -6.957  12.555  1.00 28.26 ? 71  GLY A C     1 
ATOM   525 O O     . GLY A 1 70  ? 0.487   -7.141  11.340  1.00 28.33 ? 71  GLY A O     1 
ATOM   526 N N     . SER A 1 71  ? -0.119  -6.207  13.304  1.00 28.40 ? 72  SER A N     1 
ATOM   527 C CA    . SER A 1 71  ? -1.290  -5.498  12.777  1.00 29.13 ? 72  SER A CA    1 
ATOM   528 C C     . SER A 1 71  ? -0.845  -4.474  11.737  1.00 28.16 ? 72  SER A C     1 
ATOM   529 O O     . SER A 1 71  ? -0.005  -3.627  12.039  1.00 27.36 ? 72  SER A O     1 
ATOM   530 C CB    . SER A 1 71  ? -2.031  -4.939  13.979  1.00 32.98 ? 72  SER A CB    1 
ATOM   531 O OG    . SER A 1 71  ? -3.371  -4.561  13.634  1.00 37.11 ? 72  SER A OG    1 
ATOM   532 N N     . PRO A 1 72  ? -1.406  -4.586  10.516  1.00 26.83 ? 73  PRO A N     1 
ATOM   533 C CA    . PRO A 1 72  ? -1.036  -3.710  9.402   1.00 25.61 ? 73  PRO A CA    1 
ATOM   534 C C     . PRO A 1 72  ? -1.684  -2.363  9.486   1.00 25.22 ? 73  PRO A C     1 
ATOM   535 O O     . PRO A 1 72  ? -1.205  -1.374  8.915   1.00 25.18 ? 73  PRO A O     1 
ATOM   536 C CB    . PRO A 1 72  ? -1.435  -4.529  8.171   1.00 25.30 ? 73  PRO A CB    1 
ATOM   537 C CG    . PRO A 1 72  ? -2.667  -5.324  8.609   1.00 26.00 ? 73  PRO A CG    1 
ATOM   538 C CD    . PRO A 1 72  ? -2.403  -5.593  10.108  1.00 26.42 ? 73  PRO A CD    1 
ATOM   539 N N     . GLY A 1 73  ? -2.768  -2.280  10.302  1.00 24.90 ? 74  GLY A N     1 
ATOM   540 C CA    . GLY A 1 73  ? -3.449  -0.958  10.384  1.00 24.28 ? 74  GLY A CA    1 
ATOM   541 C C     . GLY A 1 73  ? -4.425  -0.851  9.203   1.00 24.41 ? 74  GLY A C     1 
ATOM   542 O O     . GLY A 1 73  ? -4.690  -1.863  8.542   1.00 24.11 ? 74  GLY A O     1 
ATOM   543 N N     . ALA A 1 74  ? -4.888  0.361   8.936   1.00 24.61 ? 75  ALA A N     1 
ATOM   544 C CA    . ALA A 1 74  ? -5.872  0.638   7.902   1.00 25.05 ? 75  ALA A CA    1 
ATOM   545 C C     . ALA A 1 74  ? -5.418  0.932   6.486   1.00 24.88 ? 75  ALA A C     1 
ATOM   546 O O     . ALA A 1 74  ? -6.179  0.684   5.523   1.00 24.87 ? 75  ALA A O     1 
ATOM   547 C CB    . ALA A 1 74  ? -6.700  1.883   8.356   1.00 26.39 ? 75  ALA A CB    1 
ATOM   548 N N     . ASP A 1 75  ? -4.198  1.419   6.427   1.00 25.23 ? 76  ASP A N     1 
ATOM   549 C CA    . ASP A 1 75  ? -3.520  1.890   5.228   1.00 24.90 ? 76  ASP A CA    1 
ATOM   550 C C     . ASP A 1 75  ? -2.588  0.924   4.549   1.00 23.79 ? 76  ASP A C     1 
ATOM   551 O O     . ASP A 1 75  ? -1.879  0.108   5.154   1.00 24.72 ? 76  ASP A O     1 
ATOM   552 C CB    . ASP A 1 75  ? -2.891  3.266   5.518   1.00 24.85 ? 76  ASP A CB    1 
ATOM   553 C CG    . ASP A 1 75  ? -3.696  4.100   6.463   1.00 27.51 ? 76  ASP A CG    1 
ATOM   554 O OD1   . ASP A 1 75  ? -4.944  4.164   6.434   1.00 28.28 ? 76  ASP A OD1   1 
ATOM   555 O OD2   . ASP A 1 75  ? -3.038  4.780   7.318   1.00 28.28 ? 76  ASP A OD2   1 
ATOM   556 N N     . ARG A 1 76  ? -2.539  1.121   3.228   1.00 23.54 ? 77  ARG A N     1 
ATOM   557 C CA    . ARG A 1 76  ? -1.712  0.335   2.314   1.00 22.77 ? 77  ARG A CA    1 
ATOM   558 C C     . ARG A 1 76  ? -1.166  1.104   1.122   1.00 22.08 ? 77  ARG A C     1 
ATOM   559 O O     . ARG A 1 76  ? -1.784  2.057   0.703   1.00 21.57 ? 77  ARG A O     1 
ATOM   560 C CB    . ARG A 1 76  ? -2.539  -0.819  1.694   1.00 23.96 ? 77  ARG A CB    1 
ATOM   561 C CG    . ARG A 1 76  ? -3.209  -1.777  2.620   1.00 24.83 ? 77  ARG A CG    1 
ATOM   562 C CD    . ARG A 1 76  ? -2.243  -2.809  3.228   1.00 25.06 ? 77  ARG A CD    1 
ATOM   563 N NE    . ARG A 1 76  ? -3.059  -3.622  4.123   1.00 24.94 ? 77  ARG A NE    1 
ATOM   564 C CZ    . ARG A 1 76  ? -3.677  -3.312  5.249   1.00 23.70 ? 77  ARG A CZ    1 
ATOM   565 N NH1   . ARG A 1 76  ? -3.657  -2.197  5.946   1.00 22.87 ? 77  ARG A NH1   1 
ATOM   566 N NH2   . ARG A 1 76  ? -4.637  -4.202  5.607   1.00 25.64 ? 77  ARG A NH2   1 
ATOM   567 N N     . VAL A 1 77  ? -0.016  0.625   0.679   1.00 21.25 ? 78  VAL A N     1 
ATOM   568 C CA    . VAL A 1 77  ? 0.610   1.138   -0.547  1.00 21.57 ? 78  VAL A CA    1 
ATOM   569 C C     . VAL A 1 77  ? 0.400   0.023   -1.602  1.00 21.54 ? 78  VAL A C     1 
ATOM   570 O O     . VAL A 1 77  ? 0.404   -1.191  -1.233  1.00 22.25 ? 78  VAL A O     1 
ATOM   571 C CB    . VAL A 1 77  ? 2.064   1.564   -0.495  1.00 20.23 ? 78  VAL A CB    1 
ATOM   572 C CG1   . VAL A 1 77  ? 2.261   2.989   0.030   1.00 20.60 ? 78  VAL A CG1   1 
ATOM   573 C CG2   . VAL A 1 77  ? 2.904   0.524   0.182   1.00 19.48 ? 78  VAL A CG2   1 
ATOM   574 N N     . VAL A 1 78  ? 0.192   0.429   -2.846  1.00 20.78 ? 79  VAL A N     1 
ATOM   575 C CA    . VAL A 1 78  ? 0.018   -0.548  -3.945  1.00 20.04 ? 79  VAL A CA    1 
ATOM   576 C C     . VAL A 1 78  ? 1.073   -0.181  -5.004  1.00 19.85 ? 79  VAL A C     1 
ATOM   577 O O     . VAL A 1 78  ? 1.292   0.947   -5.366  1.00 18.77 ? 79  VAL A O     1 
ATOM   578 C CB    . VAL A 1 78  ? -1.406  -0.634  -4.450  1.00 19.94 ? 79  VAL A CB    1 
ATOM   579 C CG1   . VAL A 1 78  ? -1.631  -1.767  -5.453  1.00 18.84 ? 79  VAL A CG1   1 
ATOM   580 C CG2   . VAL A 1 78  ? -2.466  -0.658  -3.398  1.00 18.95 ? 79  VAL A CG2   1 
ATOM   581 N N     . ILE A 1 79  ? 1.782   -1.170  -5.457  1.00 20.93 ? 80  ILE A N     1 
ATOM   582 C CA    . ILE A 1 79  ? 2.831   -1.109  -6.461  1.00 22.63 ? 80  ILE A CA    1 
ATOM   583 C C     . ILE A 1 79  ? 2.484   -2.197  -7.503  1.00 24.02 ? 80  ILE A C     1 
ATOM   584 O O     . ILE A 1 79  ? 1.673   -3.084  -7.196  1.00 24.58 ? 80  ILE A O     1 
ATOM   585 C CB    . ILE A 1 79  ? 4.289   -1.264  -5.906  1.00 21.25 ? 80  ILE A CB    1 
ATOM   586 C CG1   . ILE A 1 79  ? 4.562   -2.688  -5.343  1.00 20.07 ? 80  ILE A CG1   1 
ATOM   587 C CG2   . ILE A 1 79  ? 4.829   -0.189  -4.925  1.00 20.08 ? 80  ILE A CG2   1 
ATOM   588 C CD1   . ILE A 1 79  ? 6.107   -2.927  -5.213  1.00 21.66 ? 80  ILE A CD1   1 
ATOM   589 N N     . ASN A 1 80  ? 3.114   -2.147  -8.679  1.00 24.84 ? 81  ASN A N     1 
ATOM   590 C CA    . ASN A 1 80  ? 2.796   -3.280  -9.641  1.00 25.58 ? 81  ASN A CA    1 
ATOM   591 C C     . ASN A 1 80  ? 4.053   -4.180  -9.535  1.00 26.07 ? 81  ASN A C     1 
ATOM   592 O O     . ASN A 1 80  ? 4.977   -3.786  -8.792  1.00 26.07 ? 81  ASN A O     1 
ATOM   593 C CB    . ASN A 1 80  ? 2.481   -2.739  -10.992 1.00 24.78 ? 81  ASN A CB    1 
ATOM   594 C CG    . ASN A 1 80  ? 3.603   -2.031  -11.746 1.00 24.60 ? 81  ASN A CG    1 
ATOM   595 O OD1   . ASN A 1 80  ? 4.810   -1.882  -11.411 1.00 24.68 ? 81  ASN A OD1   1 
ATOM   596 N ND2   . ASN A 1 80  ? 3.186   -1.466  -12.866 1.00 24.03 ? 81  ASN A ND2   1 
ATOM   597 N N     . THR A 1 81  ? 4.099   -5.287  -10.210 1.00 25.42 ? 82  THR A N     1 
ATOM   598 C CA    . THR A 1 81  ? 5.225   -6.205  -10.203 1.00 26.28 ? 82  THR A CA    1 
ATOM   599 C C     . THR A 1 81  ? 6.501   -5.715  -10.853 1.00 26.37 ? 82  THR A C     1 
ATOM   600 O O     . THR A 1 81  ? 7.496   -6.417  -10.851 1.00 25.82 ? 82  THR A O     1 
ATOM   601 C CB    . THR A 1 81  ? 4.773   -7.625  -10.727 1.00 27.15 ? 82  THR A CB    1 
ATOM   602 O OG1   . THR A 1 81  ? 4.167   -7.449  -12.028 1.00 28.24 ? 82  THR A OG1   1 
ATOM   603 C CG2   . THR A 1 81  ? 3.657   -8.186  -9.822  1.00 29.49 ? 82  THR A CG2   1 
ATOM   604 N N     . ASN A 1 82  ? 6.518   -4.480  -11.342 1.00 27.59 ? 83  ASN A N     1 
ATOM   605 C CA    . ASN A 1 82  ? 7.589   -3.711  -11.982 1.00 26.71 ? 83  ASN A CA    1 
ATOM   606 C C     . ASN A 1 82  ? 8.163   -2.683  -11.012 1.00 27.76 ? 83  ASN A C     1 
ATOM   607 O O     . ASN A 1 82  ? 9.032   -1.825  -11.297 1.00 28.46 ? 83  ASN A O     1 
ATOM   608 C CB    . ASN A 1 82  ? 7.022   -3.015  -13.241 1.00 25.46 ? 83  ASN A CB    1 
ATOM   609 C CG    . ASN A 1 82  ? 6.767   -3.997  -14.376 1.00 24.37 ? 83  ASN A CG    1 
ATOM   610 O OD1   . ASN A 1 82  ? 7.353   -5.105  -14.401 1.00 23.43 ? 83  ASN A OD1   1 
ATOM   611 N ND2   . ASN A 1 82  ? 5.951   -3.582  -15.324 1.00 23.59 ? 83  ASN A ND2   1 
ATOM   612 N N     . CYS A 1 83  ? 7.603   -2.708  -9.807  1.00 27.54 ? 84  CYS A N     1 
ATOM   613 C CA    . CYS A 1 83  ? 7.930   -1.871  -8.675  1.00 27.65 ? 84  CYS A CA    1 
ATOM   614 C C     . CYS A 1 83  ? 7.547   -0.432  -8.980  1.00 27.46 ? 84  CYS A C     1 
ATOM   615 O O     . CYS A 1 83  ? 8.181   0.479   -8.490  1.00 27.58 ? 84  CYS A O     1 
ATOM   616 C CB    . CYS A 1 83  ? 9.370   -2.026  -8.211  1.00 27.94 ? 84  CYS A CB    1 
ATOM   617 S SG    . CYS A 1 83  ? 9.744   -3.659  -7.358  1.00 28.44 ? 84  CYS A SG    1 
ATOM   618 N N     . GLU A 1 84  ? 6.481   -0.268  -9.750  1.00 27.80 ? 85  GLU A N     1 
ATOM   619 C CA    . GLU A 1 84  ? 5.989   1.074   -10.101 1.00 27.62 ? 85  GLU A CA    1 
ATOM   620 C C     . GLU A 1 84  ? 4.872   1.390   -9.126  1.00 27.60 ? 85  GLU A C     1 
ATOM   621 O O     . GLU A 1 84  ? 4.062   0.484   -8.798  1.00 28.73 ? 85  GLU A O     1 
ATOM   622 C CB    . GLU A 1 84  ? 5.562   1.204   -11.548 1.00 27.80 ? 85  GLU A CB    1 
ATOM   623 C CG    . GLU A 1 84  ? 6.683   0.914   -12.615 1.00 27.21 ? 85  GLU A CG    1 
ATOM   624 C CD    . GLU A 1 84  ? 6.214   1.247   -14.004 1.00 26.80 ? 85  GLU A CD    1 
ATOM   625 O OE1   . GLU A 1 84  ? 6.599   2.214   -14.658 1.00 27.38 ? 85  GLU A OE1   1 
ATOM   626 O OE2   . GLU A 1 84  ? 5.290   0.511   -14.370 1.00 26.08 ? 85  GLU A OE2   1 
ATOM   627 N N     . TYR A 1 85  ? 4.884   2.603   -8.633  1.00 27.51 ? 86  TYR A N     1 
ATOM   628 C CA    . TYR A 1 85  ? 3.874   3.070   -7.637  1.00 27.05 ? 86  TYR A CA    1 
ATOM   629 C C     . TYR A 1 85  ? 2.514   3.200   -8.259  1.00 27.10 ? 86  TYR A C     1 
ATOM   630 O O     . TYR A 1 85  ? 2.419   3.868   -9.311  1.00 27.83 ? 86  TYR A O     1 
ATOM   631 C CB    . TYR A 1 85  ? 4.396   4.354   -6.997  1.00 25.44 ? 86  TYR A CB    1 
ATOM   632 C CG    . TYR A 1 85  ? 3.444   4.889   -5.945  1.00 24.16 ? 86  TYR A CG    1 
ATOM   633 C CD1   . TYR A 1 85  ? 2.742   6.054   -6.153  1.00 23.23 ? 86  TYR A CD1   1 
ATOM   634 C CD2   . TYR A 1 85  ? 3.222   4.156   -4.770  1.00 23.61 ? 86  TYR A CD2   1 
ATOM   635 C CE1   . TYR A 1 85  ? 1.818   6.504   -5.198  1.00 23.88 ? 86  TYR A CE1   1 
ATOM   636 C CE2   . TYR A 1 85  ? 2.295   4.563   -3.836  1.00 22.34 ? 86  TYR A CE2   1 
ATOM   637 C CZ    . TYR A 1 85  ? 1.629   5.759   -4.029  1.00 23.11 ? 86  TYR A CZ    1 
ATOM   638 O OH    . TYR A 1 85  ? 0.765   6.228   -3.056  1.00 23.28 ? 86  TYR A OH    1 
ATOM   639 N N     . ALA A 1 86  ? 1.486   2.577   -7.730  1.00 26.44 ? 87  ALA A N     1 
ATOM   640 C CA    . ALA A 1 86  ? 0.113   2.576   -8.244  1.00 25.05 ? 87  ALA A CA    1 
ATOM   641 C C     . ALA A 1 86  ? -0.757  3.493   -7.416  1.00 25.61 ? 87  ALA A C     1 
ATOM   642 O O     . ALA A 1 86  ? -1.568  4.286   -7.947  1.00 25.89 ? 87  ALA A O     1 
ATOM   643 C CB    . ALA A 1 86  ? -0.461  1.160   -8.234  1.00 24.92 ? 87  ALA A CB    1 
ATOM   644 N N     . GLY A 1 87  ? -0.595  3.420   -6.099  1.00 25.22 ? 88  GLY A N     1 
ATOM   645 C CA    . GLY A 1 87  ? -1.392  4.296   -5.234  1.00 24.91 ? 88  GLY A CA    1 
ATOM   646 C C     . GLY A 1 87  ? -1.454  3.842   -3.789  1.00 24.89 ? 88  GLY A C     1 
ATOM   647 O O     . GLY A 1 87  ? -0.716  2.978   -3.362  1.00 23.68 ? 88  GLY A O     1 
ATOM   648 N N     . ALA A 1 88  ? -2.287  4.591   -3.062  1.00 25.11 ? 89  ALA A N     1 
ATOM   649 C CA    . ALA A 1 88  ? -2.533  4.364   -1.640  1.00 24.90 ? 89  ALA A CA    1 
ATOM   650 C C     . ALA A 1 88  ? -4.051  4.262   -1.407  1.00 25.46 ? 89  ALA A C     1 
ATOM   651 O O     . ALA A 1 88  ? -4.868  5.039   -1.852  1.00 25.03 ? 89  ALA A O     1 
ATOM   652 C CB    . ALA A 1 88  ? -1.864  5.418   -0.816  1.00 23.13 ? 89  ALA A CB    1 
ATOM   653 N N     . ILE A 1 89  ? -4.385  3.215   -0.639  1.00 25.89 ? 90  ILE A N     1 
ATOM   654 C CA    . ILE A 1 89  ? -5.722  2.808   -0.244  1.00 26.18 ? 90  ILE A CA    1 
ATOM   655 C C     . ILE A 1 89  ? -5.837  2.583   1.274   1.00 26.87 ? 90  ILE A C     1 
ATOM   656 O O     . ILE A 1 89  ? -4.831  2.485   1.961   1.00 27.35 ? 90  ILE A O     1 
ATOM   657 C CB    . ILE A 1 89  ? -6.173  1.584   -1.087  1.00 23.92 ? 90  ILE A CB    1 
ATOM   658 C CG1   . ILE A 1 89  ? -5.325  0.383   -0.632  1.00 21.67 ? 90  ILE A CG1   1 
ATOM   659 C CG2   . ILE A 1 89  ? -6.000  2.026   -2.577  1.00 25.79 ? 90  ILE A CG2   1 
ATOM   660 C CD1   . ILE A 1 89  ? -5.466  -0.859  -1.482  1.00 19.49 ? 90  ILE A CD1   1 
ATOM   661 N N     . THR A 1 90  ? -7.057  2.649   1.727   1.00 27.03 ? 91  THR A N     1 
ATOM   662 C CA    . THR A 1 90  ? -7.390  2.555   3.139   1.00 28.02 ? 91  THR A CA    1 
ATOM   663 C C     . THR A 1 90  ? -8.736  1.947   3.465   1.00 29.16 ? 91  THR A C     1 
ATOM   664 O O     . THR A 1 90  ? -9.791  2.039   2.759   1.00 29.84 ? 91  THR A O     1 
ATOM   665 C CB    . THR A 1 90  ? -7.268  4.053   3.759   1.00 27.26 ? 91  THR A CB    1 
ATOM   666 O OG1   . THR A 1 90  ? -7.357  3.801   5.189   1.00 25.72 ? 91  THR A OG1   1 
ATOM   667 C CG2   . THR A 1 90  ? -8.385  5.012   3.266   1.00 26.72 ? 91  THR A CG2   1 
ATOM   668 N N     . HIS A 1 91  ? -8.722  1.267   4.640   1.00 29.23 ? 92  HIS A N     1 
ATOM   669 C CA    . HIS A 1 91  ? -10.002 0.689   5.122   1.00 28.81 ? 92  HIS A CA    1 
ATOM   670 C C     . HIS A 1 91  ? -10.807 1.834   5.783   1.00 29.51 ? 92  HIS A C     1 
ATOM   671 O O     . HIS A 1 91  ? -12.041 1.695   5.908   1.00 29.83 ? 92  HIS A O     1 
ATOM   672 C CB    . HIS A 1 91  ? -9.778  -0.416  6.143   1.00 24.53 ? 92  HIS A CB    1 
ATOM   673 C CG    . HIS A 1 91  ? -9.318  -1.691  5.551   1.00 22.58 ? 92  HIS A CG    1 
ATOM   674 N ND1   . HIS A 1 91  ? -10.072 -2.443  4.685   1.00 22.06 ? 92  HIS A ND1   1 
ATOM   675 C CD2   . HIS A 1 91  ? -8.152  -2.336  5.716   1.00 22.61 ? 92  HIS A CD2   1 
ATOM   676 C CE1   . HIS A 1 91  ? -9.430  -3.538  4.358   1.00 21.47 ? 92  HIS A CE1   1 
ATOM   677 N NE2   . HIS A 1 91  ? -8.268  -3.492  4.970   1.00 23.47 ? 92  HIS A NE2   1 
ATOM   678 N N     . THR A 1 92  ? -10.136 2.906   6.158   1.00 30.56 ? 93  THR A N     1 
ATOM   679 C CA    . THR A 1 92  ? -10.859 4.024   6.839   1.00 31.88 ? 93  THR A CA    1 
ATOM   680 C C     . THR A 1 92  ? -11.866 4.695   5.920   1.00 33.58 ? 93  THR A C     1 
ATOM   681 O O     . THR A 1 92  ? -11.463 5.219   4.880   1.00 33.39 ? 93  THR A O     1 
ATOM   682 C CB    . THR A 1 92  ? -9.830  5.072   7.400   1.00 31.14 ? 93  THR A CB    1 
ATOM   683 O OG1   . THR A 1 92  ? -8.928  4.238   8.203   1.00 31.37 ? 93  THR A OG1   1 
ATOM   684 C CG2   . THR A 1 92  ? -10.444 6.267   8.132   1.00 29.91 ? 93  THR A CG2   1 
ATOM   685 N N     . GLY A 1 93  ? -13.119 4.678   6.324   1.00 35.42 ? 94  GLY A N     1 
ATOM   686 C CA    . GLY A 1 93  ? -14.244 5.235   5.603   1.00 36.79 ? 94  GLY A CA    1 
ATOM   687 C C     . GLY A 1 93  ? -14.859 4.191   4.677   1.00 37.94 ? 94  GLY A C     1 
ATOM   688 O O     . GLY A 1 93  ? -15.728 4.533   3.832   1.00 38.63 ? 94  GLY A O     1 
ATOM   689 N N     . ALA A 1 94  ? -14.413 2.969   4.827   1.00 38.43 ? 95  ALA A N     1 
ATOM   690 C CA    . ALA A 1 94  ? -14.926 1.888   3.964   1.00 40.02 ? 95  ALA A CA    1 
ATOM   691 C C     . ALA A 1 94  ? -15.728 0.915   4.819   1.00 41.50 ? 95  ALA A C     1 
ATOM   692 O O     . ALA A 1 94  ? -15.742 1.083   6.047   1.00 41.95 ? 95  ALA A O     1 
ATOM   693 C CB    . ALA A 1 94  ? -13.782 1.228   3.251   1.00 40.21 ? 95  ALA A CB    1 
ATOM   694 N N     . SER A 1 95  ? -16.359 -0.059  4.197   1.00 42.52 ? 96  SER A N     1 
ATOM   695 C CA    . SER A 1 95  ? -17.157 -1.014  4.949   1.00 44.01 ? 96  SER A CA    1 
ATOM   696 C C     . SER A 1 95  ? -16.618 -2.410  4.666   1.00 44.49 ? 96  SER A C     1 
ATOM   697 O O     . SER A 1 95  ? -16.248 -2.717  3.535   1.00 44.92 ? 96  SER A O     1 
ATOM   698 C CB    . SER A 1 95  ? -18.619 -1.021  4.497   1.00 46.67 ? 96  SER A CB    1 
ATOM   699 O OG    . SER A 1 95  ? -18.646 -1.625  3.168   1.00 49.46 ? 96  SER A OG    1 
ATOM   700 N N     . GLY A 1 96  ? -16.680 -3.187  5.737   1.00 44.62 ? 97  GLY A N     1 
ATOM   701 C CA    . GLY A 1 96  ? -16.229 -4.580  5.625   1.00 44.25 ? 97  GLY A CA    1 
ATOM   702 C C     . GLY A 1 96  ? -14.719 -4.563  5.369   1.00 43.88 ? 97  GLY A C     1 
ATOM   703 O O     . GLY A 1 96  ? -13.987 -3.791  6.032   1.00 44.68 ? 97  GLY A O     1 
ATOM   704 N N     . ASN A 1 97  ? -14.353 -5.397  4.423   1.00 42.54 ? 98  ASN A N     1 
ATOM   705 C CA    . ASN A 1 97  ? -12.935 -5.519  4.090   1.00 42.02 ? 98  ASN A CA    1 
ATOM   706 C C     . ASN A 1 97  ? -12.572 -4.776  2.819   1.00 40.28 ? 98  ASN A C     1 
ATOM   707 O O     . ASN A 1 97  ? -11.525 -5.098  2.224   1.00 40.56 ? 98  ASN A O     1 
ATOM   708 C CB    . ASN A 1 97  ? -12.539 -7.012  4.119   1.00 44.33 ? 98  ASN A CB    1 
ATOM   709 C CG    . ASN A 1 97  ? -12.205 -7.299  5.607   1.00 46.07 ? 98  ASN A CG    1 
ATOM   710 O OD1   . ASN A 1 97  ? -13.080 -7.849  6.304   1.00 45.27 ? 98  ASN A OD1   1 
ATOM   711 N ND2   . ASN A 1 97  ? -10.968 -6.784  5.862   1.00 46.30 ? 98  ASN A ND2   1 
ATOM   712 N N     . ASN A 1 98  ? -13.434 -3.835  2.525   1.00 37.95 ? 99  ASN A N     1 
ATOM   713 C CA    . ASN A 1 98  ? -13.275 -2.984  1.365   1.00 35.36 ? 99  ASN A CA    1 
ATOM   714 C C     . ASN A 1 98  ? -12.257 -1.871  1.654   1.00 33.18 ? 99  ASN A C     1 
ATOM   715 O O     . ASN A 1 98  ? -12.093 -1.399  2.783   1.00 32.74 ? 99  ASN A O     1 
ATOM   716 C CB    . ASN A 1 98  ? -14.613 -2.315  1.060   1.00 37.83 ? 99  ASN A CB    1 
ATOM   717 C CG    . ASN A 1 98  ? -15.781 -3.161  0.668   1.00 39.84 ? 99  ASN A CG    1 
ATOM   718 O OD1   . ASN A 1 98  ? -15.692 -4.277  0.174   1.00 40.85 ? 99  ASN A OD1   1 
ATOM   719 N ND2   . ASN A 1 98  ? -16.985 -2.576  0.868   1.00 42.66 ? 99  ASN A ND2   1 
ATOM   720 N N     . PHE A 1 99  ? -11.721 -1.380  0.537   1.00 30.29 ? 100 PHE A N     1 
ATOM   721 C CA    . PHE A 1 99  ? -10.772 -0.248  0.623   1.00 27.69 ? 100 PHE A CA    1 
ATOM   722 C C     . PHE A 1 99  ? -11.354 0.961   -0.119  1.00 26.34 ? 100 PHE A C     1 
ATOM   723 O O     . PHE A 1 99  ? -12.124 0.700   -1.008  1.00 26.79 ? 100 PHE A O     1 
ATOM   724 C CB    . PHE A 1 99  ? -9.450  -0.634  0.014   1.00 25.03 ? 100 PHE A CB    1 
ATOM   725 C CG    . PHE A 1 99  ? -8.584  -1.630  0.735   1.00 22.81 ? 100 PHE A CG    1 
ATOM   726 C CD1   . PHE A 1 99  ? -7.697  -1.183  1.740   1.00 20.43 ? 100 PHE A CD1   1 
ATOM   727 C CD2   . PHE A 1 99  ? -8.592  -2.955  0.309   1.00 20.58 ? 100 PHE A CD2   1 
ATOM   728 C CE1   . PHE A 1 99  ? -6.857  -2.141  2.317   1.00 20.06 ? 100 PHE A CE1   1 
ATOM   729 C CE2   . PHE A 1 99  ? -7.726  -3.891  0.875   1.00 21.20 ? 100 PHE A CE2   1 
ATOM   730 C CZ    . PHE A 1 99  ? -6.854  -3.459  1.881   1.00 20.24 ? 100 PHE A CZ    1 
ATOM   731 N N     . VAL A 1 100 ? -10.968 2.131   0.200   1.00 25.96 ? 101 VAL A N     1 
ATOM   732 C CA    . VAL A 1 100 ? -11.314 3.413   -0.451  1.00 24.81 ? 101 VAL A CA    1 
ATOM   733 C C     . VAL A 1 100 ? -9.966  4.039   -0.805  1.00 25.35 ? 101 VAL A C     1 
ATOM   734 O O     . VAL A 1 100 ? -8.909  3.571   -0.255  1.00 25.93 ? 101 VAL A O     1 
ATOM   735 C CB    . VAL A 1 100 ? -12.304 4.247   0.322   1.00 24.49 ? 101 VAL A CB    1 
ATOM   736 C CG1   . VAL A 1 100 ? -13.685 3.578   0.350   1.00 24.30 ? 101 VAL A CG1   1 
ATOM   737 C CG2   . VAL A 1 100 ? -11.890 4.552   1.736   1.00 24.21 ? 101 VAL A CG2   1 
ATOM   738 N N     . GLY A 1 101 ? -9.868  4.976   -1.719  1.00 24.65 ? 102 GLY A N     1 
ATOM   739 C CA    . GLY A 1 101 ? -8.593  5.522   -2.094  1.00 24.69 ? 102 GLY A CA    1 
ATOM   740 C C     . GLY A 1 101 ? -8.170  6.524   -1.034  1.00 25.88 ? 102 GLY A C     1 
ATOM   741 O O     . GLY A 1 101 ? -9.025  7.016   -0.300  1.00 24.87 ? 102 GLY A O     1 
ATOM   742 N N     . CYS A 1 102 ? -6.849  6.695   -0.953  1.00 26.70 ? 103 CYS A N     1 
ATOM   743 C CA    . CYS A 1 102 ? -6.312  7.778   -0.069  1.00 27.40 ? 103 CYS A CA    1 
ATOM   744 C C     . CYS A 1 102 ? -6.296  8.955   -1.088  1.00 27.22 ? 103 CYS A C     1 
ATOM   745 O O     . CYS A 1 102 ? -6.464  8.645   -2.299  1.00 27.28 ? 103 CYS A O     1 
ATOM   746 C CB    . CYS A 1 102 ? -4.951  7.540   0.506   1.00 28.29 ? 103 CYS A CB    1 
ATOM   747 S SG    . CYS A 1 102 ? -4.886  6.000   1.507   1.00 29.90 ? 103 CYS A SG    1 
ATOM   748 N N     . SER A 1 103 ? -6.111  10.148  -0.678  1.00 27.64 ? 104 SER A N     1 
ATOM   749 C CA    . SER A 1 103 ? -6.089  11.320  -1.548  1.00 28.25 ? 104 SER A CA    1 
ATOM   750 C C     . SER A 1 103 ? -5.203  11.088  -2.756  1.00 29.22 ? 104 SER A C     1 
ATOM   751 O O     . SER A 1 103 ? -3.973  10.811  -2.685  1.00 30.26 ? 104 SER A O     1 
ATOM   752 C CB    . SER A 1 103 ? -5.663  12.554  -0.787  1.00 29.16 ? 104 SER A CB    1 
ATOM   753 O OG    . SER A 1 103 ? -4.195  12.618  -0.809  1.00 32.48 ? 104 SER A OG    1 
ATOM   754 N N     . GLY A 1 104 ? -5.840  11.229  -3.925  1.00 28.96 ? 105 GLY A N     1 
ATOM   755 C CA    . GLY A 1 104 ? -5.100  11.077  -5.194  1.00 27.68 ? 105 GLY A CA    1 
ATOM   756 C C     . GLY A 1 104 ? -5.279  9.730   -5.819  1.00 26.88 ? 105 GLY A C     1 
ATOM   757 O O     . GLY A 1 104 ? -4.783  9.512   -6.958  1.00 27.62 ? 105 GLY A O     1 
ATOM   758 N N     . THR A 1 105 ? -5.920  8.854   -5.127  1.00 26.54 ? 106 THR A N     1 
ATOM   759 C CA    . THR A 1 105 ? -6.184  7.483   -5.624  1.00 27.50 ? 106 THR A CA    1 
ATOM   760 C C     . THR A 1 105 ? -7.691  7.376   -5.702  1.00 28.52 ? 106 THR A C     1 
ATOM   761 O O     . THR A 1 105 ? -8.466  7.717   -4.752  1.00 29.37 ? 106 THR A O     1 
ATOM   762 C CB    . THR A 1 105 ? -5.528  6.389   -4.702  1.00 25.86 ? 106 THR A CB    1 
ATOM   763 O OG1   . THR A 1 105 ? -4.111  6.625   -4.657  1.00 24.54 ? 106 THR A OG1   1 
ATOM   764 C CG2   . THR A 1 105 ? -5.885  4.968   -5.166  1.00 26.58 ? 106 THR A CG2   1 
ATOM   765 N N     . ASN A 1 106 ? -8.136  6.957   -6.879  1.00 29.54 ? 107 ASN A N     1 
ATOM   766 C CA    . ASN A 1 106 ? -9.577  6.853   -7.163  1.00 29.50 ? 107 ASN A CA    1 
ATOM   767 C C     . ASN A 1 106 ? -9.879  5.661   -8.068  1.00 29.96 ? 107 ASN A C     1 
ATOM   768 O O     . ASN A 1 106 ? -9.015  5.016   -8.669  1.00 30.61 ? 107 ASN A O     1 
ATOM   769 C CB    . ASN A 1 106 ? -10.115 8.125   -7.799  1.00 29.24 ? 107 ASN A CB    1 
ATOM   770 C CG    . ASN A 1 106 ? -9.873  9.438   -7.142  1.00 28.31 ? 107 ASN A CG    1 
ATOM   771 O OD1   . ASN A 1 106 ? -10.596 9.829   -6.194  1.00 30.33 ? 107 ASN A OD1   1 
ATOM   772 N ND2   . ASN A 1 106 ? -8.879  10.178  -7.633  1.00 27.60 ? 107 ASN A ND2   1 
ATOM   773 O OXT   . ASN A 1 106 ? -11.102 5.449   -8.095  1.00 31.33 ? 107 ASN A OXT   1 
HETATM 774 P P     . 2GP B 2 .   ? -5.538  -7.814  3.168   1.00 31.17 ? 108 2GP A P     1 
HETATM 775 O O1P   . 2GP B 2 .   ? -5.520  -6.332  2.741   1.00 33.08 ? 108 2GP A O1P   1 
HETATM 776 O O2P   . 2GP B 2 .   ? -6.506  -7.967  4.336   1.00 32.51 ? 108 2GP A O2P   1 
HETATM 777 O O3P   . 2GP B 2 .   ? -4.111  -8.193  3.420   1.00 32.40 ? 108 2GP A O3P   1 
HETATM 778 O "O5'" . 2GP B 2 .   ? -10.233 -8.117  2.288   1.00 34.35 ? 108 2GP A "O5'" 1 
HETATM 779 C "C5'" . 2GP B 2 .   ? -10.384 -9.365  1.624   1.00 33.34 ? 108 2GP A "C5'" 1 
HETATM 780 C "C4'" . 2GP B 2 .   ? -9.225  -10.321 1.746   1.00 32.96 ? 108 2GP A "C4'" 1 
HETATM 781 O "O4'" . 2GP B 2 .   ? -8.622  -10.541 0.379   1.00 32.09 ? 108 2GP A "O4'" 1 
HETATM 782 C "C3'" . 2GP B 2 .   ? -8.066  -9.949  2.706   1.00 32.03 ? 108 2GP A "C3'" 1 
HETATM 783 O "O3'" . 2GP B 2 .   ? -7.341  -11.087 3.142   1.00 31.17 ? 108 2GP A "O3'" 1 
HETATM 784 C "C2'" . 2GP B 2 .   ? -7.310  -9.062  1.726   1.00 31.91 ? 108 2GP A "C2'" 1 
HETATM 785 O "O2'" . 2GP B 2 .   ? -5.977  -8.763  2.019   1.00 31.42 ? 108 2GP A "O2'" 1 
HETATM 786 C "C1'" . 2GP B 2 .   ? -7.481  -9.731  0.375   1.00 32.16 ? 108 2GP A "C1'" 1 
HETATM 787 N N9    . 2GP B 2 .   ? -7.402  -8.974  -0.846  1.00 31.30 ? 108 2GP A N9    1 
HETATM 788 C C8    . 2GP B 2 .   ? -6.547  -9.093  -1.877  1.00 31.93 ? 108 2GP A C8    1 
HETATM 789 N N7    . 2GP B 2 .   ? -6.783  -8.228  -2.822  1.00 30.60 ? 108 2GP A N7    1 
HETATM 790 C C5    . 2GP B 2 .   ? -7.889  -7.495  -2.399  1.00 31.27 ? 108 2GP A C5    1 
HETATM 791 C C6    . 2GP B 2 .   ? -8.591  -6.390  -2.956  1.00 30.98 ? 108 2GP A C6    1 
HETATM 792 O O6    . 2GP B 2 .   ? -8.414  -5.805  -4.050  1.00 30.99 ? 108 2GP A O6    1 
HETATM 793 N N1    . 2GP B 2 .   ? -9.578  -5.911  -2.131  1.00 30.31 ? 108 2GP A N1    1 
HETATM 794 C C2    . 2GP B 2 .   ? -9.886  -6.452  -0.899  1.00 30.37 ? 108 2GP A C2    1 
HETATM 795 N N2    . 2GP B 2 .   ? -10.919 -5.884  -0.249  1.00 29.81 ? 108 2GP A N2    1 
HETATM 796 N N3    . 2GP B 2 .   ? -9.271  -7.494  -0.374  1.00 30.58 ? 108 2GP A N3    1 
HETATM 797 C C4    . 2GP B 2 .   ? -8.266  -7.948  -1.170  1.00 30.87 ? 108 2GP A C4    1 
HETATM 798 O O     . HOH C 3 .   ? 0.486   -5.742  15.785  1.00 40.85 ? 109 HOH A O     1 
HETATM 799 O O     . HOH C 3 .   ? 7.568   0.107   11.988  1.00 44.96 ? 110 HOH A O     1 
HETATM 800 O O     . HOH C 3 .   ? 4.287   -9.917  -12.758 1.00 42.93 ? 111 HOH A O     1 
HETATM 801 O O     . HOH C 3 .   ? -5.813  -4.300  10.600  1.00 47.41 ? 112 HOH A O     1 
HETATM 802 O O     . HOH C 3 .   ? -0.321  5.260   10.861  1.00 34.73 ? 113 HOH A O     1 
HETATM 803 O O     . HOH C 3 .   ? -4.037  2.914   10.712  1.00 39.78 ? 114 HOH A O     1 
HETATM 804 O O     . HOH C 3 .   ? -1.902  1.024   8.432   1.00 26.95 ? 115 HOH A O     1 
HETATM 805 O O     . HOH C 3 .   ? -1.383  12.588  10.543  1.00 37.84 ? 116 HOH A O     1 
HETATM 806 O O     . HOH C 3 .   ? 12.192  1.549   2.609   1.00 39.23 ? 117 HOH A O     1 
HETATM 807 O O     . HOH C 3 .   ? 4.032   12.605  8.155   1.00 38.14 ? 118 HOH A O     1 
HETATM 808 O O     . HOH C 3 .   ? -6.593  5.638   7.844   1.00 22.48 ? 119 HOH A O     1 
HETATM 809 O O     . HOH C 3 .   ? 0.833   -12.812 -3.146  1.00 32.89 ? 120 HOH A O     1 
HETATM 810 O O     . HOH C 3 .   ? -10.875 7.736   3.362   1.00 35.50 ? 121 HOH A O     1 
HETATM 811 O O     . HOH C 3 .   ? -10.229 10.492  -1.879  1.00 52.18 ? 122 HOH A O     1 
HETATM 812 O O     . HOH C 3 .   ? 8.336   1.814   -5.717  1.00 46.48 ? 123 HOH A O     1 
HETATM 813 O O     . HOH C 3 .   ? -15.137 -4.672  -2.266  1.00 52.08 ? 124 HOH A O     1 
HETATM 814 O O     . HOH C 3 .   ? -9.156  10.196  -3.996  1.00 39.27 ? 125 HOH A O     1 
HETATM 815 O O     . HOH C 3 .   ? 9.947   -7.096  -11.068 1.00 32.45 ? 126 HOH A O     1 
HETATM 816 O O     . HOH C 3 .   ? 5.038   -3.199  12.053  1.00 28.30 ? 127 HOH A O     1 
HETATM 817 O O     . HOH C 3 .   ? 6.195   6.101   8.422   1.00 27.87 ? 128 HOH A O     1 
HETATM 818 O O     . HOH C 3 .   ? -6.305  -3.937  7.821   1.00 43.66 ? 129 HOH A O     1 
HETATM 819 O O     . HOH C 3 .   ? -3.829  5.634   9.940   1.00 39.98 ? 130 HOH A O     1 
HETATM 820 O O     . HOH C 3 .   ? -8.876  3.314   10.685  1.00 41.27 ? 131 HOH A O     1 
HETATM 821 O O     . HOH C 3 .   ? 5.659   0.416   5.611   1.00 18.93 ? 132 HOH A O     1 
HETATM 822 O O     . HOH C 3 .   ? -7.042  7.838   9.830   1.00 45.04 ? 133 HOH A O     1 
HETATM 823 O O     . HOH C 3 .   ? 1.677   -3.854  -18.728 1.00 50.65 ? 134 HOH A O     1 
HETATM 824 O O     . HOH C 3 .   ? 5.684   15.286  1.210   1.00 36.74 ? 135 HOH A O     1 
HETATM 825 O O     . HOH C 3 .   ? 4.457   0.605   15.864  1.00 46.36 ? 136 HOH A O     1 
HETATM 826 O O     . HOH C 3 .   ? -11.554 8.104   -0.028  1.00 39.03 ? 137 HOH A O     1 
HETATM 827 O O     . HOH C 3 .   ? -3.339  -7.639  -9.139  1.00 32.17 ? 138 HOH A O     1 
HETATM 828 O O     . HOH C 3 .   ? -5.708  6.274   -8.952  1.00 35.18 ? 139 HOH A O     1 
HETATM 829 O O     . HOH C 3 .   ? -4.745  -11.134 4.190   1.00 30.78 ? 140 HOH A O     1 
HETATM 830 O O     . HOH C 3 .   ? 12.213  -16.002 0.374   1.00 59.13 ? 141 HOH A O     1 
HETATM 831 O O     . HOH C 3 .   ? 5.204   2.704   6.629   1.00 19.81 ? 142 HOH A O     1 
HETATM 832 O O     . HOH C 3 .   ? 8.496   14.122  1.921   1.00 42.44 ? 143 HOH A O     1 
HETATM 833 O O     . HOH C 3 .   ? -3.043  6.239   -7.521  1.00 20.37 ? 144 HOH A O     1 
HETATM 834 O O     . HOH C 3 .   ? -3.677  -3.805  -15.209 1.00 45.07 ? 145 HOH A O     1 
HETATM 835 O O     . HOH C 3 .   ? 6.188   -10.196 12.514  1.00 38.06 ? 146 HOH A O     1 
HETATM 836 O O     . HOH C 3 .   ? -12.938 1.755   -6.934  1.00 42.93 ? 147 HOH A O     1 
HETATM 837 O O     . HOH C 3 .   ? 10.049  -4.252  7.163   1.00 31.78 ? 148 HOH A O     1 
HETATM 838 O O     . HOH C 3 .   ? 9.796   -17.518 1.738   1.00 57.10 ? 149 HOH A O     1 
HETATM 839 O O     . HOH C 3 .   ? 2.492   -4.195  -16.087 1.00 33.43 ? 150 HOH A O     1 
HETATM 840 O O     . HOH C 3 .   ? 6.654   4.759   5.661   1.00 25.09 ? 151 HOH A O     1 
HETATM 841 O O     . HOH C 3 .   ? -6.498  -5.442  4.736   1.00 34.10 ? 152 HOH A O     1 
HETATM 842 O O     . HOH C 3 .   ? -8.910  8.709   2.322   1.00 34.71 ? 153 HOH A O     1 
HETATM 843 O O     . HOH C 3 .   ? -2.871  8.485   -3.513  1.00 35.61 ? 154 HOH A O     1 
# 
